data_5QOJ
# 
_entry.id   5QOJ 
# 
_audit_conform.dict_name       mmcif_pdbx.dic 
_audit_conform.dict_version    5.387 
_audit_conform.dict_location   http://mmcif.pdb.org/dictionaries/ascii/mmcif_pdbx.dic 
# 
loop_
_database_2.database_id 
_database_2.database_code 
_database_2.pdbx_database_accession 
_database_2.pdbx_DOI 
PDB   5QOJ         pdb_00005qoj 10.2210/pdb5qoj/pdb 
WWPDB D_1001402208 ?            ?                   
# 
loop_
_pdbx_audit_revision_history.ordinal 
_pdbx_audit_revision_history.data_content_type 
_pdbx_audit_revision_history.major_revision 
_pdbx_audit_revision_history.minor_revision 
_pdbx_audit_revision_history.revision_date 
1 'Structure model' 1 0 2019-05-08 
2 'Structure model' 1 1 2019-11-20 
3 'Structure model' 1 2 2024-03-06 
# 
_pdbx_audit_revision_details.ordinal             1 
_pdbx_audit_revision_details.revision_ordinal    1 
_pdbx_audit_revision_details.data_content_type   'Structure model' 
_pdbx_audit_revision_details.provider            repository 
_pdbx_audit_revision_details.type                'Initial release' 
_pdbx_audit_revision_details.description         ? 
_pdbx_audit_revision_details.details             ? 
# 
loop_
_pdbx_audit_revision_group.ordinal 
_pdbx_audit_revision_group.revision_ordinal 
_pdbx_audit_revision_group.data_content_type 
_pdbx_audit_revision_group.group 
1 2 'Structure model' 'Data collection'     
2 3 'Structure model' 'Data collection'     
3 3 'Structure model' 'Database references' 
# 
loop_
_pdbx_audit_revision_category.ordinal 
_pdbx_audit_revision_category.revision_ordinal 
_pdbx_audit_revision_category.data_content_type 
_pdbx_audit_revision_category.category 
1 2 'Structure model' diffrn_source  
2 3 'Structure model' chem_comp_atom 
3 3 'Structure model' chem_comp_bond 
4 3 'Structure model' database_2     
# 
loop_
_pdbx_audit_revision_item.ordinal 
_pdbx_audit_revision_item.revision_ordinal 
_pdbx_audit_revision_item.data_content_type 
_pdbx_audit_revision_item.item 
1 2 'Structure model' '_diffrn_source.pdbx_synchrotron_beamline' 
2 2 'Structure model' '_diffrn_source.type'                      
3 3 'Structure model' '_database_2.pdbx_DOI'                     
4 3 'Structure model' '_database_2.pdbx_database_accession'      
# 
_pdbx_database_status.entry_id                        5QOJ 
_pdbx_database_status.status_code                     REL 
_pdbx_database_status.status_code_sf                  REL 
_pdbx_database_status.status_code_mr                  ? 
_pdbx_database_status.status_code_cs                  ? 
_pdbx_database_status.recvd_initial_deposition_date   2019-02-22 
_pdbx_database_status.deposit_site                    RCSB 
_pdbx_database_status.process_site                    RCSB 
_pdbx_database_status.SG_entry                        ? 
_pdbx_database_status.pdb_format_compatible           Y 
_pdbx_database_status.methods_development_category    ? 
_pdbx_database_status.status_code_nmr_data            ? 
# 
loop_
_audit_author.name 
_audit_author.pdbx_ordinal 
_audit_author.identifier_ORCID 
'Nelson, E.R.'      1  ? 
'Velupillai, S.'    2  ? 
'Talon, R.'         3  ? 
'Collins, P.M.'     4  ? 
'Krojer, T.'        5  ? 
'Wang, D.'          6  ? 
'Brandao-Neto, J.'  7  ? 
'Douangamath, A.'   8  ? 
'Burgess-Brown, N.' 9  ? 
'Arrowsmith, C.H.'  10 ? 
'Bountra, C.'       11 ? 
'Huber, K.'         12 ? 
'von Delft, F.'     13 ? 
# 
_citation.id                        primary 
_citation.title                     'PanDDA analysis group deposition' 
_citation.journal_abbrev            'To Be Published' 
_citation.journal_volume            ? 
_citation.page_first                ? 
_citation.page_last                 ? 
_citation.year                      ? 
_citation.journal_id_ASTM           ? 
_citation.country                   ? 
_citation.journal_id_ISSN           ? 
_citation.journal_id_CSD            0353 
_citation.book_publisher            ? 
_citation.pdbx_database_id_PubMed   ? 
_citation.pdbx_database_id_DOI      ? 
# 
loop_
_citation_author.citation_id 
_citation_author.name 
_citation_author.identifier_ORCID 
_citation_author.ordinal 
primary 'Nelson, E.R.'      ? 1  
primary 'Velupillai, S.'    ? 2  
primary 'Talon, R.'         ? 3  
primary 'Collins, P.M.'     ? 4  
primary 'Krojer, T.'        ? 5  
primary 'Wang, D.'          ? 6  
primary 'Brandao-Neto, J.'  ? 7  
primary 'Douangamath, A.'   ? 8  
primary 'Burgess-Brown, N.' ? 9  
primary 'Arrowsmith, C.H.'  ? 10 
primary 'Bountra, C.'       ? 11 
primary 'Huber, K.'         ? 12 
primary 'von Delft, F.'     ? 13 
# 
loop_
_entity.id 
_entity.type 
_entity.src_method 
_entity.pdbx_description 
_entity.formula_weight 
_entity.pdbx_number_of_molecules 
_entity.pdbx_ec 
_entity.pdbx_mutation 
_entity.pdbx_fragment 
_entity.details 
1 polymer     man 'DCP2 (NUDT20)'                  19073.738 1  3.6.1.62 ? 'UNP residues 95-260' ? 
2 non-polymer syn 1,2-ETHANEDIOL                   62.068    2  ?        ? ?                     ? 
3 non-polymer syn 'DIMETHYL SULFOXIDE'             78.133    1  ?        ? ?                     ? 
4 non-polymer syn 'ACETATE ION'                    59.044    1  ?        ? ?                     ? 
5 non-polymer syn 'DI(HYDROXYETHYL)ETHER'          106.120   1  ?        ? ?                     ? 
6 non-polymer syn '2-(thiophen-2-yl)-1H-imidazole' 150.201   1  ?        ? ?                     ? 
7 water       nat water                            18.015    78 ?        ? ?                     ? 
# 
_entity_name_com.entity_id   1 
_entity_name_com.name        
'Nucleoside diphosphate-linked moiety X motif 20, Nudix motif 20, mRNA-decapping enzyme 2, hDpc, m7GpppN-mRNA hydrolase' 
# 
_entity_poly.entity_id                      1 
_entity_poly.type                           'polypeptide(L)' 
_entity_poly.nstd_linkage                   no 
_entity_poly.nstd_monomer                   no 
_entity_poly.pdbx_seq_one_letter_code       
;SMGVPTYGAIILDETLENVLLVQGYLAKSGWGFPKGKVNKEEAPHDCAAREVFEETGFDIKDYICKDDYIELRINDQLAR
LYIIPGIPKDTKFNPKTRREIRNIEWFSIEKLPCHRNDMTPKSKLGLAPNKFFMAIPFIRPLRDWLSRRFGDSSDSDNGF
SSTGSTP
;
_entity_poly.pdbx_seq_one_letter_code_can   
;SMGVPTYGAIILDETLENVLLVQGYLAKSGWGFPKGKVNKEEAPHDCAAREVFEETGFDIKDYICKDDYIELRINDQLAR
LYIIPGIPKDTKFNPKTRREIRNIEWFSIEKLPCHRNDMTPKSKLGLAPNKFFMAIPFIRPLRDWLSRRFGDSSDSDNGF
SSTGSTP
;
_entity_poly.pdbx_strand_id                 A 
_entity_poly.pdbx_target_identifier         ? 
# 
loop_
_pdbx_entity_nonpoly.entity_id 
_pdbx_entity_nonpoly.name 
_pdbx_entity_nonpoly.comp_id 
2 1,2-ETHANEDIOL                   EDO 
3 'DIMETHYL SULFOXIDE'             DMS 
4 'ACETATE ION'                    ACT 
5 'DI(HYDROXYETHYL)ETHER'          PEG 
6 '2-(thiophen-2-yl)-1H-imidazole' JG4 
7 water                            HOH 
# 
loop_
_entity_poly_seq.entity_id 
_entity_poly_seq.num 
_entity_poly_seq.mon_id 
_entity_poly_seq.hetero 
1 1   SER n 
1 2   MET n 
1 3   GLY n 
1 4   VAL n 
1 5   PRO n 
1 6   THR n 
1 7   TYR n 
1 8   GLY n 
1 9   ALA n 
1 10  ILE n 
1 11  ILE n 
1 12  LEU n 
1 13  ASP n 
1 14  GLU n 
1 15  THR n 
1 16  LEU n 
1 17  GLU n 
1 18  ASN n 
1 19  VAL n 
1 20  LEU n 
1 21  LEU n 
1 22  VAL n 
1 23  GLN n 
1 24  GLY n 
1 25  TYR n 
1 26  LEU n 
1 27  ALA n 
1 28  LYS n 
1 29  SER n 
1 30  GLY n 
1 31  TRP n 
1 32  GLY n 
1 33  PHE n 
1 34  PRO n 
1 35  LYS n 
1 36  GLY n 
1 37  LYS n 
1 38  VAL n 
1 39  ASN n 
1 40  LYS n 
1 41  GLU n 
1 42  GLU n 
1 43  ALA n 
1 44  PRO n 
1 45  HIS n 
1 46  ASP n 
1 47  CYS n 
1 48  ALA n 
1 49  ALA n 
1 50  ARG n 
1 51  GLU n 
1 52  VAL n 
1 53  PHE n 
1 54  GLU n 
1 55  GLU n 
1 56  THR n 
1 57  GLY n 
1 58  PHE n 
1 59  ASP n 
1 60  ILE n 
1 61  LYS n 
1 62  ASP n 
1 63  TYR n 
1 64  ILE n 
1 65  CYS n 
1 66  LYS n 
1 67  ASP n 
1 68  ASP n 
1 69  TYR n 
1 70  ILE n 
1 71  GLU n 
1 72  LEU n 
1 73  ARG n 
1 74  ILE n 
1 75  ASN n 
1 76  ASP n 
1 77  GLN n 
1 78  LEU n 
1 79  ALA n 
1 80  ARG n 
1 81  LEU n 
1 82  TYR n 
1 83  ILE n 
1 84  ILE n 
1 85  PRO n 
1 86  GLY n 
1 87  ILE n 
1 88  PRO n 
1 89  LYS n 
1 90  ASP n 
1 91  THR n 
1 92  LYS n 
1 93  PHE n 
1 94  ASN n 
1 95  PRO n 
1 96  LYS n 
1 97  THR n 
1 98  ARG n 
1 99  ARG n 
1 100 GLU n 
1 101 ILE n 
1 102 ARG n 
1 103 ASN n 
1 104 ILE n 
1 105 GLU n 
1 106 TRP n 
1 107 PHE n 
1 108 SER n 
1 109 ILE n 
1 110 GLU n 
1 111 LYS n 
1 112 LEU n 
1 113 PRO n 
1 114 CYS n 
1 115 HIS n 
1 116 ARG n 
1 117 ASN n 
1 118 ASP n 
1 119 MET n 
1 120 THR n 
1 121 PRO n 
1 122 LYS n 
1 123 SER n 
1 124 LYS n 
1 125 LEU n 
1 126 GLY n 
1 127 LEU n 
1 128 ALA n 
1 129 PRO n 
1 130 ASN n 
1 131 LYS n 
1 132 PHE n 
1 133 PHE n 
1 134 MET n 
1 135 ALA n 
1 136 ILE n 
1 137 PRO n 
1 138 PHE n 
1 139 ILE n 
1 140 ARG n 
1 141 PRO n 
1 142 LEU n 
1 143 ARG n 
1 144 ASP n 
1 145 TRP n 
1 146 LEU n 
1 147 SER n 
1 148 ARG n 
1 149 ARG n 
1 150 PHE n 
1 151 GLY n 
1 152 ASP n 
1 153 SER n 
1 154 SER n 
1 155 ASP n 
1 156 SER n 
1 157 ASP n 
1 158 ASN n 
1 159 GLY n 
1 160 PHE n 
1 161 SER n 
1 162 SER n 
1 163 THR n 
1 164 GLY n 
1 165 SER n 
1 166 THR n 
1 167 PRO n 
# 
_entity_src_gen.entity_id                          1 
_entity_src_gen.pdbx_src_id                        1 
_entity_src_gen.pdbx_alt_source_flag               sample 
_entity_src_gen.pdbx_seq_type                      'Biological sequence' 
_entity_src_gen.pdbx_beg_seq_num                   1 
_entity_src_gen.pdbx_end_seq_num                   167 
_entity_src_gen.gene_src_common_name               Human 
_entity_src_gen.gene_src_genus                     ? 
_entity_src_gen.pdbx_gene_src_gene                 'DCP2, NUDT20' 
_entity_src_gen.gene_src_species                   ? 
_entity_src_gen.gene_src_strain                    ? 
_entity_src_gen.gene_src_tissue                    ? 
_entity_src_gen.gene_src_tissue_fraction           ? 
_entity_src_gen.gene_src_details                   ? 
_entity_src_gen.pdbx_gene_src_fragment             ? 
_entity_src_gen.pdbx_gene_src_scientific_name      'Homo sapiens' 
_entity_src_gen.pdbx_gene_src_ncbi_taxonomy_id     9606 
_entity_src_gen.pdbx_gene_src_variant              ? 
_entity_src_gen.pdbx_gene_src_cell_line            ? 
_entity_src_gen.pdbx_gene_src_atcc                 ? 
_entity_src_gen.pdbx_gene_src_organ                ? 
_entity_src_gen.pdbx_gene_src_organelle            ? 
_entity_src_gen.pdbx_gene_src_cell                 ? 
_entity_src_gen.pdbx_gene_src_cellular_location    ? 
_entity_src_gen.host_org_common_name               ? 
_entity_src_gen.pdbx_host_org_scientific_name      'Escherichia coli' 
_entity_src_gen.pdbx_host_org_ncbi_taxonomy_id     562 
_entity_src_gen.host_org_genus                     ? 
_entity_src_gen.pdbx_host_org_gene                 ? 
_entity_src_gen.pdbx_host_org_organ                ? 
_entity_src_gen.host_org_species                   ? 
_entity_src_gen.pdbx_host_org_tissue               ? 
_entity_src_gen.pdbx_host_org_tissue_fraction      ? 
_entity_src_gen.pdbx_host_org_strain               ? 
_entity_src_gen.pdbx_host_org_variant              ? 
_entity_src_gen.pdbx_host_org_cell_line            ? 
_entity_src_gen.pdbx_host_org_atcc                 ? 
_entity_src_gen.pdbx_host_org_culture_collection   ? 
_entity_src_gen.pdbx_host_org_cell                 ? 
_entity_src_gen.pdbx_host_org_organelle            ? 
_entity_src_gen.pdbx_host_org_cellular_location    ? 
_entity_src_gen.pdbx_host_org_vector_type          ? 
_entity_src_gen.pdbx_host_org_vector               ? 
_entity_src_gen.host_org_details                   ? 
_entity_src_gen.expression_system_id               ? 
_entity_src_gen.plasmid_name                       ? 
_entity_src_gen.plasmid_details                    ? 
_entity_src_gen.pdbx_description                   ? 
# 
loop_
_chem_comp.id 
_chem_comp.type 
_chem_comp.mon_nstd_flag 
_chem_comp.name 
_chem_comp.pdbx_synonyms 
_chem_comp.formula 
_chem_comp.formula_weight 
ACT non-polymer         . 'ACETATE ION'                    ?                 'C2 H3 O2 -1'    59.044  
ALA 'L-peptide linking' y ALANINE                          ?                 'C3 H7 N O2'     89.093  
ARG 'L-peptide linking' y ARGININE                         ?                 'C6 H15 N4 O2 1' 175.209 
ASN 'L-peptide linking' y ASPARAGINE                       ?                 'C4 H8 N2 O3'    132.118 
ASP 'L-peptide linking' y 'ASPARTIC ACID'                  ?                 'C4 H7 N O4'     133.103 
CYS 'L-peptide linking' y CYSTEINE                         ?                 'C3 H7 N O2 S'   121.158 
DMS non-polymer         . 'DIMETHYL SULFOXIDE'             ?                 'C2 H6 O S'      78.133  
EDO non-polymer         . 1,2-ETHANEDIOL                   'ETHYLENE GLYCOL' 'C2 H6 O2'       62.068  
GLN 'L-peptide linking' y GLUTAMINE                        ?                 'C5 H10 N2 O3'   146.144 
GLU 'L-peptide linking' y 'GLUTAMIC ACID'                  ?                 'C5 H9 N O4'     147.129 
GLY 'peptide linking'   y GLYCINE                          ?                 'C2 H5 N O2'     75.067  
HIS 'L-peptide linking' y HISTIDINE                        ?                 'C6 H10 N3 O2 1' 156.162 
HOH non-polymer         . WATER                            ?                 'H2 O'           18.015  
ILE 'L-peptide linking' y ISOLEUCINE                       ?                 'C6 H13 N O2'    131.173 
JG4 non-polymer         . '2-(thiophen-2-yl)-1H-imidazole' ?                 'C7 H6 N2 S'     150.201 
LEU 'L-peptide linking' y LEUCINE                          ?                 'C6 H13 N O2'    131.173 
LYS 'L-peptide linking' y LYSINE                           ?                 'C6 H15 N2 O2 1' 147.195 
MET 'L-peptide linking' y METHIONINE                       ?                 'C5 H11 N O2 S'  149.211 
PEG non-polymer         . 'DI(HYDROXYETHYL)ETHER'          ?                 'C4 H10 O3'      106.120 
PHE 'L-peptide linking' y PHENYLALANINE                    ?                 'C9 H11 N O2'    165.189 
PRO 'L-peptide linking' y PROLINE                          ?                 'C5 H9 N O2'     115.130 
SER 'L-peptide linking' y SERINE                           ?                 'C3 H7 N O3'     105.093 
THR 'L-peptide linking' y THREONINE                        ?                 'C4 H9 N O3'     119.119 
TRP 'L-peptide linking' y TRYPTOPHAN                       ?                 'C11 H12 N2 O2'  204.225 
TYR 'L-peptide linking' y TYROSINE                         ?                 'C9 H11 N O3'    181.189 
VAL 'L-peptide linking' y VALINE                           ?                 'C5 H11 N O2'    117.146 
# 
loop_
_pdbx_poly_seq_scheme.asym_id 
_pdbx_poly_seq_scheme.entity_id 
_pdbx_poly_seq_scheme.seq_id 
_pdbx_poly_seq_scheme.mon_id 
_pdbx_poly_seq_scheme.ndb_seq_num 
_pdbx_poly_seq_scheme.pdb_seq_num 
_pdbx_poly_seq_scheme.auth_seq_num 
_pdbx_poly_seq_scheme.pdb_mon_id 
_pdbx_poly_seq_scheme.auth_mon_id 
_pdbx_poly_seq_scheme.pdb_strand_id 
_pdbx_poly_seq_scheme.pdb_ins_code 
_pdbx_poly_seq_scheme.hetero 
A 1 1   SER 1   94  ?   ?   ?   A . n 
A 1 2   MET 2   95  ?   ?   ?   A . n 
A 1 3   GLY 3   96  96  GLY GLY A . n 
A 1 4   VAL 4   97  97  VAL VAL A . n 
A 1 5   PRO 5   98  98  PRO PRO A . n 
A 1 6   THR 6   99  99  THR THR A . n 
A 1 7   TYR 7   100 100 TYR TYR A . n 
A 1 8   GLY 8   101 101 GLY GLY A . n 
A 1 9   ALA 9   102 102 ALA ALA A . n 
A 1 10  ILE 10  103 103 ILE ILE A . n 
A 1 11  ILE 11  104 104 ILE ILE A . n 
A 1 12  LEU 12  105 105 LEU LEU A . n 
A 1 13  ASP 13  106 106 ASP ASP A . n 
A 1 14  GLU 14  107 107 GLU GLU A . n 
A 1 15  THR 15  108 108 THR THR A . n 
A 1 16  LEU 16  109 109 LEU LEU A . n 
A 1 17  GLU 17  110 110 GLU GLU A . n 
A 1 18  ASN 18  111 111 ASN ASN A . n 
A 1 19  VAL 19  112 112 VAL VAL A . n 
A 1 20  LEU 20  113 113 LEU LEU A . n 
A 1 21  LEU 21  114 114 LEU LEU A . n 
A 1 22  VAL 22  115 115 VAL VAL A . n 
A 1 23  GLN 23  116 116 GLN GLN A . n 
A 1 24  GLY 24  117 117 GLY GLY A . n 
A 1 25  TYR 25  118 118 TYR TYR A . n 
A 1 26  LEU 26  119 119 LEU LEU A . n 
A 1 27  ALA 27  120 120 ALA ALA A . n 
A 1 28  LYS 28  121 121 LYS LYS A . n 
A 1 29  SER 29  122 122 SER SER A . n 
A 1 30  GLY 30  123 123 GLY GLY A . n 
A 1 31  TRP 31  124 124 TRP TRP A . n 
A 1 32  GLY 32  125 125 GLY GLY A . n 
A 1 33  PHE 33  126 126 PHE PHE A . n 
A 1 34  PRO 34  127 127 PRO PRO A . n 
A 1 35  LYS 35  128 128 LYS LYS A . n 
A 1 36  GLY 36  129 129 GLY GLY A . n 
A 1 37  LYS 37  130 130 LYS LYS A . n 
A 1 38  VAL 38  131 131 VAL VAL A . n 
A 1 39  ASN 39  132 132 ASN ASN A . n 
A 1 40  LYS 40  133 133 LYS LYS A . n 
A 1 41  GLU 41  134 134 GLU GLU A . n 
A 1 42  GLU 42  135 135 GLU GLU A . n 
A 1 43  ALA 43  136 136 ALA ALA A . n 
A 1 44  PRO 44  137 137 PRO PRO A . n 
A 1 45  HIS 45  138 138 HIS HIS A . n 
A 1 46  ASP 46  139 139 ASP ASP A . n 
A 1 47  CYS 47  140 140 CYS CYS A . n 
A 1 48  ALA 48  141 141 ALA ALA A . n 
A 1 49  ALA 49  142 142 ALA ALA A . n 
A 1 50  ARG 50  143 143 ARG ARG A . n 
A 1 51  GLU 51  144 144 GLU GLU A . n 
A 1 52  VAL 52  145 145 VAL VAL A . n 
A 1 53  PHE 53  146 146 PHE PHE A . n 
A 1 54  GLU 54  147 147 GLU GLU A . n 
A 1 55  GLU 55  148 148 GLU GLU A . n 
A 1 56  THR 56  149 149 THR THR A . n 
A 1 57  GLY 57  150 150 GLY GLY A . n 
A 1 58  PHE 58  151 151 PHE PHE A . n 
A 1 59  ASP 59  152 152 ASP ASP A . n 
A 1 60  ILE 60  153 153 ILE ILE A . n 
A 1 61  LYS 61  154 154 LYS LYS A . n 
A 1 62  ASP 62  155 155 ASP ASP A . n 
A 1 63  TYR 63  156 156 TYR TYR A . n 
A 1 64  ILE 64  157 157 ILE ILE A . n 
A 1 65  CYS 65  158 158 CYS CYS A . n 
A 1 66  LYS 66  159 159 LYS LYS A . n 
A 1 67  ASP 67  160 160 ASP ASP A . n 
A 1 68  ASP 68  161 161 ASP ASP A . n 
A 1 69  TYR 69  162 162 TYR TYR A . n 
A 1 70  ILE 70  163 163 ILE ILE A . n 
A 1 71  GLU 71  164 164 GLU GLU A . n 
A 1 72  LEU 72  165 165 LEU LEU A . n 
A 1 73  ARG 73  166 166 ARG ARG A . n 
A 1 74  ILE 74  167 167 ILE ILE A . n 
A 1 75  ASN 75  168 168 ASN ASN A . n 
A 1 76  ASP 76  169 169 ASP ASP A . n 
A 1 77  GLN 77  170 170 GLN GLN A . n 
A 1 78  LEU 78  171 171 LEU LEU A . n 
A 1 79  ALA 79  172 172 ALA ALA A . n 
A 1 80  ARG 80  173 173 ARG ARG A . n 
A 1 81  LEU 81  174 174 LEU LEU A . n 
A 1 82  TYR 82  175 175 TYR TYR A . n 
A 1 83  ILE 83  176 176 ILE ILE A . n 
A 1 84  ILE 84  177 177 ILE ILE A . n 
A 1 85  PRO 85  178 178 PRO PRO A . n 
A 1 86  GLY 86  179 179 GLY GLY A . n 
A 1 87  ILE 87  180 180 ILE ILE A . n 
A 1 88  PRO 88  181 181 PRO PRO A . n 
A 1 89  LYS 89  182 182 LYS LYS A . n 
A 1 90  ASP 90  183 183 ASP ASP A . n 
A 1 91  THR 91  184 184 THR THR A . n 
A 1 92  LYS 92  185 185 LYS LYS A . n 
A 1 93  PHE 93  186 186 PHE PHE A . n 
A 1 94  ASN 94  187 187 ASN ASN A . n 
A 1 95  PRO 95  188 188 PRO PRO A . n 
A 1 96  LYS 96  189 189 LYS LYS A . n 
A 1 97  THR 97  190 190 THR THR A . n 
A 1 98  ARG 98  191 191 ARG ARG A . n 
A 1 99  ARG 99  192 192 ARG ARG A . n 
A 1 100 GLU 100 193 193 GLU GLU A . n 
A 1 101 ILE 101 194 194 ILE ILE A . n 
A 1 102 ARG 102 195 195 ARG ARG A . n 
A 1 103 ASN 103 196 196 ASN ASN A . n 
A 1 104 ILE 104 197 197 ILE ILE A . n 
A 1 105 GLU 105 198 198 GLU GLU A . n 
A 1 106 TRP 106 199 199 TRP TRP A . n 
A 1 107 PHE 107 200 200 PHE PHE A . n 
A 1 108 SER 108 201 201 SER SER A . n 
A 1 109 ILE 109 202 202 ILE ILE A . n 
A 1 110 GLU 110 203 203 GLU GLU A . n 
A 1 111 LYS 111 204 204 LYS LYS A . n 
A 1 112 LEU 112 205 205 LEU LEU A . n 
A 1 113 PRO 113 206 206 PRO PRO A . n 
A 1 114 CYS 114 207 207 CYS CYS A . n 
A 1 115 HIS 115 208 208 HIS HIS A . n 
A 1 116 ARG 116 209 209 ARG ARG A . n 
A 1 117 ASN 117 210 210 ASN ASN A . n 
A 1 118 ASP 118 211 211 ASP ASP A . n 
A 1 119 MET 119 212 212 MET MET A . n 
A 1 120 THR 120 213 213 THR THR A . n 
A 1 121 PRO 121 214 214 PRO PRO A . n 
A 1 122 LYS 122 215 215 LYS LYS A . n 
A 1 123 SER 123 216 216 SER SER A . n 
A 1 124 LYS 124 217 217 LYS LYS A . n 
A 1 125 LEU 125 218 218 LEU LEU A . n 
A 1 126 GLY 126 219 219 GLY GLY A . n 
A 1 127 LEU 127 220 220 LEU LEU A . n 
A 1 128 ALA 128 221 221 ALA ALA A . n 
A 1 129 PRO 129 222 222 PRO PRO A . n 
A 1 130 ASN 130 223 223 ASN ASN A . n 
A 1 131 LYS 131 224 224 LYS LYS A . n 
A 1 132 PHE 132 225 225 PHE PHE A . n 
A 1 133 PHE 133 226 226 PHE PHE A . n 
A 1 134 MET 134 227 227 MET MET A . n 
A 1 135 ALA 135 228 228 ALA ALA A . n 
A 1 136 ILE 136 229 229 ILE ILE A . n 
A 1 137 PRO 137 230 230 PRO PRO A . n 
A 1 138 PHE 138 231 231 PHE PHE A . n 
A 1 139 ILE 139 232 232 ILE ILE A . n 
A 1 140 ARG 140 233 233 ARG ARG A . n 
A 1 141 PRO 141 234 234 PRO PRO A . n 
A 1 142 LEU 142 235 235 LEU LEU A . n 
A 1 143 ARG 143 236 236 ARG ARG A . n 
A 1 144 ASP 144 237 237 ASP ASP A . n 
A 1 145 TRP 145 238 238 TRP TRP A . n 
A 1 146 LEU 146 239 239 LEU LEU A . n 
A 1 147 SER 147 240 240 SER SER A . n 
A 1 148 ARG 148 241 241 ARG ARG A . n 
A 1 149 ARG 149 242 242 ARG ARG A . n 
A 1 150 PHE 150 243 243 PHE PHE A . n 
A 1 151 GLY 151 244 244 GLY GLY A . n 
A 1 152 ASP 152 245 ?   ?   ?   A . n 
A 1 153 SER 153 246 ?   ?   ?   A . n 
A 1 154 SER 154 247 ?   ?   ?   A . n 
A 1 155 ASP 155 248 ?   ?   ?   A . n 
A 1 156 SER 156 249 ?   ?   ?   A . n 
A 1 157 ASP 157 250 ?   ?   ?   A . n 
A 1 158 ASN 158 251 ?   ?   ?   A . n 
A 1 159 GLY 159 252 ?   ?   ?   A . n 
A 1 160 PHE 160 253 ?   ?   ?   A . n 
A 1 161 SER 161 254 ?   ?   ?   A . n 
A 1 162 SER 162 255 ?   ?   ?   A . n 
A 1 163 THR 163 256 ?   ?   ?   A . n 
A 1 164 GLY 164 257 ?   ?   ?   A . n 
A 1 165 SER 165 258 ?   ?   ?   A . n 
A 1 166 THR 166 259 ?   ?   ?   A . n 
A 1 167 PRO 167 260 ?   ?   ?   A . n 
# 
loop_
_pdbx_nonpoly_scheme.asym_id 
_pdbx_nonpoly_scheme.entity_id 
_pdbx_nonpoly_scheme.mon_id 
_pdbx_nonpoly_scheme.ndb_seq_num 
_pdbx_nonpoly_scheme.pdb_seq_num 
_pdbx_nonpoly_scheme.auth_seq_num 
_pdbx_nonpoly_scheme.pdb_mon_id 
_pdbx_nonpoly_scheme.auth_mon_id 
_pdbx_nonpoly_scheme.pdb_strand_id 
_pdbx_nonpoly_scheme.pdb_ins_code 
B 2 EDO 1  301 2   EDO EDO A . 
C 2 EDO 1  302 3   EDO EDO A . 
D 3 DMS 1  303 1   DMS DMS A . 
E 4 ACT 1  304 1   ACT ACT A . 
F 5 PEG 1  305 1   PEG PEG A . 
G 6 JG4 1  306 1   JG4 LIG A . 
H 7 HOH 1  401 83  HOH HOH A . 
H 7 HOH 2  402 55  HOH HOH A . 
H 7 HOH 3  403 100 HOH HOH A . 
H 7 HOH 4  404 66  HOH HOH A . 
H 7 HOH 5  405 39  HOH HOH A . 
H 7 HOH 6  406 70  HOH HOH A . 
H 7 HOH 7  407 12  HOH HOH A . 
H 7 HOH 8  408 10  HOH HOH A . 
H 7 HOH 9  409 85  HOH HOH A . 
H 7 HOH 10 410 15  HOH HOH A . 
H 7 HOH 11 411 38  HOH HOH A . 
H 7 HOH 12 412 17  HOH HOH A . 
H 7 HOH 13 413 23  HOH HOH A . 
H 7 HOH 14 414 68  HOH HOH A . 
H 7 HOH 15 415 78  HOH HOH A . 
H 7 HOH 16 416 67  HOH HOH A . 
H 7 HOH 17 417 60  HOH HOH A . 
H 7 HOH 18 418 5   HOH HOH A . 
H 7 HOH 19 419 31  HOH HOH A . 
H 7 HOH 20 420 102 HOH HOH A . 
H 7 HOH 21 421 13  HOH HOH A . 
H 7 HOH 22 422 65  HOH HOH A . 
H 7 HOH 23 423 1   HOH HOH A . 
H 7 HOH 24 424 35  HOH HOH A . 
H 7 HOH 25 425 14  HOH HOH A . 
H 7 HOH 26 426 7   HOH HOH A . 
H 7 HOH 27 427 29  HOH HOH A . 
H 7 HOH 28 428 43  HOH HOH A . 
H 7 HOH 29 429 4   HOH HOH A . 
H 7 HOH 30 430 32  HOH HOH A . 
H 7 HOH 31 431 24  HOH HOH A . 
H 7 HOH 32 432 71  HOH HOH A . 
H 7 HOH 33 433 2   HOH HOH A . 
H 7 HOH 34 434 21  HOH HOH A . 
H 7 HOH 35 435 90  HOH HOH A . 
H 7 HOH 36 436 92  HOH HOH A . 
H 7 HOH 37 437 18  HOH HOH A . 
H 7 HOH 38 438 95  HOH HOH A . 
H 7 HOH 39 439 8   HOH HOH A . 
H 7 HOH 40 440 103 HOH HOH A . 
H 7 HOH 41 441 3   HOH HOH A . 
H 7 HOH 42 442 27  HOH HOH A . 
H 7 HOH 43 443 96  HOH HOH A . 
H 7 HOH 44 444 30  HOH HOH A . 
H 7 HOH 45 445 94  HOH HOH A . 
H 7 HOH 46 446 46  HOH HOH A . 
H 7 HOH 47 447 86  HOH HOH A . 
H 7 HOH 48 448 19  HOH HOH A . 
H 7 HOH 49 449 50  HOH HOH A . 
H 7 HOH 50 450 47  HOH HOH A . 
H 7 HOH 51 451 6   HOH HOH A . 
H 7 HOH 52 452 25  HOH HOH A . 
H 7 HOH 53 453 9   HOH HOH A . 
H 7 HOH 54 454 42  HOH HOH A . 
H 7 HOH 55 455 62  HOH HOH A . 
H 7 HOH 56 456 16  HOH HOH A . 
H 7 HOH 57 457 11  HOH HOH A . 
H 7 HOH 58 458 52  HOH HOH A . 
H 7 HOH 59 459 81  HOH HOH A . 
H 7 HOH 60 460 57  HOH HOH A . 
H 7 HOH 61 461 22  HOH HOH A . 
H 7 HOH 62 462 28  HOH HOH A . 
H 7 HOH 63 463 84  HOH HOH A . 
H 7 HOH 64 464 97  HOH HOH A . 
H 7 HOH 65 465 40  HOH HOH A . 
H 7 HOH 66 466 75  HOH HOH A . 
H 7 HOH 67 467 69  HOH HOH A . 
H 7 HOH 68 468 72  HOH HOH A . 
H 7 HOH 69 469 36  HOH HOH A . 
H 7 HOH 70 470 101 HOH HOH A . 
H 7 HOH 71 471 26  HOH HOH A . 
H 7 HOH 72 472 110 HOH HOH A . 
H 7 HOH 73 473 98  HOH HOH A . 
H 7 HOH 74 474 20  HOH HOH A . 
H 7 HOH 75 475 56  HOH HOH A . 
H 7 HOH 76 476 51  HOH HOH A . 
H 7 HOH 77 477 41  HOH HOH A . 
H 7 HOH 78 478 93  HOH HOH A . 
# 
loop_
_pdbx_unobs_or_zero_occ_atoms.id 
_pdbx_unobs_or_zero_occ_atoms.PDB_model_num 
_pdbx_unobs_or_zero_occ_atoms.polymer_flag 
_pdbx_unobs_or_zero_occ_atoms.occupancy_flag 
_pdbx_unobs_or_zero_occ_atoms.auth_asym_id 
_pdbx_unobs_or_zero_occ_atoms.auth_comp_id 
_pdbx_unobs_or_zero_occ_atoms.auth_seq_id 
_pdbx_unobs_or_zero_occ_atoms.PDB_ins_code 
_pdbx_unobs_or_zero_occ_atoms.auth_atom_id 
_pdbx_unobs_or_zero_occ_atoms.label_alt_id 
_pdbx_unobs_or_zero_occ_atoms.label_asym_id 
_pdbx_unobs_or_zero_occ_atoms.label_comp_id 
_pdbx_unobs_or_zero_occ_atoms.label_seq_id 
_pdbx_unobs_or_zero_occ_atoms.label_atom_id 
1  1 Y 1 A LYS 130 ? CE  ? A LYS 37  CE  
2  1 Y 1 A LYS 130 ? NZ  ? A LYS 37  NZ  
3  1 Y 1 A LYS 133 ? CG  ? A LYS 40  CG  
4  1 Y 1 A LYS 133 ? CD  ? A LYS 40  CD  
5  1 Y 1 A LYS 133 ? CE  ? A LYS 40  CE  
6  1 Y 1 A LYS 133 ? NZ  ? A LYS 40  NZ  
7  1 Y 1 A GLU 134 ? CG  ? A GLU 41  CG  
8  1 Y 1 A GLU 134 ? CD  ? A GLU 41  CD  
9  1 Y 1 A GLU 134 ? OE1 ? A GLU 41  OE1 
10 1 Y 1 A GLU 134 ? OE2 ? A GLU 41  OE2 
11 1 Y 1 A LYS 159 ? CD  ? A LYS 66  CD  
12 1 Y 1 A LYS 159 ? CE  ? A LYS 66  CE  
13 1 Y 1 A LYS 159 ? NZ  ? A LYS 66  NZ  
14 1 Y 1 A LYS 185 ? CE  ? A LYS 92  CE  
15 1 Y 1 A LYS 185 ? NZ  ? A LYS 92  NZ  
16 1 Y 1 A LYS 189 ? CG  ? A LYS 96  CG  
17 1 Y 1 A LYS 189 ? CD  ? A LYS 96  CD  
18 1 Y 1 A LYS 189 ? CE  ? A LYS 96  CE  
19 1 Y 1 A LYS 189 ? NZ  ? A LYS 96  NZ  
20 1 Y 1 A LYS 215 ? CD  ? A LYS 122 CD  
21 1 Y 1 A LYS 215 ? CE  ? A LYS 122 CE  
22 1 Y 1 A LYS 215 ? NZ  ? A LYS 122 NZ  
23 1 Y 1 A LYS 217 ? CE  ? A LYS 124 CE  
24 1 Y 1 A LYS 217 ? NZ  ? A LYS 124 NZ  
25 1 Y 1 A ARG 241 ? CD  ? A ARG 148 CD  
26 1 Y 1 A ARG 241 ? NE  ? A ARG 148 NE  
27 1 Y 1 A ARG 241 ? CZ  ? A ARG 148 CZ  
28 1 Y 1 A ARG 241 ? NH1 ? A ARG 148 NH1 
29 1 Y 1 A ARG 241 ? NH2 ? A ARG 148 NH2 
# 
loop_
_software.pdbx_ordinal 
_software.name 
_software.version 
_software.date 
_software.type 
_software.contact_author 
_software.contact_author_email 
_software.classification 
_software.location 
_software.language 
_software.citation_id 
1 REFMAC      5.8.0189 ?               program 'Garib N. Murshudov' garib@ysbl.york.ac.uk    refinement        
http://www.ccp4.ac.uk/dist/html/refmac5.html        Fortran_77 ? 
2 Aimless     0.5.29   17/10/16        program 'Phil Evans'         ?                        'data scaling'    
http://www.mrc-lmb.cam.ac.uk/harry/pre/aimless.html ?          ? 
3 PDB_EXTRACT 3.23     'SEP. 23, 2016' package PDB                  deposit@deposit.rcsb.org 'data extraction' 
http://sw-tools.pdb.org/apps/PDB_EXTRACT/           C++        ? 
4 XDS         .        ?               program ?                    ?                        'data reduction'  ? ?          ? 
5 REFMAC      .        ?               program ?                    ?                        phasing           ? ?          ? 
# 
_cell.entry_id           5QOJ 
_cell.length_a           48.660 
_cell.length_b           61.140 
_cell.length_c           66.640 
_cell.angle_alpha        90.000 
_cell.angle_beta         90.000 
_cell.angle_gamma        90.000 
_cell.Z_PDB              4 
_cell.pdbx_unique_axis   ? 
# 
_symmetry.entry_id                         5QOJ 
_symmetry.Int_Tables_number                19 
_symmetry.space_group_name_H-M             'P 21 21 21' 
_symmetry.pdbx_full_space_group_name_H-M   ? 
_symmetry.cell_setting                     ? 
# 
_exptl.crystals_number   1 
_exptl.entry_id          5QOJ 
_exptl.method            'X-RAY DIFFRACTION' 
# 
_exptl_crystal.id                    1 
_exptl_crystal.pdbx_mosaicity        0.000 
_exptl_crystal.pdbx_mosaicity_esd    ? 
_exptl_crystal.density_Matthews      2.60 
_exptl_crystal.density_diffrn        ? 
_exptl_crystal.density_meas          ? 
_exptl_crystal.density_meas_temp     ? 
_exptl_crystal.density_percent_sol   52.67 
_exptl_crystal.size_max              ? 
_exptl_crystal.size_mid              ? 
_exptl_crystal.size_min              ? 
_exptl_crystal.size_rad              ? 
_exptl_crystal.description           ? 
# 
_exptl_crystal_grow.crystal_id      1 
_exptl_crystal_grow.method          'VAPOR DIFFUSION, SITTING DROP' 
_exptl_crystal_grow.pH              4.5 
_exptl_crystal_grow.temp            277 
_exptl_crystal_grow.pdbx_details    '0.1 M acetate, pH 4.5, 5-25% PEG3350' 
_exptl_crystal_grow.temp_details    ? 
_exptl_crystal_grow.pdbx_pH_range   ? 
# 
_diffrn.id                     1 
_diffrn.ambient_temp           ? 
_diffrn.crystal_id             1 
_diffrn.ambient_temp_details   ? 
# 
_diffrn_detector.detector               PIXEL 
_diffrn_detector.type                   'DECTRIS PILATUS 2M' 
_diffrn_detector.pdbx_collection_date   2016-12-05 
_diffrn_detector.diffrn_id              1 
_diffrn_detector.details                ? 
# 
_diffrn_radiation.diffrn_id                        1 
_diffrn_radiation.wavelength_id                    1 
_diffrn_radiation.pdbx_diffrn_protocol             'SINGLE WAVELENGTH' 
_diffrn_radiation.pdbx_monochromatic_or_laue_m_l   ? 
_diffrn_radiation.monochromator                    ? 
_diffrn_radiation.pdbx_scattering_type             x-ray 
# 
_diffrn_radiation_wavelength.id           1 
_diffrn_radiation_wavelength.wavelength   0.92819 
_diffrn_radiation_wavelength.wt           1.0 
# 
_diffrn_source.diffrn_id                   1 
_diffrn_source.source                      SYNCHROTRON 
_diffrn_source.type                        'DIAMOND BEAMLINE I04-1' 
_diffrn_source.pdbx_wavelength_list        0.92819 
_diffrn_source.pdbx_synchrotron_site       Diamond 
_diffrn_source.pdbx_synchrotron_beamline   I04-1 
_diffrn_source.pdbx_wavelength             ? 
# 
_reflns.entry_id                     5QOJ 
_reflns.pdbx_diffrn_id               1 
_reflns.pdbx_ordinal                 1 
_reflns.observed_criterion_sigma_I   ? 
_reflns.observed_criterion_sigma_F   ? 
_reflns.d_resolution_low             39.300 
_reflns.d_resolution_high            2.050 
_reflns.number_obs                   13024 
_reflns.number_all                   ? 
_reflns.percent_possible_obs         99.900 
_reflns.pdbx_Rmerge_I_obs            0.116 
_reflns.pdbx_Rsym_value              ? 
_reflns.pdbx_netI_over_sigmaI        11.000 
_reflns.B_iso_Wilson_estimate        ? 
_reflns.pdbx_redundancy              6.400 
_reflns.pdbx_Rrim_I_all              0.126 
_reflns.pdbx_Rpim_I_all              0.049 
_reflns.pdbx_CC_half                 0.998 
_reflns.pdbx_netI_over_av_sigmaI     ? 
_reflns.pdbx_number_measured_all     83828 
_reflns.pdbx_scaling_rejects         0 
_reflns.pdbx_chi_squared             ? 
_reflns.Rmerge_F_all                 ? 
_reflns.Rmerge_F_obs                 ? 
_reflns.observed_criterion_F_max     ? 
_reflns.observed_criterion_F_min     ? 
_reflns.observed_criterion_I_max     ? 
_reflns.observed_criterion_I_min     ? 
_reflns.pdbx_d_res_high_opt          ? 
_reflns.pdbx_d_res_low_opt           ? 
_reflns.details                      ? 
# 
loop_
_reflns_shell.pdbx_diffrn_id 
_reflns_shell.pdbx_ordinal 
_reflns_shell.d_res_high 
_reflns_shell.d_res_low 
_reflns_shell.number_measured_obs 
_reflns_shell.number_measured_all 
_reflns_shell.number_unique_obs 
_reflns_shell.pdbx_rejects 
_reflns_shell.Rmerge_I_obs 
_reflns_shell.meanI_over_sigI_obs 
_reflns_shell.pdbx_Rsym_value 
_reflns_shell.pdbx_chi_squared 
_reflns_shell.pdbx_redundancy 
_reflns_shell.percent_possible_obs 
_reflns_shell.pdbx_netI_over_sigmaI_obs 
_reflns_shell.number_possible 
_reflns_shell.number_unique_all 
_reflns_shell.Rmerge_F_all 
_reflns_shell.Rmerge_F_obs 
_reflns_shell.Rmerge_I_all 
_reflns_shell.meanI_over_sigI_all 
_reflns_shell.percent_possible_all 
_reflns_shell.pdbx_Rrim_I_all 
_reflns_shell.pdbx_Rpim_I_all 
_reflns_shell.pdbx_CC_half 
1 1 2.050 2.100  ? 6297 ? ? 0.978 ? ? ? 6.600 ? 1.900  ? 949 ? ? ? ? 100.000 1.062 0.409 0.756 
1 2 9.170 39.300 ? 1002 ? ? 0.034 ? ? ? 5.400 ? 37.100 ? 184 ? ? ? ? 99.400  0.038 0.016 0.999 
# 
_refine.entry_id                                 5QOJ 
_refine.pdbx_refine_id                           'X-RAY DIFFRACTION' 
_refine.ls_d_res_high                            2.0500 
_refine.ls_d_res_low                             45.0900 
_refine.pdbx_ls_sigma_F                          0.000 
_refine.pdbx_data_cutoff_high_absF               ? 
_refine.pdbx_data_cutoff_low_absF                ? 
_refine.ls_percent_reflns_obs                    99.9200 
_refine.ls_number_reflns_obs                     12376 
_refine.ls_number_reflns_all                     ? 
_refine.pdbx_ls_cross_valid_method               THROUGHOUT 
_refine.ls_matrix_type                           ? 
_refine.pdbx_R_Free_selection_details            RANDOM 
_refine.details                                  
'HYDROGENS HAVE BEEN ADDED IN THE RIDING POSITIONS U VALUES : REFINED INDIVIDUALLY' 
_refine.ls_R_factor_all                          ? 
_refine.ls_R_factor_obs                          0.1907 
_refine.ls_R_factor_R_work                       0.1881 
_refine.ls_wR_factor_R_work                      ? 
_refine.ls_R_factor_R_free                       0.2482 
_refine.ls_wR_factor_R_free                      ? 
_refine.ls_percent_reflns_R_free                 4.7000 
_refine.ls_number_reflns_R_free                  607 
_refine.ls_number_reflns_R_work                  ? 
_refine.ls_R_factor_R_free_error                 ? 
_refine.B_iso_mean                               39.8400 
_refine.solvent_model_param_bsol                 ? 
_refine.solvent_model_param_ksol                 ? 
_refine.pdbx_isotropic_thermal_model             ? 
_refine.aniso_B[1][1]                            2.7600 
_refine.aniso_B[2][2]                            -3.1400 
_refine.aniso_B[3][3]                            0.3900 
_refine.aniso_B[1][2]                            0.0000 
_refine.aniso_B[1][3]                            -0.0000 
_refine.aniso_B[2][3]                            0.0000 
_refine.correlation_coeff_Fo_to_Fc               0.9570 
_refine.correlation_coeff_Fo_to_Fc_free          0.9140 
_refine.overall_SU_R_Cruickshank_DPI             ? 
_refine.pdbx_overall_SU_R_free_Cruickshank_DPI   ? 
_refine.pdbx_overall_SU_R_Blow_DPI               ? 
_refine.pdbx_overall_SU_R_free_Blow_DPI          ? 
_refine.overall_SU_R_free                        ? 
_refine.pdbx_overall_ESU_R                       0.2070 
_refine.pdbx_overall_ESU_R_Free                  0.1880 
_refine.overall_SU_ML                            0.1530 
_refine.overall_SU_B                             5.9590 
_refine.solvent_model_details                    MASK 
_refine.pdbx_solvent_vdw_probe_radii             1.2000 
_refine.pdbx_solvent_ion_probe_radii             0.8000 
_refine.pdbx_solvent_shrinkage_radii             0.8000 
_refine.ls_number_parameters                     ? 
_refine.ls_number_restraints                     ? 
_refine.pdbx_starting_model                      'PDB entry 5MP0' 
_refine.pdbx_method_to_determine_struct          'FOURIER SYNTHESIS' 
_refine.pdbx_stereochemistry_target_values       'MAXIMUM LIKELIHOOD' 
_refine.pdbx_stereochem_target_val_spec_case     ? 
_refine.overall_FOM_work_R_set                   ? 
_refine.B_iso_max                                97.410 
_refine.B_iso_min                                18.920 
_refine.pdbx_overall_phase_error                 ? 
_refine.occupancy_max                            ? 
_refine.occupancy_min                            ? 
_refine.pdbx_diffrn_id                           1 
_refine.pdbx_TLS_residual_ADP_flag               ? 
_refine.pdbx_ls_sigma_I                          ? 
_refine.pdbx_data_cutoff_high_rms_absF           ? 
_refine.ls_R_factor_R_free_error_details         ? 
# 
_refine_hist.cycle_id                         final 
_refine_hist.pdbx_refine_id                   'X-RAY DIFFRACTION' 
_refine_hist.d_res_high                       2.0500 
_refine_hist.d_res_low                        45.0900 
_refine_hist.pdbx_number_atoms_ligand         33 
_refine_hist.number_atoms_solvent             78 
_refine_hist.number_atoms_total               1302 
_refine_hist.pdbx_number_residues_total       149 
_refine_hist.pdbx_B_iso_mean_ligand           61.62 
_refine_hist.pdbx_B_iso_mean_solvent          46.00 
_refine_hist.pdbx_number_atoms_protein        1191 
_refine_hist.pdbx_number_atoms_nucleic_acid   0 
# 
loop_
_refine_ls_restr.pdbx_refine_id 
_refine_ls_restr.type 
_refine_ls_restr.number 
_refine_ls_restr.dev_ideal 
_refine_ls_restr.dev_ideal_target 
_refine_ls_restr.weight 
_refine_ls_restr.pdbx_restraint_function 
'X-RAY DIFFRACTION' r_bond_refined_d       1797 0.016  0.020  ? ? 
'X-RAY DIFFRACTION' r_bond_other_d         1464 0.002  0.020  ? ? 
'X-RAY DIFFRACTION' r_angle_refined_deg    2128 1.777  1.981  ? ? 
'X-RAY DIFFRACTION' r_angle_other_deg      3373 1.069  3.000  ? ? 
'X-RAY DIFFRACTION' r_dihedral_angle_1_deg 196  6.458  5.000  ? ? 
'X-RAY DIFFRACTION' r_dihedral_angle_2_deg 76   31.817 21.316 ? ? 
'X-RAY DIFFRACTION' r_dihedral_angle_3_deg 269  16.178 15.000 ? ? 
'X-RAY DIFFRACTION' r_dihedral_angle_4_deg 22   23.116 15.000 ? ? 
'X-RAY DIFFRACTION' r_chiral_restr         211  0.108  0.200  ? ? 
'X-RAY DIFFRACTION' r_gen_planes_refined   1939 0.009  0.021  ? ? 
'X-RAY DIFFRACTION' r_gen_planes_other     387  0.002  0.020  ? ? 
'X-RAY DIFFRACTION' r_mcbond_it            840  2.937  3.860  ? ? 
'X-RAY DIFFRACTION' r_mcbond_other         840  2.937  3.860  ? ? 
'X-RAY DIFFRACTION' r_mcangle_it           946  4.615  5.595  ? ? 
# 
_refine_ls_shell.d_res_high                       2.0500 
_refine_ls_shell.d_res_low                        2.1030 
_refine_ls_shell.pdbx_total_number_of_bins_used   20 
_refine_ls_shell.percent_reflns_obs               99.8900 
_refine_ls_shell.number_reflns_R_work             889 
_refine_ls_shell.R_factor_all                     ? 
_refine_ls_shell.R_factor_R_work                  0.3160 
_refine_ls_shell.R_factor_R_free                  0.3210 
_refine_ls_shell.percent_reflns_R_free            ? 
_refine_ls_shell.number_reflns_R_free             57 
_refine_ls_shell.R_factor_R_free_error            ? 
_refine_ls_shell.number_reflns_all                946 
_refine_ls_shell.number_reflns_obs                ? 
_refine_ls_shell.pdbx_refine_id                   'X-RAY DIFFRACTION' 
# 
_struct.entry_id                  5QOJ 
_struct.title                     
'PanDDA analysis group deposition -- Crystal Structure of DCP2 (NUDT20) in complex with FMOCR000171b' 
_struct.pdbx_model_details        ? 
_struct.pdbx_CASP_flag            ? 
_struct.pdbx_model_type_details   ? 
# 
_struct_keywords.entry_id        5QOJ 
_struct_keywords.text            'SGC - Diamond I04-1 fragment screening, PanDDA, XChemExplorer, HYDROLASE' 
_struct_keywords.pdbx_keywords   HYDROLASE 
# 
loop_
_struct_asym.id 
_struct_asym.pdbx_blank_PDB_chainid_flag 
_struct_asym.pdbx_modified 
_struct_asym.entity_id 
_struct_asym.details 
A N N 1 ? 
B N N 2 ? 
C N N 2 ? 
D N N 3 ? 
E N N 4 ? 
F N N 5 ? 
G N N 6 ? 
H N N 7 ? 
# 
_struct_ref.id                         1 
_struct_ref.db_name                    UNP 
_struct_ref.db_code                    DCP2_HUMAN 
_struct_ref.pdbx_db_accession          Q8IU60 
_struct_ref.pdbx_db_isoform            ? 
_struct_ref.entity_id                  1 
_struct_ref.pdbx_seq_one_letter_code   
;MGVPTYGAIILDETLENVLLVQGYLAKSGWGFPKGKVNKEEAPHDCAAREVFEETGFDIKDYICKDDYIELRINDQLARL
YIIPGIPKDTKFNPKTRREIRNIEWFSIEKLPCHRNDMTPKSKLGLAPNKFFMAIPFIRPLRDWLSRRFGDSSDSDNGFS
STGSTP
;
_struct_ref.pdbx_align_begin           95 
# 
_struct_ref_seq.align_id                      1 
_struct_ref_seq.ref_id                        1 
_struct_ref_seq.pdbx_PDB_id_code              5QOJ 
_struct_ref_seq.pdbx_strand_id                A 
_struct_ref_seq.seq_align_beg                 2 
_struct_ref_seq.pdbx_seq_align_beg_ins_code   ? 
_struct_ref_seq.seq_align_end                 167 
_struct_ref_seq.pdbx_seq_align_end_ins_code   ? 
_struct_ref_seq.pdbx_db_accession             Q8IU60 
_struct_ref_seq.db_align_beg                  95 
_struct_ref_seq.pdbx_db_align_beg_ins_code    ? 
_struct_ref_seq.db_align_end                  260 
_struct_ref_seq.pdbx_db_align_end_ins_code    ? 
_struct_ref_seq.pdbx_auth_seq_align_beg       95 
_struct_ref_seq.pdbx_auth_seq_align_end       260 
# 
_struct_ref_seq_dif.align_id                     1 
_struct_ref_seq_dif.pdbx_pdb_id_code             5QOJ 
_struct_ref_seq_dif.mon_id                       SER 
_struct_ref_seq_dif.pdbx_pdb_strand_id           A 
_struct_ref_seq_dif.seq_num                      1 
_struct_ref_seq_dif.pdbx_pdb_ins_code            ? 
_struct_ref_seq_dif.pdbx_seq_db_name             UNP 
_struct_ref_seq_dif.pdbx_seq_db_accession_code   Q8IU60 
_struct_ref_seq_dif.db_mon_id                    ? 
_struct_ref_seq_dif.pdbx_seq_db_seq_num          ? 
_struct_ref_seq_dif.details                      'expression tag' 
_struct_ref_seq_dif.pdbx_auth_seq_num            94 
_struct_ref_seq_dif.pdbx_ordinal                 1 
# 
_pdbx_struct_assembly.id                   1 
_pdbx_struct_assembly.details              author_and_software_defined_assembly 
_pdbx_struct_assembly.method_details       PISA 
_pdbx_struct_assembly.oligomeric_details   monomeric 
_pdbx_struct_assembly.oligomeric_count     1 
# 
loop_
_pdbx_struct_assembly_prop.biol_id 
_pdbx_struct_assembly_prop.type 
_pdbx_struct_assembly_prop.value 
_pdbx_struct_assembly_prop.details 
1 'ABSA (A^2)' 990  ? 
1 MORE         9    ? 
1 'SSA (A^2)'  8820 ? 
# 
_pdbx_struct_assembly_gen.assembly_id       1 
_pdbx_struct_assembly_gen.oper_expression   1 
_pdbx_struct_assembly_gen.asym_id_list      A,B,C,D,E,F,G,H 
# 
_pdbx_struct_oper_list.id                   1 
_pdbx_struct_oper_list.type                 'identity operation' 
_pdbx_struct_oper_list.name                 1_555 
_pdbx_struct_oper_list.symmetry_operation   x,y,z 
_pdbx_struct_oper_list.matrix[1][1]         1.0000000000 
_pdbx_struct_oper_list.matrix[1][2]         0.0000000000 
_pdbx_struct_oper_list.matrix[1][3]         0.0000000000 
_pdbx_struct_oper_list.vector[1]            0.0000000000 
_pdbx_struct_oper_list.matrix[2][1]         0.0000000000 
_pdbx_struct_oper_list.matrix[2][2]         1.0000000000 
_pdbx_struct_oper_list.matrix[2][3]         0.0000000000 
_pdbx_struct_oper_list.vector[2]            0.0000000000 
_pdbx_struct_oper_list.matrix[3][1]         0.0000000000 
_pdbx_struct_oper_list.matrix[3][2]         0.0000000000 
_pdbx_struct_oper_list.matrix[3][3]         1.0000000000 
_pdbx_struct_oper_list.vector[3]            0.0000000000 
# 
loop_
_struct_conf.conf_type_id 
_struct_conf.id 
_struct_conf.pdbx_PDB_helix_id 
_struct_conf.beg_label_comp_id 
_struct_conf.beg_label_asym_id 
_struct_conf.beg_label_seq_id 
_struct_conf.pdbx_beg_PDB_ins_code 
_struct_conf.end_label_comp_id 
_struct_conf.end_label_asym_id 
_struct_conf.end_label_seq_id 
_struct_conf.pdbx_end_PDB_ins_code 
_struct_conf.beg_auth_comp_id 
_struct_conf.beg_auth_asym_id 
_struct_conf.beg_auth_seq_id 
_struct_conf.end_auth_comp_id 
_struct_conf.end_auth_asym_id 
_struct_conf.end_auth_seq_id 
_struct_conf.pdbx_PDB_helix_class 
_struct_conf.details 
_struct_conf.pdbx_PDB_helix_length 
HELX_P HELX_P1 AA1 LEU A 26  ? SER A 29  ? LEU A 119 SER A 122 5 ? 4  
HELX_P HELX_P2 AA2 ALA A 43  ? GLY A 57  ? ALA A 136 GLY A 150 1 ? 15 
HELX_P HELX_P3 AA3 ALA A 135 ? PRO A 137 ? ALA A 228 PRO A 230 5 ? 3  
HELX_P HELX_P4 AA4 PHE A 138 ? GLY A 151 ? PHE A 231 GLY A 244 1 ? 14 
# 
_struct_conf_type.id          HELX_P 
_struct_conf_type.criteria    ? 
_struct_conf_type.reference   ? 
# 
loop_
_struct_sheet.id 
_struct_sheet.type 
_struct_sheet.number_strands 
_struct_sheet.details 
AA1 ? 4 ? 
AA2 ? 3 ? 
# 
loop_
_struct_sheet_order.sheet_id 
_struct_sheet_order.range_id_1 
_struct_sheet_order.range_id_2 
_struct_sheet_order.offset 
_struct_sheet_order.sense 
AA1 1 2 ? anti-parallel 
AA1 2 3 ? parallel      
AA1 3 4 ? anti-parallel 
AA2 1 2 ? anti-parallel 
AA2 2 3 ? anti-parallel 
# 
loop_
_struct_sheet_range.sheet_id 
_struct_sheet_range.id 
_struct_sheet_range.beg_label_comp_id 
_struct_sheet_range.beg_label_asym_id 
_struct_sheet_range.beg_label_seq_id 
_struct_sheet_range.pdbx_beg_PDB_ins_code 
_struct_sheet_range.end_label_comp_id 
_struct_sheet_range.end_label_asym_id 
_struct_sheet_range.end_label_seq_id 
_struct_sheet_range.pdbx_end_PDB_ins_code 
_struct_sheet_range.beg_auth_comp_id 
_struct_sheet_range.beg_auth_asym_id 
_struct_sheet_range.beg_auth_seq_id 
_struct_sheet_range.end_auth_comp_id 
_struct_sheet_range.end_auth_asym_id 
_struct_sheet_range.end_auth_seq_id 
AA1 1 LYS A 35  ? LYS A 37  ? LYS A 128 LYS A 130 
AA1 2 THR A 6   ? ILE A 11  ? THR A 99  ILE A 104 
AA1 3 GLN A 77  ? ILE A 84  ? GLN A 170 ILE A 177 
AA1 4 TYR A 69  ? ILE A 74  ? TYR A 162 ILE A 167 
AA2 1 TRP A 31  ? GLY A 32  ? TRP A 124 GLY A 125 
AA2 2 ASN A 18  ? GLY A 24  ? ASN A 111 GLY A 117 
AA2 3 ILE A 101 ? SER A 108 ? ILE A 194 SER A 201 
# 
loop_
_pdbx_struct_sheet_hbond.sheet_id 
_pdbx_struct_sheet_hbond.range_id_1 
_pdbx_struct_sheet_hbond.range_id_2 
_pdbx_struct_sheet_hbond.range_1_label_atom_id 
_pdbx_struct_sheet_hbond.range_1_label_comp_id 
_pdbx_struct_sheet_hbond.range_1_label_asym_id 
_pdbx_struct_sheet_hbond.range_1_label_seq_id 
_pdbx_struct_sheet_hbond.range_1_PDB_ins_code 
_pdbx_struct_sheet_hbond.range_1_auth_atom_id 
_pdbx_struct_sheet_hbond.range_1_auth_comp_id 
_pdbx_struct_sheet_hbond.range_1_auth_asym_id 
_pdbx_struct_sheet_hbond.range_1_auth_seq_id 
_pdbx_struct_sheet_hbond.range_2_label_atom_id 
_pdbx_struct_sheet_hbond.range_2_label_comp_id 
_pdbx_struct_sheet_hbond.range_2_label_asym_id 
_pdbx_struct_sheet_hbond.range_2_label_seq_id 
_pdbx_struct_sheet_hbond.range_2_PDB_ins_code 
_pdbx_struct_sheet_hbond.range_2_auth_atom_id 
_pdbx_struct_sheet_hbond.range_2_auth_comp_id 
_pdbx_struct_sheet_hbond.range_2_auth_asym_id 
_pdbx_struct_sheet_hbond.range_2_auth_seq_id 
AA1 1 2 O GLY A 36 ? O GLY A 129 N TYR A 7   ? N TYR A 100 
AA1 2 3 N ILE A 10 ? N ILE A 103 O ILE A 84  ? O ILE A 177 
AA1 3 4 O LEU A 81 ? O LEU A 174 N ILE A 70  ? N ILE A 163 
AA2 1 2 O GLY A 32 ? O GLY A 125 N VAL A 22  ? N VAL A 115 
AA2 2 3 N GLN A 23 ? N GLN A 116 O ARG A 102 ? O ARG A 195 
# 
loop_
_struct_site.id 
_struct_site.pdbx_evidence_code 
_struct_site.pdbx_auth_asym_id 
_struct_site.pdbx_auth_comp_id 
_struct_site.pdbx_auth_seq_id 
_struct_site.pdbx_auth_ins_code 
_struct_site.pdbx_num_residues 
_struct_site.details 
AC1 Software A EDO 301 ? 3 'binding site for residue EDO A 301' 
AC2 Software A EDO 302 ? 4 'binding site for residue EDO A 302' 
AC3 Software A DMS 303 ? 2 'binding site for residue DMS A 303' 
AC4 Software A ACT 304 ? 3 'binding site for residue ACT A 304' 
AC5 Software A PEG 305 ? 7 'binding site for residue PEG A 305' 
AC6 Software A JG4 306 ? 6 'binding site for residue JG4 A 306' 
# 
loop_
_struct_site_gen.id 
_struct_site_gen.site_id 
_struct_site_gen.pdbx_num_res 
_struct_site_gen.label_comp_id 
_struct_site_gen.label_asym_id 
_struct_site_gen.label_seq_id 
_struct_site_gen.pdbx_auth_ins_code 
_struct_site_gen.auth_comp_id 
_struct_site_gen.auth_asym_id 
_struct_site_gen.auth_seq_id 
_struct_site_gen.label_atom_id 
_struct_site_gen.label_alt_id 
_struct_site_gen.symmetry 
_struct_site_gen.details 
1  AC1 3 ALA A 49  ? ALA A 142 . ? 1_555 ? 
2  AC1 3 ASP A 59  ? ASP A 152 . ? 1_555 ? 
3  AC1 3 LYS A 61  ? LYS A 154 . ? 1_555 ? 
4  AC2 4 PRO A 129 ? PRO A 222 . ? 1_555 ? 
5  AC2 4 ASN A 130 ? ASN A 223 . ? 1_555 ? 
6  AC2 4 LYS A 131 ? LYS A 224 . ? 1_555 ? 
7  AC2 4 HOH H .   ? HOH A 448 . ? 1_555 ? 
8  AC3 2 ASN A 18  ? ASN A 111 . ? 1_555 ? 
9  AC3 2 TRP A 106 ? TRP A 199 . ? 1_555 ? 
10 AC4 3 SER A 29  ? SER A 122 . ? 1_555 ? 
11 AC4 3 TYR A 63  ? TYR A 156 . ? 3_357 ? 
12 AC4 3 HOH H .   ? HOH A 414 . ? 1_555 ? 
13 AC5 7 VAL A 22  ? VAL A 115 . ? 1_555 ? 
14 AC5 7 GLY A 24  ? GLY A 117 . ? 1_555 ? 
15 AC5 7 LYS A 28  ? LYS A 121 . ? 1_555 ? 
16 AC5 7 GLY A 30  ? GLY A 123 . ? 1_555 ? 
17 AC5 7 GLY A 32  ? GLY A 125 . ? 1_555 ? 
18 AC5 7 LYS A 35  ? LYS A 128 . ? 1_555 ? 
19 AC5 7 GLU A 55  ? GLU A 148 . ? 1_555 ? 
20 AC6 6 ILE A 74  ? ILE A 167 . ? 1_555 ? 
21 AC6 6 GLU A 110 ? GLU A 203 . ? 4_557 ? 
22 AC6 6 PHE A 133 ? PHE A 226 . ? 1_555 ? 
23 AC6 6 MET A 134 ? MET A 227 . ? 1_555 ? 
24 AC6 6 ILE A 136 ? ILE A 229 . ? 1_555 ? 
25 AC6 6 PRO A 137 ? PRO A 230 . ? 1_555 ? 
# 
loop_
_pdbx_validate_rmsd_angle.id 
_pdbx_validate_rmsd_angle.PDB_model_num 
_pdbx_validate_rmsd_angle.auth_atom_id_1 
_pdbx_validate_rmsd_angle.auth_asym_id_1 
_pdbx_validate_rmsd_angle.auth_comp_id_1 
_pdbx_validate_rmsd_angle.auth_seq_id_1 
_pdbx_validate_rmsd_angle.PDB_ins_code_1 
_pdbx_validate_rmsd_angle.label_alt_id_1 
_pdbx_validate_rmsd_angle.auth_atom_id_2 
_pdbx_validate_rmsd_angle.auth_asym_id_2 
_pdbx_validate_rmsd_angle.auth_comp_id_2 
_pdbx_validate_rmsd_angle.auth_seq_id_2 
_pdbx_validate_rmsd_angle.PDB_ins_code_2 
_pdbx_validate_rmsd_angle.label_alt_id_2 
_pdbx_validate_rmsd_angle.auth_atom_id_3 
_pdbx_validate_rmsd_angle.auth_asym_id_3 
_pdbx_validate_rmsd_angle.auth_comp_id_3 
_pdbx_validate_rmsd_angle.auth_seq_id_3 
_pdbx_validate_rmsd_angle.PDB_ins_code_3 
_pdbx_validate_rmsd_angle.label_alt_id_3 
_pdbx_validate_rmsd_angle.angle_value 
_pdbx_validate_rmsd_angle.angle_target_value 
_pdbx_validate_rmsd_angle.angle_deviation 
_pdbx_validate_rmsd_angle.angle_standard_deviation 
_pdbx_validate_rmsd_angle.linker_flag 
1 1 CB A ASP 106 ? ? CG A ASP 106 ? ? OD1 A ASP 106 ? ? 124.62 118.30 6.32   0.90 N 
2 1 O  A LYS 189 ? ? C  A LYS 189 ? ? N   A THR 190 ? B 111.64 122.70 -11.06 1.60 Y 
# 
loop_
_pdbx_validate_torsion.id 
_pdbx_validate_torsion.PDB_model_num 
_pdbx_validate_torsion.auth_comp_id 
_pdbx_validate_torsion.auth_asym_id 
_pdbx_validate_torsion.auth_seq_id 
_pdbx_validate_torsion.PDB_ins_code 
_pdbx_validate_torsion.label_alt_id 
_pdbx_validate_torsion.phi 
_pdbx_validate_torsion.psi 
1 1 LEU A 119 ? ? 63.61  -115.45 
2 1 GLU A 134 ? ? 69.71  -0.72   
3 1 LYS A 189 ? ? -71.39 -88.62  
4 1 ARG A 191 ? ? -55.21 -5.59   
# 
_pdbx_validate_main_chain_plane.id                       1 
_pdbx_validate_main_chain_plane.PDB_model_num            1 
_pdbx_validate_main_chain_plane.auth_comp_id             LYS 
_pdbx_validate_main_chain_plane.auth_asym_id             A 
_pdbx_validate_main_chain_plane.auth_seq_id              189 
_pdbx_validate_main_chain_plane.PDB_ins_code             ? 
_pdbx_validate_main_chain_plane.label_alt_id             ? 
_pdbx_validate_main_chain_plane.improper_torsion_angle   11.66 
# 
_phasing.method   MR 
# 
loop_
_pdbx_unobs_or_zero_occ_residues.id 
_pdbx_unobs_or_zero_occ_residues.PDB_model_num 
_pdbx_unobs_or_zero_occ_residues.polymer_flag 
_pdbx_unobs_or_zero_occ_residues.occupancy_flag 
_pdbx_unobs_or_zero_occ_residues.auth_asym_id 
_pdbx_unobs_or_zero_occ_residues.auth_comp_id 
_pdbx_unobs_or_zero_occ_residues.auth_seq_id 
_pdbx_unobs_or_zero_occ_residues.PDB_ins_code 
_pdbx_unobs_or_zero_occ_residues.label_asym_id 
_pdbx_unobs_or_zero_occ_residues.label_comp_id 
_pdbx_unobs_or_zero_occ_residues.label_seq_id 
1  1 Y 1 A SER 94  ? A SER 1   
2  1 Y 1 A MET 95  ? A MET 2   
3  1 Y 1 A ASP 245 ? A ASP 152 
4  1 Y 1 A SER 246 ? A SER 153 
5  1 Y 1 A SER 247 ? A SER 154 
6  1 Y 1 A ASP 248 ? A ASP 155 
7  1 Y 1 A SER 249 ? A SER 156 
8  1 Y 1 A ASP 250 ? A ASP 157 
9  1 Y 1 A ASN 251 ? A ASN 158 
10 1 Y 1 A GLY 252 ? A GLY 159 
11 1 Y 1 A PHE 253 ? A PHE 160 
12 1 Y 1 A SER 254 ? A SER 161 
13 1 Y 1 A SER 255 ? A SER 162 
14 1 Y 1 A THR 256 ? A THR 163 
15 1 Y 1 A GLY 257 ? A GLY 164 
16 1 Y 1 A SER 258 ? A SER 165 
17 1 Y 1 A THR 259 ? A THR 166 
18 1 Y 1 A PRO 260 ? A PRO 167 
# 
loop_
_chem_comp_atom.comp_id 
_chem_comp_atom.atom_id 
_chem_comp_atom.type_symbol 
_chem_comp_atom.pdbx_aromatic_flag 
_chem_comp_atom.pdbx_stereo_config 
_chem_comp_atom.pdbx_ordinal 
ACT C    C N N 1   
ACT O    O N N 2   
ACT OXT  O N N 3   
ACT CH3  C N N 4   
ACT H1   H N N 5   
ACT H2   H N N 6   
ACT H3   H N N 7   
ALA N    N N N 8   
ALA CA   C N S 9   
ALA C    C N N 10  
ALA O    O N N 11  
ALA CB   C N N 12  
ALA OXT  O N N 13  
ALA H    H N N 14  
ALA H2   H N N 15  
ALA HA   H N N 16  
ALA HB1  H N N 17  
ALA HB2  H N N 18  
ALA HB3  H N N 19  
ALA HXT  H N N 20  
ARG N    N N N 21  
ARG CA   C N S 22  
ARG C    C N N 23  
ARG O    O N N 24  
ARG CB   C N N 25  
ARG CG   C N N 26  
ARG CD   C N N 27  
ARG NE   N N N 28  
ARG CZ   C N N 29  
ARG NH1  N N N 30  
ARG NH2  N N N 31  
ARG OXT  O N N 32  
ARG H    H N N 33  
ARG H2   H N N 34  
ARG HA   H N N 35  
ARG HB2  H N N 36  
ARG HB3  H N N 37  
ARG HG2  H N N 38  
ARG HG3  H N N 39  
ARG HD2  H N N 40  
ARG HD3  H N N 41  
ARG HE   H N N 42  
ARG HH11 H N N 43  
ARG HH12 H N N 44  
ARG HH21 H N N 45  
ARG HH22 H N N 46  
ARG HXT  H N N 47  
ASN N    N N N 48  
ASN CA   C N S 49  
ASN C    C N N 50  
ASN O    O N N 51  
ASN CB   C N N 52  
ASN CG   C N N 53  
ASN OD1  O N N 54  
ASN ND2  N N N 55  
ASN OXT  O N N 56  
ASN H    H N N 57  
ASN H2   H N N 58  
ASN HA   H N N 59  
ASN HB2  H N N 60  
ASN HB3  H N N 61  
ASN HD21 H N N 62  
ASN HD22 H N N 63  
ASN HXT  H N N 64  
ASP N    N N N 65  
ASP CA   C N S 66  
ASP C    C N N 67  
ASP O    O N N 68  
ASP CB   C N N 69  
ASP CG   C N N 70  
ASP OD1  O N N 71  
ASP OD2  O N N 72  
ASP OXT  O N N 73  
ASP H    H N N 74  
ASP H2   H N N 75  
ASP HA   H N N 76  
ASP HB2  H N N 77  
ASP HB3  H N N 78  
ASP HD2  H N N 79  
ASP HXT  H N N 80  
CYS N    N N N 81  
CYS CA   C N R 82  
CYS C    C N N 83  
CYS O    O N N 84  
CYS CB   C N N 85  
CYS SG   S N N 86  
CYS OXT  O N N 87  
CYS H    H N N 88  
CYS H2   H N N 89  
CYS HA   H N N 90  
CYS HB2  H N N 91  
CYS HB3  H N N 92  
CYS HG   H N N 93  
CYS HXT  H N N 94  
DMS S    S N N 95  
DMS O    O N N 96  
DMS C1   C N N 97  
DMS C2   C N N 98  
DMS H11  H N N 99  
DMS H12  H N N 100 
DMS H13  H N N 101 
DMS H21  H N N 102 
DMS H22  H N N 103 
DMS H23  H N N 104 
EDO C1   C N N 105 
EDO O1   O N N 106 
EDO C2   C N N 107 
EDO O2   O N N 108 
EDO H11  H N N 109 
EDO H12  H N N 110 
EDO HO1  H N N 111 
EDO H21  H N N 112 
EDO H22  H N N 113 
EDO HO2  H N N 114 
GLN N    N N N 115 
GLN CA   C N S 116 
GLN C    C N N 117 
GLN O    O N N 118 
GLN CB   C N N 119 
GLN CG   C N N 120 
GLN CD   C N N 121 
GLN OE1  O N N 122 
GLN NE2  N N N 123 
GLN OXT  O N N 124 
GLN H    H N N 125 
GLN H2   H N N 126 
GLN HA   H N N 127 
GLN HB2  H N N 128 
GLN HB3  H N N 129 
GLN HG2  H N N 130 
GLN HG3  H N N 131 
GLN HE21 H N N 132 
GLN HE22 H N N 133 
GLN HXT  H N N 134 
GLU N    N N N 135 
GLU CA   C N S 136 
GLU C    C N N 137 
GLU O    O N N 138 
GLU CB   C N N 139 
GLU CG   C N N 140 
GLU CD   C N N 141 
GLU OE1  O N N 142 
GLU OE2  O N N 143 
GLU OXT  O N N 144 
GLU H    H N N 145 
GLU H2   H N N 146 
GLU HA   H N N 147 
GLU HB2  H N N 148 
GLU HB3  H N N 149 
GLU HG2  H N N 150 
GLU HG3  H N N 151 
GLU HE2  H N N 152 
GLU HXT  H N N 153 
GLY N    N N N 154 
GLY CA   C N N 155 
GLY C    C N N 156 
GLY O    O N N 157 
GLY OXT  O N N 158 
GLY H    H N N 159 
GLY H2   H N N 160 
GLY HA2  H N N 161 
GLY HA3  H N N 162 
GLY HXT  H N N 163 
HIS N    N N N 164 
HIS CA   C N S 165 
HIS C    C N N 166 
HIS O    O N N 167 
HIS CB   C N N 168 
HIS CG   C Y N 169 
HIS ND1  N Y N 170 
HIS CD2  C Y N 171 
HIS CE1  C Y N 172 
HIS NE2  N Y N 173 
HIS OXT  O N N 174 
HIS H    H N N 175 
HIS H2   H N N 176 
HIS HA   H N N 177 
HIS HB2  H N N 178 
HIS HB3  H N N 179 
HIS HD1  H N N 180 
HIS HD2  H N N 181 
HIS HE1  H N N 182 
HIS HE2  H N N 183 
HIS HXT  H N N 184 
HOH O    O N N 185 
HOH H1   H N N 186 
HOH H2   H N N 187 
ILE N    N N N 188 
ILE CA   C N S 189 
ILE C    C N N 190 
ILE O    O N N 191 
ILE CB   C N S 192 
ILE CG1  C N N 193 
ILE CG2  C N N 194 
ILE CD1  C N N 195 
ILE OXT  O N N 196 
ILE H    H N N 197 
ILE H2   H N N 198 
ILE HA   H N N 199 
ILE HB   H N N 200 
ILE HG12 H N N 201 
ILE HG13 H N N 202 
ILE HG21 H N N 203 
ILE HG22 H N N 204 
ILE HG23 H N N 205 
ILE HD11 H N N 206 
ILE HD12 H N N 207 
ILE HD13 H N N 208 
ILE HXT  H N N 209 
JG4 C01  C Y N 210 
JG4 C02  C Y N 211 
JG4 C03  C Y N 212 
JG4 S04  S Y N 213 
JG4 C05  C Y N 214 
JG4 C06  C Y N 215 
JG4 N07  N Y N 216 
JG4 C08  C Y N 217 
JG4 C09  C Y N 218 
JG4 N10  N Y N 219 
JG4 H011 H N N 220 
JG4 H021 H N N 221 
JG4 H051 H N N 222 
JG4 H071 H N N 223 
JG4 H081 H N N 224 
JG4 H091 H N N 225 
LEU N    N N N 226 
LEU CA   C N S 227 
LEU C    C N N 228 
LEU O    O N N 229 
LEU CB   C N N 230 
LEU CG   C N N 231 
LEU CD1  C N N 232 
LEU CD2  C N N 233 
LEU OXT  O N N 234 
LEU H    H N N 235 
LEU H2   H N N 236 
LEU HA   H N N 237 
LEU HB2  H N N 238 
LEU HB3  H N N 239 
LEU HG   H N N 240 
LEU HD11 H N N 241 
LEU HD12 H N N 242 
LEU HD13 H N N 243 
LEU HD21 H N N 244 
LEU HD22 H N N 245 
LEU HD23 H N N 246 
LEU HXT  H N N 247 
LYS N    N N N 248 
LYS CA   C N S 249 
LYS C    C N N 250 
LYS O    O N N 251 
LYS CB   C N N 252 
LYS CG   C N N 253 
LYS CD   C N N 254 
LYS CE   C N N 255 
LYS NZ   N N N 256 
LYS OXT  O N N 257 
LYS H    H N N 258 
LYS H2   H N N 259 
LYS HA   H N N 260 
LYS HB2  H N N 261 
LYS HB3  H N N 262 
LYS HG2  H N N 263 
LYS HG3  H N N 264 
LYS HD2  H N N 265 
LYS HD3  H N N 266 
LYS HE2  H N N 267 
LYS HE3  H N N 268 
LYS HZ1  H N N 269 
LYS HZ2  H N N 270 
LYS HZ3  H N N 271 
LYS HXT  H N N 272 
MET N    N N N 273 
MET CA   C N S 274 
MET C    C N N 275 
MET O    O N N 276 
MET CB   C N N 277 
MET CG   C N N 278 
MET SD   S N N 279 
MET CE   C N N 280 
MET OXT  O N N 281 
MET H    H N N 282 
MET H2   H N N 283 
MET HA   H N N 284 
MET HB2  H N N 285 
MET HB3  H N N 286 
MET HG2  H N N 287 
MET HG3  H N N 288 
MET HE1  H N N 289 
MET HE2  H N N 290 
MET HE3  H N N 291 
MET HXT  H N N 292 
PEG C1   C N N 293 
PEG O1   O N N 294 
PEG C2   C N N 295 
PEG O2   O N N 296 
PEG C3   C N N 297 
PEG C4   C N N 298 
PEG O4   O N N 299 
PEG H11  H N N 300 
PEG H12  H N N 301 
PEG HO1  H N N 302 
PEG H21  H N N 303 
PEG H22  H N N 304 
PEG H31  H N N 305 
PEG H32  H N N 306 
PEG H41  H N N 307 
PEG H42  H N N 308 
PEG HO4  H N N 309 
PHE N    N N N 310 
PHE CA   C N S 311 
PHE C    C N N 312 
PHE O    O N N 313 
PHE CB   C N N 314 
PHE CG   C Y N 315 
PHE CD1  C Y N 316 
PHE CD2  C Y N 317 
PHE CE1  C Y N 318 
PHE CE2  C Y N 319 
PHE CZ   C Y N 320 
PHE OXT  O N N 321 
PHE H    H N N 322 
PHE H2   H N N 323 
PHE HA   H N N 324 
PHE HB2  H N N 325 
PHE HB3  H N N 326 
PHE HD1  H N N 327 
PHE HD2  H N N 328 
PHE HE1  H N N 329 
PHE HE2  H N N 330 
PHE HZ   H N N 331 
PHE HXT  H N N 332 
PRO N    N N N 333 
PRO CA   C N S 334 
PRO C    C N N 335 
PRO O    O N N 336 
PRO CB   C N N 337 
PRO CG   C N N 338 
PRO CD   C N N 339 
PRO OXT  O N N 340 
PRO H    H N N 341 
PRO HA   H N N 342 
PRO HB2  H N N 343 
PRO HB3  H N N 344 
PRO HG2  H N N 345 
PRO HG3  H N N 346 
PRO HD2  H N N 347 
PRO HD3  H N N 348 
PRO HXT  H N N 349 
SER N    N N N 350 
SER CA   C N S 351 
SER C    C N N 352 
SER O    O N N 353 
SER CB   C N N 354 
SER OG   O N N 355 
SER OXT  O N N 356 
SER H    H N N 357 
SER H2   H N N 358 
SER HA   H N N 359 
SER HB2  H N N 360 
SER HB3  H N N 361 
SER HG   H N N 362 
SER HXT  H N N 363 
THR N    N N N 364 
THR CA   C N S 365 
THR C    C N N 366 
THR O    O N N 367 
THR CB   C N R 368 
THR OG1  O N N 369 
THR CG2  C N N 370 
THR OXT  O N N 371 
THR H    H N N 372 
THR H2   H N N 373 
THR HA   H N N 374 
THR HB   H N N 375 
THR HG1  H N N 376 
THR HG21 H N N 377 
THR HG22 H N N 378 
THR HG23 H N N 379 
THR HXT  H N N 380 
TRP N    N N N 381 
TRP CA   C N S 382 
TRP C    C N N 383 
TRP O    O N N 384 
TRP CB   C N N 385 
TRP CG   C Y N 386 
TRP CD1  C Y N 387 
TRP CD2  C Y N 388 
TRP NE1  N Y N 389 
TRP CE2  C Y N 390 
TRP CE3  C Y N 391 
TRP CZ2  C Y N 392 
TRP CZ3  C Y N 393 
TRP CH2  C Y N 394 
TRP OXT  O N N 395 
TRP H    H N N 396 
TRP H2   H N N 397 
TRP HA   H N N 398 
TRP HB2  H N N 399 
TRP HB3  H N N 400 
TRP HD1  H N N 401 
TRP HE1  H N N 402 
TRP HE3  H N N 403 
TRP HZ2  H N N 404 
TRP HZ3  H N N 405 
TRP HH2  H N N 406 
TRP HXT  H N N 407 
TYR N    N N N 408 
TYR CA   C N S 409 
TYR C    C N N 410 
TYR O    O N N 411 
TYR CB   C N N 412 
TYR CG   C Y N 413 
TYR CD1  C Y N 414 
TYR CD2  C Y N 415 
TYR CE1  C Y N 416 
TYR CE2  C Y N 417 
TYR CZ   C Y N 418 
TYR OH   O N N 419 
TYR OXT  O N N 420 
TYR H    H N N 421 
TYR H2   H N N 422 
TYR HA   H N N 423 
TYR HB2  H N N 424 
TYR HB3  H N N 425 
TYR HD1  H N N 426 
TYR HD2  H N N 427 
TYR HE1  H N N 428 
TYR HE2  H N N 429 
TYR HH   H N N 430 
TYR HXT  H N N 431 
VAL N    N N N 432 
VAL CA   C N S 433 
VAL C    C N N 434 
VAL O    O N N 435 
VAL CB   C N N 436 
VAL CG1  C N N 437 
VAL CG2  C N N 438 
VAL OXT  O N N 439 
VAL H    H N N 440 
VAL H2   H N N 441 
VAL HA   H N N 442 
VAL HB   H N N 443 
VAL HG11 H N N 444 
VAL HG12 H N N 445 
VAL HG13 H N N 446 
VAL HG21 H N N 447 
VAL HG22 H N N 448 
VAL HG23 H N N 449 
VAL HXT  H N N 450 
# 
loop_
_chem_comp_bond.comp_id 
_chem_comp_bond.atom_id_1 
_chem_comp_bond.atom_id_2 
_chem_comp_bond.value_order 
_chem_comp_bond.pdbx_aromatic_flag 
_chem_comp_bond.pdbx_stereo_config 
_chem_comp_bond.pdbx_ordinal 
ACT C   O    doub N N 1   
ACT C   OXT  sing N N 2   
ACT C   CH3  sing N N 3   
ACT CH3 H1   sing N N 4   
ACT CH3 H2   sing N N 5   
ACT CH3 H3   sing N N 6   
ALA N   CA   sing N N 7   
ALA N   H    sing N N 8   
ALA N   H2   sing N N 9   
ALA CA  C    sing N N 10  
ALA CA  CB   sing N N 11  
ALA CA  HA   sing N N 12  
ALA C   O    doub N N 13  
ALA C   OXT  sing N N 14  
ALA CB  HB1  sing N N 15  
ALA CB  HB2  sing N N 16  
ALA CB  HB3  sing N N 17  
ALA OXT HXT  sing N N 18  
ARG N   CA   sing N N 19  
ARG N   H    sing N N 20  
ARG N   H2   sing N N 21  
ARG CA  C    sing N N 22  
ARG CA  CB   sing N N 23  
ARG CA  HA   sing N N 24  
ARG C   O    doub N N 25  
ARG C   OXT  sing N N 26  
ARG CB  CG   sing N N 27  
ARG CB  HB2  sing N N 28  
ARG CB  HB3  sing N N 29  
ARG CG  CD   sing N N 30  
ARG CG  HG2  sing N N 31  
ARG CG  HG3  sing N N 32  
ARG CD  NE   sing N N 33  
ARG CD  HD2  sing N N 34  
ARG CD  HD3  sing N N 35  
ARG NE  CZ   sing N N 36  
ARG NE  HE   sing N N 37  
ARG CZ  NH1  sing N N 38  
ARG CZ  NH2  doub N N 39  
ARG NH1 HH11 sing N N 40  
ARG NH1 HH12 sing N N 41  
ARG NH2 HH21 sing N N 42  
ARG NH2 HH22 sing N N 43  
ARG OXT HXT  sing N N 44  
ASN N   CA   sing N N 45  
ASN N   H    sing N N 46  
ASN N   H2   sing N N 47  
ASN CA  C    sing N N 48  
ASN CA  CB   sing N N 49  
ASN CA  HA   sing N N 50  
ASN C   O    doub N N 51  
ASN C   OXT  sing N N 52  
ASN CB  CG   sing N N 53  
ASN CB  HB2  sing N N 54  
ASN CB  HB3  sing N N 55  
ASN CG  OD1  doub N N 56  
ASN CG  ND2  sing N N 57  
ASN ND2 HD21 sing N N 58  
ASN ND2 HD22 sing N N 59  
ASN OXT HXT  sing N N 60  
ASP N   CA   sing N N 61  
ASP N   H    sing N N 62  
ASP N   H2   sing N N 63  
ASP CA  C    sing N N 64  
ASP CA  CB   sing N N 65  
ASP CA  HA   sing N N 66  
ASP C   O    doub N N 67  
ASP C   OXT  sing N N 68  
ASP CB  CG   sing N N 69  
ASP CB  HB2  sing N N 70  
ASP CB  HB3  sing N N 71  
ASP CG  OD1  doub N N 72  
ASP CG  OD2  sing N N 73  
ASP OD2 HD2  sing N N 74  
ASP OXT HXT  sing N N 75  
CYS N   CA   sing N N 76  
CYS N   H    sing N N 77  
CYS N   H2   sing N N 78  
CYS CA  C    sing N N 79  
CYS CA  CB   sing N N 80  
CYS CA  HA   sing N N 81  
CYS C   O    doub N N 82  
CYS C   OXT  sing N N 83  
CYS CB  SG   sing N N 84  
CYS CB  HB2  sing N N 85  
CYS CB  HB3  sing N N 86  
CYS SG  HG   sing N N 87  
CYS OXT HXT  sing N N 88  
DMS S   O    doub N N 89  
DMS S   C1   sing N N 90  
DMS S   C2   sing N N 91  
DMS C1  H11  sing N N 92  
DMS C1  H12  sing N N 93  
DMS C1  H13  sing N N 94  
DMS C2  H21  sing N N 95  
DMS C2  H22  sing N N 96  
DMS C2  H23  sing N N 97  
EDO C1  O1   sing N N 98  
EDO C1  C2   sing N N 99  
EDO C1  H11  sing N N 100 
EDO C1  H12  sing N N 101 
EDO O1  HO1  sing N N 102 
EDO C2  O2   sing N N 103 
EDO C2  H21  sing N N 104 
EDO C2  H22  sing N N 105 
EDO O2  HO2  sing N N 106 
GLN N   CA   sing N N 107 
GLN N   H    sing N N 108 
GLN N   H2   sing N N 109 
GLN CA  C    sing N N 110 
GLN CA  CB   sing N N 111 
GLN CA  HA   sing N N 112 
GLN C   O    doub N N 113 
GLN C   OXT  sing N N 114 
GLN CB  CG   sing N N 115 
GLN CB  HB2  sing N N 116 
GLN CB  HB3  sing N N 117 
GLN CG  CD   sing N N 118 
GLN CG  HG2  sing N N 119 
GLN CG  HG3  sing N N 120 
GLN CD  OE1  doub N N 121 
GLN CD  NE2  sing N N 122 
GLN NE2 HE21 sing N N 123 
GLN NE2 HE22 sing N N 124 
GLN OXT HXT  sing N N 125 
GLU N   CA   sing N N 126 
GLU N   H    sing N N 127 
GLU N   H2   sing N N 128 
GLU CA  C    sing N N 129 
GLU CA  CB   sing N N 130 
GLU CA  HA   sing N N 131 
GLU C   O    doub N N 132 
GLU C   OXT  sing N N 133 
GLU CB  CG   sing N N 134 
GLU CB  HB2  sing N N 135 
GLU CB  HB3  sing N N 136 
GLU CG  CD   sing N N 137 
GLU CG  HG2  sing N N 138 
GLU CG  HG3  sing N N 139 
GLU CD  OE1  doub N N 140 
GLU CD  OE2  sing N N 141 
GLU OE2 HE2  sing N N 142 
GLU OXT HXT  sing N N 143 
GLY N   CA   sing N N 144 
GLY N   H    sing N N 145 
GLY N   H2   sing N N 146 
GLY CA  C    sing N N 147 
GLY CA  HA2  sing N N 148 
GLY CA  HA3  sing N N 149 
GLY C   O    doub N N 150 
GLY C   OXT  sing N N 151 
GLY OXT HXT  sing N N 152 
HIS N   CA   sing N N 153 
HIS N   H    sing N N 154 
HIS N   H2   sing N N 155 
HIS CA  C    sing N N 156 
HIS CA  CB   sing N N 157 
HIS CA  HA   sing N N 158 
HIS C   O    doub N N 159 
HIS C   OXT  sing N N 160 
HIS CB  CG   sing N N 161 
HIS CB  HB2  sing N N 162 
HIS CB  HB3  sing N N 163 
HIS CG  ND1  sing Y N 164 
HIS CG  CD2  doub Y N 165 
HIS ND1 CE1  doub Y N 166 
HIS ND1 HD1  sing N N 167 
HIS CD2 NE2  sing Y N 168 
HIS CD2 HD2  sing N N 169 
HIS CE1 NE2  sing Y N 170 
HIS CE1 HE1  sing N N 171 
HIS NE2 HE2  sing N N 172 
HIS OXT HXT  sing N N 173 
HOH O   H1   sing N N 174 
HOH O   H2   sing N N 175 
ILE N   CA   sing N N 176 
ILE N   H    sing N N 177 
ILE N   H2   sing N N 178 
ILE CA  C    sing N N 179 
ILE CA  CB   sing N N 180 
ILE CA  HA   sing N N 181 
ILE C   O    doub N N 182 
ILE C   OXT  sing N N 183 
ILE CB  CG1  sing N N 184 
ILE CB  CG2  sing N N 185 
ILE CB  HB   sing N N 186 
ILE CG1 CD1  sing N N 187 
ILE CG1 HG12 sing N N 188 
ILE CG1 HG13 sing N N 189 
ILE CG2 HG21 sing N N 190 
ILE CG2 HG22 sing N N 191 
ILE CG2 HG23 sing N N 192 
ILE CD1 HD11 sing N N 193 
ILE CD1 HD12 sing N N 194 
ILE CD1 HD13 sing N N 195 
ILE OXT HXT  sing N N 196 
JG4 N10 C09  sing Y N 197 
JG4 N10 C06  doub Y N 198 
JG4 S04 C05  sing Y N 199 
JG4 S04 C03  sing Y N 200 
JG4 C09 C08  doub Y N 201 
JG4 C05 C01  doub Y N 202 
JG4 C03 C06  sing N N 203 
JG4 C03 C02  doub Y N 204 
JG4 C06 N07  sing Y N 205 
JG4 C01 C02  sing Y N 206 
JG4 C08 N07  sing Y N 207 
JG4 C01 H011 sing N N 208 
JG4 C02 H021 sing N N 209 
JG4 C05 H051 sing N N 210 
JG4 N07 H071 sing N N 211 
JG4 C08 H081 sing N N 212 
JG4 C09 H091 sing N N 213 
LEU N   CA   sing N N 214 
LEU N   H    sing N N 215 
LEU N   H2   sing N N 216 
LEU CA  C    sing N N 217 
LEU CA  CB   sing N N 218 
LEU CA  HA   sing N N 219 
LEU C   O    doub N N 220 
LEU C   OXT  sing N N 221 
LEU CB  CG   sing N N 222 
LEU CB  HB2  sing N N 223 
LEU CB  HB3  sing N N 224 
LEU CG  CD1  sing N N 225 
LEU CG  CD2  sing N N 226 
LEU CG  HG   sing N N 227 
LEU CD1 HD11 sing N N 228 
LEU CD1 HD12 sing N N 229 
LEU CD1 HD13 sing N N 230 
LEU CD2 HD21 sing N N 231 
LEU CD2 HD22 sing N N 232 
LEU CD2 HD23 sing N N 233 
LEU OXT HXT  sing N N 234 
LYS N   CA   sing N N 235 
LYS N   H    sing N N 236 
LYS N   H2   sing N N 237 
LYS CA  C    sing N N 238 
LYS CA  CB   sing N N 239 
LYS CA  HA   sing N N 240 
LYS C   O    doub N N 241 
LYS C   OXT  sing N N 242 
LYS CB  CG   sing N N 243 
LYS CB  HB2  sing N N 244 
LYS CB  HB3  sing N N 245 
LYS CG  CD   sing N N 246 
LYS CG  HG2  sing N N 247 
LYS CG  HG3  sing N N 248 
LYS CD  CE   sing N N 249 
LYS CD  HD2  sing N N 250 
LYS CD  HD3  sing N N 251 
LYS CE  NZ   sing N N 252 
LYS CE  HE2  sing N N 253 
LYS CE  HE3  sing N N 254 
LYS NZ  HZ1  sing N N 255 
LYS NZ  HZ2  sing N N 256 
LYS NZ  HZ3  sing N N 257 
LYS OXT HXT  sing N N 258 
MET N   CA   sing N N 259 
MET N   H    sing N N 260 
MET N   H2   sing N N 261 
MET CA  C    sing N N 262 
MET CA  CB   sing N N 263 
MET CA  HA   sing N N 264 
MET C   O    doub N N 265 
MET C   OXT  sing N N 266 
MET CB  CG   sing N N 267 
MET CB  HB2  sing N N 268 
MET CB  HB3  sing N N 269 
MET CG  SD   sing N N 270 
MET CG  HG2  sing N N 271 
MET CG  HG3  sing N N 272 
MET SD  CE   sing N N 273 
MET CE  HE1  sing N N 274 
MET CE  HE2  sing N N 275 
MET CE  HE3  sing N N 276 
MET OXT HXT  sing N N 277 
PEG C1  O1   sing N N 278 
PEG C1  C2   sing N N 279 
PEG C1  H11  sing N N 280 
PEG C1  H12  sing N N 281 
PEG O1  HO1  sing N N 282 
PEG C2  O2   sing N N 283 
PEG C2  H21  sing N N 284 
PEG C2  H22  sing N N 285 
PEG O2  C3   sing N N 286 
PEG C3  C4   sing N N 287 
PEG C3  H31  sing N N 288 
PEG C3  H32  sing N N 289 
PEG C4  O4   sing N N 290 
PEG C4  H41  sing N N 291 
PEG C4  H42  sing N N 292 
PEG O4  HO4  sing N N 293 
PHE N   CA   sing N N 294 
PHE N   H    sing N N 295 
PHE N   H2   sing N N 296 
PHE CA  C    sing N N 297 
PHE CA  CB   sing N N 298 
PHE CA  HA   sing N N 299 
PHE C   O    doub N N 300 
PHE C   OXT  sing N N 301 
PHE CB  CG   sing N N 302 
PHE CB  HB2  sing N N 303 
PHE CB  HB3  sing N N 304 
PHE CG  CD1  doub Y N 305 
PHE CG  CD2  sing Y N 306 
PHE CD1 CE1  sing Y N 307 
PHE CD1 HD1  sing N N 308 
PHE CD2 CE2  doub Y N 309 
PHE CD2 HD2  sing N N 310 
PHE CE1 CZ   doub Y N 311 
PHE CE1 HE1  sing N N 312 
PHE CE2 CZ   sing Y N 313 
PHE CE2 HE2  sing N N 314 
PHE CZ  HZ   sing N N 315 
PHE OXT HXT  sing N N 316 
PRO N   CA   sing N N 317 
PRO N   CD   sing N N 318 
PRO N   H    sing N N 319 
PRO CA  C    sing N N 320 
PRO CA  CB   sing N N 321 
PRO CA  HA   sing N N 322 
PRO C   O    doub N N 323 
PRO C   OXT  sing N N 324 
PRO CB  CG   sing N N 325 
PRO CB  HB2  sing N N 326 
PRO CB  HB3  sing N N 327 
PRO CG  CD   sing N N 328 
PRO CG  HG2  sing N N 329 
PRO CG  HG3  sing N N 330 
PRO CD  HD2  sing N N 331 
PRO CD  HD3  sing N N 332 
PRO OXT HXT  sing N N 333 
SER N   CA   sing N N 334 
SER N   H    sing N N 335 
SER N   H2   sing N N 336 
SER CA  C    sing N N 337 
SER CA  CB   sing N N 338 
SER CA  HA   sing N N 339 
SER C   O    doub N N 340 
SER C   OXT  sing N N 341 
SER CB  OG   sing N N 342 
SER CB  HB2  sing N N 343 
SER CB  HB3  sing N N 344 
SER OG  HG   sing N N 345 
SER OXT HXT  sing N N 346 
THR N   CA   sing N N 347 
THR N   H    sing N N 348 
THR N   H2   sing N N 349 
THR CA  C    sing N N 350 
THR CA  CB   sing N N 351 
THR CA  HA   sing N N 352 
THR C   O    doub N N 353 
THR C   OXT  sing N N 354 
THR CB  OG1  sing N N 355 
THR CB  CG2  sing N N 356 
THR CB  HB   sing N N 357 
THR OG1 HG1  sing N N 358 
THR CG2 HG21 sing N N 359 
THR CG2 HG22 sing N N 360 
THR CG2 HG23 sing N N 361 
THR OXT HXT  sing N N 362 
TRP N   CA   sing N N 363 
TRP N   H    sing N N 364 
TRP N   H2   sing N N 365 
TRP CA  C    sing N N 366 
TRP CA  CB   sing N N 367 
TRP CA  HA   sing N N 368 
TRP C   O    doub N N 369 
TRP C   OXT  sing N N 370 
TRP CB  CG   sing N N 371 
TRP CB  HB2  sing N N 372 
TRP CB  HB3  sing N N 373 
TRP CG  CD1  doub Y N 374 
TRP CG  CD2  sing Y N 375 
TRP CD1 NE1  sing Y N 376 
TRP CD1 HD1  sing N N 377 
TRP CD2 CE2  doub Y N 378 
TRP CD2 CE3  sing Y N 379 
TRP NE1 CE2  sing Y N 380 
TRP NE1 HE1  sing N N 381 
TRP CE2 CZ2  sing Y N 382 
TRP CE3 CZ3  doub Y N 383 
TRP CE3 HE3  sing N N 384 
TRP CZ2 CH2  doub Y N 385 
TRP CZ2 HZ2  sing N N 386 
TRP CZ3 CH2  sing Y N 387 
TRP CZ3 HZ3  sing N N 388 
TRP CH2 HH2  sing N N 389 
TRP OXT HXT  sing N N 390 
TYR N   CA   sing N N 391 
TYR N   H    sing N N 392 
TYR N   H2   sing N N 393 
TYR CA  C    sing N N 394 
TYR CA  CB   sing N N 395 
TYR CA  HA   sing N N 396 
TYR C   O    doub N N 397 
TYR C   OXT  sing N N 398 
TYR CB  CG   sing N N 399 
TYR CB  HB2  sing N N 400 
TYR CB  HB3  sing N N 401 
TYR CG  CD1  doub Y N 402 
TYR CG  CD2  sing Y N 403 
TYR CD1 CE1  sing Y N 404 
TYR CD1 HD1  sing N N 405 
TYR CD2 CE2  doub Y N 406 
TYR CD2 HD2  sing N N 407 
TYR CE1 CZ   doub Y N 408 
TYR CE1 HE1  sing N N 409 
TYR CE2 CZ   sing Y N 410 
TYR CE2 HE2  sing N N 411 
TYR CZ  OH   sing N N 412 
TYR OH  HH   sing N N 413 
TYR OXT HXT  sing N N 414 
VAL N   CA   sing N N 415 
VAL N   H    sing N N 416 
VAL N   H2   sing N N 417 
VAL CA  C    sing N N 418 
VAL CA  CB   sing N N 419 
VAL CA  HA   sing N N 420 
VAL C   O    doub N N 421 
VAL C   OXT  sing N N 422 
VAL CB  CG1  sing N N 423 
VAL CB  CG2  sing N N 424 
VAL CB  HB   sing N N 425 
VAL CG1 HG11 sing N N 426 
VAL CG1 HG12 sing N N 427 
VAL CG1 HG13 sing N N 428 
VAL CG2 HG21 sing N N 429 
VAL CG2 HG22 sing N N 430 
VAL CG2 HG23 sing N N 431 
VAL OXT HXT  sing N N 432 
# 
_pdbx_deposit_group.group_id            G_1002061 
_pdbx_deposit_group.group_description   
;XDomainX of XOrganismX DCP2 (NUDT20) screened against the XXX Fragment Library by X-ray Crystallography at the XChem facility of Diamond Light Source beamline I04-1
;
_pdbx_deposit_group.group_title         'PanDDA analysis group deposition' 
_pdbx_deposit_group.group_type          'changed state' 
# 
_pdbx_related_exp_data_set.ordinal              1 
_pdbx_related_exp_data_set.data_reference       10.5281/zenodo.1437589 
_pdbx_related_exp_data_set.metadata_reference   10.5281/zenodo.1437589 
_pdbx_related_exp_data_set.data_set_type        'other data' 
_pdbx_related_exp_data_set.details              'Complete PanDDA analysis' 
# 
_atom_sites.entry_id                    5QOJ 
_atom_sites.fract_transf_matrix[1][1]   -0.00823097 
_atom_sites.fract_transf_matrix[1][2]   0.00189181 
_atom_sites.fract_transf_matrix[1][3]   -0.01873542 
_atom_sites.fract_transf_matrix[2][1]   0.01127819 
_atom_sites.fract_transf_matrix[2][2]   -0.01022144 
_atom_sites.fract_transf_matrix[2][3]   -0.00598692 
_atom_sites.fract_transf_matrix[3][1]   -0.00905493 
_atom_sites.fract_transf_matrix[3][2]   -0.01163311 
_atom_sites.fract_transf_matrix[3][3]   0.00280341 
_atom_sites.fract_transf_vector[1]      -0.885874 
_atom_sites.fract_transf_vector[2]      0.224326 
_atom_sites.fract_transf_vector[3]      1.167032 
# 
loop_
_atom_type.symbol 
C 
N 
O 
S 
# 
loop_
_atom_site.group_PDB 
_atom_site.id 
_atom_site.type_symbol 
_atom_site.label_atom_id 
_atom_site.label_alt_id 
_atom_site.label_comp_id 
_atom_site.label_asym_id 
_atom_site.label_entity_id 
_atom_site.label_seq_id 
_atom_site.pdbx_PDB_ins_code 
_atom_site.Cartn_x 
_atom_site.Cartn_y 
_atom_site.Cartn_z 
_atom_site.occupancy 
_atom_site.B_iso_or_equiv 
_atom_site.pdbx_formal_charge 
_atom_site.auth_seq_id 
_atom_site.auth_comp_id 
_atom_site.auth_asym_id 
_atom_site.auth_atom_id 
_atom_site.pdbx_PDB_model_num 
ATOM   1    N N   . GLY A 1 3   ? -8.360  0.730   -18.164 1.00 70.40 ? 96  GLY A N   1 
ATOM   2    C CA  . GLY A 1 3   ? -7.915  -0.176  -17.060 1.00 72.24 ? 96  GLY A CA  1 
ATOM   3    C C   . GLY A 1 3   ? -8.957  -0.302  -15.951 1.00 70.82 ? 96  GLY A C   1 
ATOM   4    O O   . GLY A 1 3   ? -9.680  0.653   -15.640 1.00 80.78 ? 96  GLY A O   1 
ATOM   5    N N   . VAL A 1 4   ? -9.037  -1.482  -15.348 1.00 63.70 ? 97  VAL A N   1 
ATOM   6    C CA  . VAL A 1 4   ? -9.938  -1.688  -14.211 1.00 61.93 ? 97  VAL A CA  1 
ATOM   7    C C   . VAL A 1 4   ? -9.343  -1.044  -12.946 1.00 49.69 ? 97  VAL A C   1 
ATOM   8    O O   . VAL A 1 4   ? -8.243  -1.393  -12.573 1.00 42.16 ? 97  VAL A O   1 
ATOM   9    C CB  . VAL A 1 4   ? -10.132 -3.181  -13.898 1.00 64.83 ? 97  VAL A CB  1 
ATOM   10   C CG1 . VAL A 1 4   ? -11.042 -3.346  -12.681 1.00 61.30 ? 97  VAL A CG1 1 
ATOM   11   C CG2 . VAL A 1 4   ? -10.689 -3.901  -15.123 1.00 70.36 ? 97  VAL A CG2 1 
ATOM   12   N N   . PRO A 1 5   ? -10.088 -0.154  -12.277 1.00 43.70 ? 98  PRO A N   1 
ATOM   13   C CA  . PRO A 1 5   ? -9.521  0.477   -11.064 1.00 46.69 ? 98  PRO A CA  1 
ATOM   14   C C   . PRO A 1 5   ? -9.135  -0.531  -9.990  1.00 42.99 ? 98  PRO A C   1 
ATOM   15   O O   . PRO A 1 5   ? -9.632  -1.660  -9.994  1.00 36.38 ? 98  PRO A O   1 
ATOM   16   C CB  . PRO A 1 5   ? -10.618 1.433   -10.580 1.00 48.94 ? 98  PRO A CB  1 
ATOM   17   C CG  . PRO A 1 5   ? -11.642 1.487   -11.678 1.00 50.21 ? 98  PRO A CG  1 
ATOM   18   C CD  . PRO A 1 5   ? -11.430 0.342   -12.614 1.00 44.17 ? 98  PRO A CD  1 
ATOM   19   N N   . THR A 1 6   ? -8.189  -0.141  -9.131  1.00 39.73 ? 99  THR A N   1 
ATOM   20   C CA  . THR A 1 6   ? -7.820  -0.930  -7.944  1.00 39.99 ? 99  THR A CA  1 
ATOM   21   C C   . THR A 1 6   ? -8.030  -0.187  -6.617  1.00 34.38 ? 99  THR A C   1 
ATOM   22   O O   . THR A 1 6   ? -7.983  1.030   -6.581  1.00 32.29 ? 99  THR A O   1 
ATOM   23   C CB  . THR A 1 6   ? -6.381  -1.445  -8.029  1.00 41.62 ? 99  THR A CB  1 
ATOM   24   O OG1 . THR A 1 6   ? -5.465  -0.340  -8.044  1.00 36.17 ? 99  THR A OG1 1 
ATOM   25   C CG2 . THR A 1 6   ? -6.204  -2.293  -9.284  1.00 40.15 ? 99  THR A CG2 1 
ATOM   26   N N   . TYR A 1 7   ? -8.253  -0.949  -5.537  1.00 30.09 ? 100 TYR A N   1 
ATOM   27   C CA  . TYR A 1 7   ? -8.635  -0.399  -4.243  1.00 31.31 ? 100 TYR A CA  1 
ATOM   28   C C   . TYR A 1 7   ? -7.896  -1.190  -3.202  1.00 28.09 ? 100 TYR A C   1 
ATOM   29   O O   . TYR A 1 7   ? -7.725  -2.406  -3.338  1.00 27.72 ? 100 TYR A O   1 
ATOM   30   C CB  . TYR A 1 7   ? -10.196 -0.474  -3.986  1.00 34.74 ? 100 TYR A CB  1 
ATOM   31   C CG  . TYR A 1 7   ? -10.977 0.355   -5.003  1.00 32.84 ? 100 TYR A CG  1 
ATOM   32   C CD1 . TYR A 1 7   ? -11.005 1.734   -4.901  1.00 35.68 ? 100 TYR A CD1 1 
ATOM   33   C CD2 . TYR A 1 7   ? -11.584 -0.245  -6.118  1.00 36.72 ? 100 TYR A CD2 1 
ATOM   34   C CE1 . TYR A 1 7   ? -11.625 2.522   -5.857  1.00 38.53 ? 100 TYR A CE1 1 
ATOM   35   C CE2 . TYR A 1 7   ? -12.244 0.513   -7.079  1.00 37.12 ? 100 TYR A CE2 1 
ATOM   36   C CZ  . TYR A 1 7   ? -12.257 1.890   -6.948  1.00 40.99 ? 100 TYR A CZ  1 
ATOM   37   O OH  . TYR A 1 7   ? -12.898 2.662   -7.854  1.00 43.32 ? 100 TYR A OH  1 
ATOM   38   N N   . GLY A 1 8   ? -7.470  -0.520  -2.149  1.00 26.78 ? 101 GLY A N   1 
ATOM   39   C CA  . GLY A 1 8   ? -6.811  -1.220  -1.021  1.00 25.51 ? 101 GLY A CA  1 
ATOM   40   C C   . GLY A 1 8   ? -6.620  -0.266  0.146   1.00 23.51 ? 101 GLY A C   1 
ATOM   41   O O   . GLY A 1 8   ? -7.422  0.639   0.328   1.00 26.37 ? 101 GLY A O   1 
ATOM   42   N N   . ALA A 1 9   ? -5.576  -0.465  0.937   1.00 23.70 ? 102 ALA A N   1 
ATOM   43   C CA  . ALA A 1 9   ? -5.360  0.342   2.165   1.00 22.52 ? 102 ALA A CA  1 
ATOM   44   C C   . ALA A 1 9   ? -3.890  0.601   2.497   1.00 23.27 ? 102 ALA A C   1 
ATOM   45   O O   . ALA A 1 9   ? -2.989  -0.235  2.156   1.00 21.40 ? 102 ALA A O   1 
ATOM   46   C CB  . ALA A 1 9   ? -6.007  -0.336  3.346   1.00 26.05 ? 102 ALA A CB  1 
ATOM   47   N N   . ILE A 1 10  ? -3.676  1.767   3.120   1.00 21.13 ? 103 ILE A N   1 
ATOM   48   C CA  . ILE A 1 10  ? -2.448  2.160   3.830   1.00 19.45 ? 103 ILE A CA  1 
ATOM   49   C C   . ILE A 1 10  ? -2.762  2.081   5.292   1.00 18.92 ? 103 ILE A C   1 
ATOM   50   O O   . ILE A 1 10  ? -3.515  2.935   5.880   1.00 22.12 ? 103 ILE A O   1 
ATOM   51   C CB  . ILE A 1 10  ? -1.993  3.586   3.496   1.00 20.60 ? 103 ILE A CB  1 
ATOM   52   C CG1 . ILE A 1 10  ? -1.700  3.705   2.042   1.00 21.46 ? 103 ILE A CG1 1 
ATOM   53   C CG2 . ILE A 1 10  ? -0.786  3.971   4.347   1.00 22.95 ? 103 ILE A CG2 1 
ATOM   54   C CD1 . ILE A 1 10  ? -1.498  5.138   1.517   1.00 22.86 ? 103 ILE A CD1 1 
ATOM   55   N N   . ILE A 1 11  ? -2.256  1.050   5.910   1.00 20.78 ? 104 ILE A N   1 
ATOM   56   C CA  . ILE A 1 11  ? -2.517  0.756   7.316   1.00 21.30 ? 104 ILE A CA  1 
ATOM   57   C C   . ILE A 1 11  ? -1.303  1.289   8.099   1.00 21.78 ? 104 ILE A C   1 
ATOM   58   O O   . ILE A 1 11  ? -0.184  0.897   7.802   1.00 21.99 ? 104 ILE A O   1 
ATOM   59   C CB  . ILE A 1 11  ? -2.679  -0.749  7.547   1.00 21.56 ? 104 ILE A CB  1 
ATOM   60   C CG1 . ILE A 1 11  ? -4.021  -1.206  6.975   1.00 23.41 ? 104 ILE A CG1 1 
ATOM   61   C CG2 . ILE A 1 11  ? -2.643  -1.111  9.037   1.00 24.25 ? 104 ILE A CG2 1 
ATOM   62   C CD1 . ILE A 1 11  ? -4.167  -2.694  6.848   1.00 24.30 ? 104 ILE A CD1 1 
ATOM   63   N N   . LEU A 1 12  ? -1.540  2.142   9.095   1.00 21.98 ? 105 LEU A N   1 
ATOM   64   C CA  . LEU A 1 12  ? -0.496  2.660   10.018  1.00 24.10 ? 105 LEU A CA  1 
ATOM   65   C C   . LEU A 1 12  ? -0.705  2.168   11.448  1.00 25.74 ? 105 LEU A C   1 
ATOM   66   O O   . LEU A 1 12  ? -1.785  1.769   11.831  1.00 24.48 ? 105 LEU A O   1 
ATOM   67   C CB  . LEU A 1 12  ? -0.457  4.182   10.048  1.00 26.66 ? 105 LEU A CB  1 
ATOM   68   C CG  . LEU A 1 12  ? -0.237  4.851   8.669   1.00 31.51 ? 105 LEU A CG  1 
ATOM   69   C CD1 . LEU A 1 12  ? -1.545  5.272   8.025   1.00 36.68 ? 105 LEU A CD1 1 
ATOM   70   C CD2 . LEU A 1 12  ? 0.631   6.096   8.770   1.00 37.03 ? 105 LEU A CD2 1 
ATOM   71   N N   . ASP A 1 13  ? 0.381   2.205   12.226  1.00 25.77 ? 106 ASP A N   1 
ATOM   72   C CA  . ASP A 1 13  ? 0.341   1.787   13.597  1.00 27.62 ? 106 ASP A CA  1 
ATOM   73   C C   . ASP A 1 13  ? -0.122  2.950   14.449  1.00 28.38 ? 106 ASP A C   1 
ATOM   74   O O   . ASP A 1 13  ? -0.568  4.004   13.945  1.00 22.57 ? 106 ASP A O   1 
ATOM   75   C CB  . ASP A 1 13  ? 1.699   1.203   14.015  1.00 30.40 ? 106 ASP A CB  1 
ATOM   76   C CG  . ASP A 1 13  ? 2.834   2.270   14.118  1.00 30.84 ? 106 ASP A CG  1 
ATOM   77   O OD1 . ASP A 1 13  ? 2.831   3.374   13.520  1.00 31.43 ? 106 ASP A OD1 1 
ATOM   78   O OD2 . ASP A 1 13  ? 3.787   1.924   14.758  1.00 37.71 ? 106 ASP A OD2 1 
ATOM   79   N N   . GLU A 1 14  ? -0.031  2.761   15.745  1.00 27.55 ? 107 GLU A N   1 
ATOM   80   C CA  . GLU A 1 14  ? -0.517  3.778   16.686  1.00 32.60 ? 107 GLU A CA  1 
ATOM   81   C C   . GLU A 1 14  ? 0.384   4.997   16.797  1.00 30.90 ? 107 GLU A C   1 
ATOM   82   O O   . GLU A 1 14  ? -0.109  6.061   17.150  1.00 29.79 ? 107 GLU A O   1 
ATOM   83   C CB  . GLU A 1 14  ? -0.798  3.188   18.092  1.00 38.82 ? 107 GLU A CB  1 
ATOM   84   C CG  . GLU A 1 14  ? 0.386   2.562   18.797  1.00 44.75 ? 107 GLU A CG  1 
ATOM   85   C CD  . GLU A 1 14  ? 0.439   1.056   18.602  1.00 55.35 ? 107 GLU A CD  1 
ATOM   86   O OE1 . GLU A 1 14  ? 0.688   0.585   17.462  1.00 54.42 ? 107 GLU A OE1 1 
ATOM   87   O OE2 . GLU A 1 14  ? 0.234   0.322   19.585  1.00 71.95 ? 107 GLU A OE2 1 
ATOM   88   N N   . THR A 1 15  ? 1.677   4.854   16.469  1.00 26.96 ? 108 THR A N   1 
ATOM   89   C CA  . THR A 1 15  ? 2.647   5.936   16.582  1.00 28.29 ? 108 THR A CA  1 
ATOM   90   C C   . THR A 1 15  ? 2.613   6.789   15.339  1.00 27.82 ? 108 THR A C   1 
ATOM   91   O O   . THR A 1 15  ? 3.185   7.895   15.327  1.00 27.20 ? 108 THR A O   1 
ATOM   92   C CB  . THR A 1 15  ? 4.091   5.435   16.788  1.00 36.45 ? 108 THR A CB  1 
ATOM   93   O OG1 . THR A 1 15  ? 4.605   4.857   15.581  1.00 35.08 ? 108 THR A OG1 1 
ATOM   94   C CG2 . THR A 1 15  ? 4.188   4.380   17.886  1.00 38.59 ? 108 THR A CG2 1 
ATOM   95   N N   . LEU A 1 16  ? 1.962   6.285   14.286  1.00 28.29 ? 109 LEU A N   1 
ATOM   96   C CA  . LEU A 1 16  ? 2.031   6.922   12.949  1.00 29.43 ? 109 LEU A CA  1 
ATOM   97   C C   . LEU A 1 16  ? 3.416   6.891   12.238  1.00 32.06 ? 109 LEU A C   1 
ATOM   98   O O   . LEU A 1 16  ? 3.584   7.605   11.223  1.00 33.42 ? 109 LEU A O   1 
ATOM   99   C CB  . LEU A 1 16  ? 1.463   8.352   12.966  1.00 27.77 ? 109 LEU A CB  1 
ATOM   100  C CG  . LEU A 1 16  ? 0.098   8.586   13.635  1.00 29.17 ? 109 LEU A CG  1 
ATOM   101  C CD1 . LEU A 1 16  ? -0.244  10.052  13.795  1.00 31.82 ? 109 LEU A CD1 1 
ATOM   102  C CD2 . LEU A 1 16  ? -0.990  7.858   12.832  1.00 31.77 ? 109 LEU A CD2 1 
ATOM   103  N N   A GLU A 1 17  ? 4.341   6.069   12.766  0.25 31.75 ? 110 GLU A N   1 
ATOM   104  N N   B GLU A 1 17  ? 4.363   6.082   12.709  0.25 32.96 ? 110 GLU A N   1 
ATOM   105  C CA  A GLU A 1 17  ? 5.713   5.912   12.259  0.25 34.00 ? 110 GLU A CA  1 
ATOM   106  C CA  B GLU A 1 17  ? 5.692   6.023   12.089  0.25 36.08 ? 110 GLU A CA  1 
ATOM   107  C C   A GLU A 1 17  ? 5.831   4.859   11.140  0.25 32.84 ? 110 GLU A C   1 
ATOM   108  C C   B GLU A 1 17  ? 5.939   4.770   11.223  0.25 33.92 ? 110 GLU A C   1 
ATOM   109  O O   A GLU A 1 17  ? 6.646   5.022   10.217  0.25 30.53 ? 110 GLU A O   1 
ATOM   110  O O   B GLU A 1 17  ? 6.984   4.688   10.563  0.25 31.39 ? 110 GLU A O   1 
ATOM   111  C CB  A GLU A 1 17  ? 6.677   5.447   13.380  0.25 34.58 ? 110 GLU A CB  1 
ATOM   112  C CB  B GLU A 1 17  ? 6.772   6.119   13.171  0.25 38.82 ? 110 GLU A CB  1 
ATOM   113  C CG  A GLU A 1 17  ? 7.061   6.471   14.445  0.25 36.49 ? 110 GLU A CG  1 
ATOM   114  C CG  B GLU A 1 17  ? 6.521   7.243   14.156  0.25 42.57 ? 110 GLU A CG  1 
ATOM   115  C CD  A GLU A 1 17  ? 7.815   5.855   15.629  0.25 37.45 ? 110 GLU A CD  1 
ATOM   116  C CD  B GLU A 1 17  ? 7.186   8.541   13.762  0.25 43.55 ? 110 GLU A CD  1 
ATOM   117  O OE1 A GLU A 1 17  ? 7.251   4.975   16.323  0.25 35.00 ? 110 GLU A OE1 1 
ATOM   118  O OE1 B GLU A 1 17  ? 8.391   8.684   14.023  0.25 46.37 ? 110 GLU A OE1 1 
ATOM   119  O OE2 A GLU A 1 17  ? 8.969   6.273   15.883  0.25 36.24 ? 110 GLU A OE2 1 
ATOM   120  O OE2 B GLU A 1 17  ? 6.492   9.426   13.230  0.25 46.08 ? 110 GLU A OE2 1 
ATOM   121  N N   . ASN A 1 18  ? 5.009   3.806   11.248  1.00 30.76 ? 111 ASN A N   1 
ATOM   122  C CA  . ASN A 1 18  ? 5.120   2.574   10.480  1.00 29.26 ? 111 ASN A CA  1 
ATOM   123  C C   . ASN A 1 18  ? 3.884   2.284   9.615   1.00 30.22 ? 111 ASN A C   1 
ATOM   124  O O   . ASN A 1 18  ? 2.751   2.569   10.018  1.00 29.87 ? 111 ASN A O   1 
ATOM   125  C CB  . ASN A 1 18  ? 5.360   1.424   11.485  1.00 29.20 ? 111 ASN A CB  1 
ATOM   126  C CG  . ASN A 1 18  ? 6.643   1.647   12.331  1.00 33.13 ? 111 ASN A CG  1 
ATOM   127  O OD1 . ASN A 1 18  ? 7.750   1.710   11.803  1.00 33.76 ? 111 ASN A OD1 1 
ATOM   128  N ND2 . ASN A 1 18  ? 6.478   1.801   13.629  1.00 33.07 ? 111 ASN A ND2 1 
ATOM   129  N N   . VAL A 1 19  ? 4.117   1.667   8.443   1.00 27.25 ? 112 VAL A N   1 
ATOM   130  C CA  . VAL A 1 19  ? 3.082   1.265   7.502   1.00 24.23 ? 112 VAL A CA  1 
ATOM   131  C C   . VAL A 1 19  ? 3.211   -0.200  7.236   1.00 23.91 ? 112 VAL A C   1 
ATOM   132  O O   . VAL A 1 19  ? 4.350   -0.745  7.270   1.00 22.61 ? 112 VAL A O   1 
ATOM   133  C CB  . VAL A 1 19  ? 3.181   1.967   6.104   1.00 24.62 ? 112 VAL A CB  1 
ATOM   134  C CG1 . VAL A 1 19  ? 2.815   3.390   6.241   1.00 28.75 ? 112 VAL A CG1 1 
ATOM   135  C CG2 . VAL A 1 19  ? 4.555   1.811   5.447   1.00 23.72 ? 112 VAL A CG2 1 
ATOM   136  N N   . LEU A 1 20  ? 2.083   -0.809  6.847   1.00 22.66 ? 113 LEU A N   1 
ATOM   137  C CA  . LEU A 1 20  ? 2.033   -2.268  6.535   1.00 25.70 ? 113 LEU A CA  1 
ATOM   138  C C   . LEU A 1 20  ? 2.169   -2.550  5.005   1.00 23.76 ? 113 LEU A C   1 
ATOM   139  O O   . LEU A 1 20  ? 1.353   -2.077  4.231   1.00 25.66 ? 113 LEU A O   1 
ATOM   140  C CB  . LEU A 1 20  ? 0.733   -2.942  7.105   1.00 26.20 ? 113 LEU A CB  1 
ATOM   141  C CG  . LEU A 1 20  ? 0.737   -4.491  7.223   1.00 27.93 ? 113 LEU A CG  1 
ATOM   142  C CD1 . LEU A 1 20  ? 1.605   -4.960  8.389   1.00 26.03 ? 113 LEU A CD1 1 
ATOM   143  C CD2 . LEU A 1 20  ? -0.653  -5.104  7.405   1.00 29.64 ? 113 LEU A CD2 1 
ATOM   144  N N   . LEU A 1 21  ? 3.231   -3.287  4.605   1.00 21.68 ? 114 LEU A N   1 
ATOM   145  C CA  . LEU A 1 21  ? 3.448   -3.697  3.253   1.00 24.27 ? 114 LEU A CA  1 
ATOM   146  C C   . LEU A 1 21  ? 3.368   -5.232  3.134   1.00 25.09 ? 114 LEU A C   1 
ATOM   147  O O   . LEU A 1 21  ? 3.577   -5.942  4.100   1.00 26.74 ? 114 LEU A O   1 
ATOM   148  C CB  . LEU A 1 21  ? 4.795   -3.199  2.727   1.00 24.13 ? 114 LEU A CB  1 
ATOM   149  C CG  . LEU A 1 21  ? 5.114   -1.693  2.824   1.00 26.26 ? 114 LEU A CG  1 
ATOM   150  C CD1 . LEU A 1 21  ? 6.391   -1.357  2.095   1.00 28.07 ? 114 LEU A CD1 1 
ATOM   151  C CD2 . LEU A 1 21  ? 3.979   -0.903  2.197   1.00 29.31 ? 114 LEU A CD2 1 
ATOM   152  N N   . VAL A 1 22  ? 2.979   -5.681  1.951   1.00 23.52 ? 115 VAL A N   1 
ATOM   153  C CA  . VAL A 1 22  ? 2.958   -7.102  1.598   1.00 24.94 ? 115 VAL A CA  1 
ATOM   154  C C   . VAL A 1 22  ? 3.899   -7.382  0.430   1.00 25.72 ? 115 VAL A C   1 
ATOM   155  O O   . VAL A 1 22  ? 4.101   -6.523  -0.450  1.00 21.81 ? 115 VAL A O   1 
ATOM   156  C CB  . VAL A 1 22  ? 1.545   -7.581  1.253   1.00 25.02 ? 115 VAL A CB  1 
ATOM   157  C CG1 . VAL A 1 22  ? 0.653   -7.395  2.456   1.00 26.06 ? 115 VAL A CG1 1 
ATOM   158  C CG2 . VAL A 1 22  ? 0.974   -6.850  0.054   1.00 25.24 ? 115 VAL A CG2 1 
ATOM   159  N N   . GLN A 1 23  ? 4.497   -8.564  0.443   1.00 25.46 ? 116 GLN A N   1 
ATOM   160  C CA  . GLN A 1 23  ? 5.415   -9.021  -0.626  1.00 24.64 ? 116 GLN A CA  1 
ATOM   161  C C   . GLN A 1 23  ? 4.729   -10.160 -1.424  1.00 27.31 ? 116 GLN A C   1 
ATOM   162  O O   . GLN A 1 23  ? 4.256   -11.174 -0.832  1.00 26.32 ? 116 GLN A O   1 
ATOM   163  C CB  . GLN A 1 23  ? 6.712   -9.470  0.003   1.00 23.92 ? 116 GLN A CB  1 
ATOM   164  C CG  . GLN A 1 23  ? 7.793   -9.957  -0.951  1.00 25.78 ? 116 GLN A CG  1 
ATOM   165  C CD  . GLN A 1 23  ? 9.063   -10.407 -0.239  1.00 27.25 ? 116 GLN A CD  1 
ATOM   166  O OE1 . GLN A 1 23  ? 9.021   -11.058 0.815   1.00 28.99 ? 116 GLN A OE1 1 
ATOM   167  N NE2 . GLN A 1 23  ? 10.195  -10.072 -0.820  1.00 26.67 ? 116 GLN A NE2 1 
ATOM   168  N N   . GLY A 1 24  ? 4.628   -9.998  -2.738  1.00 26.06 ? 117 GLY A N   1 
ATOM   169  C CA  . GLY A 1 24  ? 4.067   -11.089 -3.575  1.00 33.63 ? 117 GLY A CA  1 
ATOM   170  C C   . GLY A 1 24  ? 5.171   -11.957 -4.221  1.00 30.71 ? 117 GLY A C   1 
ATOM   171  O O   . GLY A 1 24  ? 6.317   -11.961 -3.783  1.00 30.91 ? 117 GLY A O   1 
ATOM   172  N N   . TYR A 1 25  ? 4.815   -12.590 -5.322  1.00 32.31 ? 118 TYR A N   1 
ATOM   173  C CA  . TYR A 1 25  ? 5.688   -13.524 -6.076  1.00 32.55 ? 118 TYR A CA  1 
ATOM   174  C C   . TYR A 1 25  ? 5.793   -13.061 -7.526  1.00 36.21 ? 118 TYR A C   1 
ATOM   175  O O   . TYR A 1 25  ? 4.912   -12.340 -8.037  1.00 35.19 ? 118 TYR A O   1 
ATOM   176  C CB  . TYR A 1 25  ? 5.071   -14.930 -6.054  1.00 32.70 ? 118 TYR A CB  1 
ATOM   177  C CG  . TYR A 1 25  ? 5.128   -15.646 -4.680  1.00 31.66 ? 118 TYR A CG  1 
ATOM   178  C CD1 . TYR A 1 25  ? 6.343   -15.958 -4.085  1.00 34.54 ? 118 TYR A CD1 1 
ATOM   179  C CD2 . TYR A 1 25  ? 3.983   -15.956 -3.977  1.00 30.21 ? 118 TYR A CD2 1 
ATOM   180  C CE1 . TYR A 1 25  ? 6.398   -16.605 -2.843  1.00 32.80 ? 118 TYR A CE1 1 
ATOM   181  C CE2 . TYR A 1 25  ? 4.039   -16.549 -2.728  1.00 31.67 ? 118 TYR A CE2 1 
ATOM   182  C CZ  . TYR A 1 25  ? 5.249   -16.895 -2.179  1.00 32.46 ? 118 TYR A CZ  1 
ATOM   183  O OH  . TYR A 1 25  ? 5.367   -17.515 -0.972  1.00 34.42 ? 118 TYR A OH  1 
ATOM   184  N N   . LEU A 1 26  ? 6.884   -13.471 -8.169  1.00 38.69 ? 119 LEU A N   1 
ATOM   185  C CA  . LEU A 1 26  ? 7.035   -13.404 -9.615  1.00 40.43 ? 119 LEU A CA  1 
ATOM   186  C C   . LEU A 1 26  ? 7.016   -11.951 -10.120 1.00 42.39 ? 119 LEU A C   1 
ATOM   187  O O   . LEU A 1 26  ? 7.897   -11.187 -9.754  1.00 41.44 ? 119 LEU A O   1 
ATOM   188  C CB  . LEU A 1 26  ? 5.988   -14.311 -10.314 1.00 41.41 ? 119 LEU A CB  1 
ATOM   189  C CG  . LEU A 1 26  ? 6.025   -15.846 -9.993  1.00 45.03 ? 119 LEU A CG  1 
ATOM   190  C CD1 . LEU A 1 26  ? 4.826   -16.628 -10.550 1.00 40.12 ? 119 LEU A CD1 1 
ATOM   191  C CD2 . LEU A 1 26  ? 7.350   -16.460 -10.454 1.00 47.99 ? 119 LEU A CD2 1 
ATOM   192  N N   . ALA A 1 27  ? 6.019   -11.562 -10.913 1.00 43.58 ? 120 ALA A N   1 
ATOM   193  C CA  . ALA A 1 27  ? 5.877   -10.178 -11.362 1.00 47.84 ? 120 ALA A CA  1 
ATOM   194  C C   . ALA A 1 27  ? 5.637   -9.194  -10.185 1.00 46.76 ? 120 ALA A C   1 
ATOM   195  O O   . ALA A 1 27  ? 6.052   -8.044  -10.250 1.00 49.89 ? 120 ALA A O   1 
ATOM   196  C CB  . ALA A 1 27  ? 4.752   -10.074 -12.407 1.00 50.15 ? 120 ALA A CB  1 
ATOM   197  N N   . LYS A 1 28  ? 5.027   -9.678  -9.104  1.00 45.03 ? 121 LYS A N   1 
ATOM   198  C CA  . LYS A 1 28  ? 4.772   -8.892  -7.908  1.00 43.04 ? 121 LYS A CA  1 
ATOM   199  C C   . LYS A 1 28  ? 5.735   -9.261  -6.763  1.00 40.30 ? 121 LYS A C   1 
ATOM   200  O O   . LYS A 1 28  ? 5.371   -9.240  -5.592  1.00 43.06 ? 121 LYS A O   1 
ATOM   201  C CB  . LYS A 1 28  ? 3.329   -9.122  -7.494  1.00 49.36 ? 121 LYS A CB  1 
ATOM   202  C CG  . LYS A 1 28  ? 2.306   -8.710  -8.531  1.00 55.97 ? 121 LYS A CG  1 
ATOM   203  C CD  . LYS A 1 28  ? 0.914   -8.879  -7.955  1.00 65.95 ? 121 LYS A CD  1 
ATOM   204  C CE  . LYS A 1 28  ? -0.146  -8.245  -8.851  1.00 77.60 ? 121 LYS A CE  1 
ATOM   205  N NZ  . LYS A 1 28  ? -1.517  -8.730  -8.510  1.00 78.19 ? 121 LYS A NZ  1 
ATOM   206  N N   . SER A 1 29  ? 6.974   -9.551  -7.131  1.00 40.40 ? 122 SER A N   1 
ATOM   207  C CA  . SER A 1 29  ? 8.014   -10.019 -6.233  1.00 45.41 ? 122 SER A CA  1 
ATOM   208  C C   . SER A 1 29  ? 8.546   -9.073  -5.109  1.00 45.30 ? 122 SER A C   1 
ATOM   209  O O   . SER A 1 29  ? 9.111   -9.551  -4.064  1.00 53.09 ? 122 SER A O   1 
ATOM   210  C CB  . SER A 1 29  ? 9.221   -10.491 -7.048  1.00 39.91 ? 122 SER A CB  1 
ATOM   211  O OG  . SER A 1 29  ? 10.004  -11.179 -6.138  1.00 53.26 ? 122 SER A OG  1 
ATOM   212  N N   . GLY A 1 30  ? 8.400   -7.775  -5.316  1.00 37.02 ? 123 GLY A N   1 
ATOM   213  C CA  . GLY A 1 30  ? 8.774   -6.770  -4.292  1.00 37.18 ? 123 GLY A CA  1 
ATOM   214  C C   . GLY A 1 30  ? 7.654   -6.469  -3.283  1.00 35.58 ? 123 GLY A C   1 
ATOM   215  O O   . GLY A 1 30  ? 6.715   -7.263  -3.072  1.00 30.28 ? 123 GLY A O   1 
ATOM   216  N N   . TRP A 1 31  ? 7.804   -5.321  -2.622  1.00 29.86 ? 124 TRP A N   1 
ATOM   217  C CA  . TRP A 1 31  ? 6.933   -4.923  -1.557  1.00 26.41 ? 124 TRP A CA  1 
ATOM   218  C C   . TRP A 1 31  ? 5.972   -3.854  -2.042  1.00 26.34 ? 124 TRP A C   1 
ATOM   219  O O   . TRP A 1 31  ? 6.397   -2.917  -2.748  1.00 31.40 ? 124 TRP A O   1 
ATOM   220  C CB  . TRP A 1 31  ? 7.749   -4.364  -0.400  1.00 27.75 ? 124 TRP A CB  1 
ATOM   221  C CG  . TRP A 1 31  ? 8.530   -5.360  0.340   1.00 26.98 ? 124 TRP A CG  1 
ATOM   222  C CD1 . TRP A 1 31  ? 9.827   -5.684  0.129   1.00 27.44 ? 124 TRP A CD1 1 
ATOM   223  C CD2 . TRP A 1 31  ? 8.059   -6.231  1.390   1.00 26.28 ? 124 TRP A CD2 1 
ATOM   224  N NE1 . TRP A 1 31  ? 10.213  -6.667  1.000   1.00 26.79 ? 124 TRP A NE1 1 
ATOM   225  C CE2 . TRP A 1 31  ? 9.149   -7.048  1.770   1.00 26.70 ? 124 TRP A CE2 1 
ATOM   226  C CE3 . TRP A 1 31  ? 6.837   -6.394  2.039   1.00 23.96 ? 124 TRP A CE3 1 
ATOM   227  C CZ2 . TRP A 1 31  ? 9.068   -7.988  2.823   1.00 26.00 ? 124 TRP A CZ2 1 
ATOM   228  C CZ3 . TRP A 1 31  ? 6.746   -7.373  3.080   1.00 25.05 ? 124 TRP A CZ3 1 
ATOM   229  C CH2 . TRP A 1 31  ? 7.848   -8.144  3.440   1.00 26.05 ? 124 TRP A CH2 1 
ATOM   230  N N   . GLY A 1 32  ? 4.695   -3.959  -1.632  1.00 25.88 ? 125 GLY A N   1 
ATOM   231  C CA  . GLY A 1 32  ? 3.633   -2.977  -1.962  1.00 23.23 ? 125 GLY A CA  1 
ATOM   232  C C   . GLY A 1 32  ? 2.527   -2.904  -0.954  1.00 25.03 ? 125 GLY A C   1 
ATOM   233  O O   . GLY A 1 32  ? 2.529   -3.728  -0.023  1.00 22.59 ? 125 GLY A O   1 
ATOM   234  N N   . PHE A 1 33  ? 1.624   -1.898  -1.109  1.00 22.44 ? 126 PHE A N   1 
ATOM   235  C CA  . PHE A 1 33  ? 0.428   -1.799  -0.315  1.00 24.18 ? 126 PHE A CA  1 
ATOM   236  C C   . PHE A 1 33  ? -0.584  -2.881  -0.808  1.00 25.38 ? 126 PHE A C   1 
ATOM   237  O O   . PHE A 1 33  ? -0.675  -3.159  -2.020  1.00 22.68 ? 126 PHE A O   1 
ATOM   238  C CB  . PHE A 1 33  ? -0.209  -0.420  -0.389  1.00 21.54 ? 126 PHE A CB  1 
ATOM   239  C CG  . PHE A 1 33  ? 0.632   0.634   0.217   1.00 22.42 ? 126 PHE A CG  1 
ATOM   240  C CD1 . PHE A 1 33  ? 0.763   0.709   1.568   1.00 25.13 ? 126 PHE A CD1 1 
ATOM   241  C CD2 . PHE A 1 33  ? 1.378   1.465   -0.567  1.00 24.14 ? 126 PHE A CD2 1 
ATOM   242  C CE1 . PHE A 1 33  ? 1.573   1.635   2.153   1.00 26.03 ? 126 PHE A CE1 1 
ATOM   243  C CE2 . PHE A 1 33  ? 2.226   2.382   -0.009  1.00 26.73 ? 126 PHE A CE2 1 
ATOM   244  C CZ  . PHE A 1 33  ? 2.305   2.490   1.360   1.00 26.55 ? 126 PHE A CZ  1 
ATOM   245  N N   . PRO A 1 34  ? -1.285  -3.505  0.143   1.00 24.41 ? 127 PRO A N   1 
ATOM   246  C CA  . PRO A 1 34  ? -2.332  -4.479  -0.211  1.00 26.40 ? 127 PRO A CA  1 
ATOM   247  C C   . PRO A 1 34  ? -3.496  -3.828  -0.973  1.00 26.50 ? 127 PRO A C   1 
ATOM   248  O O   . PRO A 1 34  ? -4.128  -2.896  -0.465  1.00 28.16 ? 127 PRO A O   1 
ATOM   249  C CB  . PRO A 1 34  ? -2.756  -5.080  1.162   1.00 25.70 ? 127 PRO A CB  1 
ATOM   250  C CG  . PRO A 1 34  ? -2.383  -4.048  2.167   1.00 27.21 ? 127 PRO A CG  1 
ATOM   251  C CD  . PRO A 1 34  ? -1.197  -3.281  1.600   1.00 23.39 ? 127 PRO A CD  1 
ATOM   252  N N   . LYS A 1 35  ? -3.732  -4.300  -2.208  1.00 28.08 ? 128 LYS A N   1 
ATOM   253  C CA  . LYS A 1 35  ? -4.771  -3.777  -3.110  1.00 30.60 ? 128 LYS A CA  1 
ATOM   254  C C   . LYS A 1 35  ? -5.110  -4.759  -4.235  1.00 31.10 ? 128 LYS A C   1 
ATOM   255  O O   . LYS A 1 35  ? -4.359  -5.720  -4.464  1.00 30.41 ? 128 LYS A O   1 
ATOM   256  C CB  . LYS A 1 35  ? -4.315  -2.447  -3.759  1.00 32.17 ? 128 LYS A CB  1 
ATOM   257  C CG  . LYS A 1 35  ? -3.072  -2.500  -4.651  1.00 30.48 ? 128 LYS A CG  1 
ATOM   258  C CD  . LYS A 1 35  ? -2.810  -1.098  -5.194  1.00 39.30 ? 128 LYS A CD  1 
ATOM   259  C CE  . LYS A 1 35  ? -1.587  -0.977  -6.107  1.00 42.85 ? 128 LYS A CE  1 
ATOM   260  N NZ  . LYS A 1 35  ? -1.696  -1.892  -7.261  1.00 50.35 ? 128 LYS A NZ  1 
ATOM   261  N N   . GLY A 1 36  ? -6.196  -4.504  -4.957  1.00 30.88 ? 129 GLY A N   1 
ATOM   262  C CA  . GLY A 1 36  ? -6.565  -5.354  -6.118  1.00 32.45 ? 129 GLY A CA  1 
ATOM   263  C C   . GLY A 1 36  ? -7.708  -4.820  -6.979  1.00 34.29 ? 129 GLY A C   1 
ATOM   264  O O   . GLY A 1 36  ? -8.353  -3.792  -6.651  1.00 33.81 ? 129 GLY A O   1 
ATOM   265  N N   . LYS A 1 37  ? -7.987  -5.526  -8.074  1.00 36.30 ? 130 LYS A N   1 
ATOM   266  C CA  . LYS A 1 37  ? -8.950  -5.052  -9.081  1.00 41.53 ? 130 LYS A CA  1 
ATOM   267  C C   . LYS A 1 37  ? -10.378 -5.143  -8.573  1.00 38.52 ? 130 LYS A C   1 
ATOM   268  O O   . LYS A 1 37  ? -10.712 -6.052  -7.818  1.00 39.68 ? 130 LYS A O   1 
ATOM   269  C CB  . LYS A 1 37  ? -8.760  -5.784  -10.424 1.00 50.12 ? 130 LYS A CB  1 
ATOM   270  C CG  . LYS A 1 37  ? -7.642  -5.182  -11.292 1.00 53.49 ? 130 LYS A CG  1 
ATOM   271  C CD  . LYS A 1 37  ? -7.452  -5.934  -12.612 1.00 60.57 ? 130 LYS A CD  1 
ATOM   272  N N   . VAL A 1 38  ? -11.184 -4.139  -8.913  1.00 35.74 ? 131 VAL A N   1 
ATOM   273  C CA  . VAL A 1 38  ? -12.586 -4.121  -8.535  1.00 42.05 ? 131 VAL A CA  1 
ATOM   274  C C   . VAL A 1 38  ? -13.372 -5.154  -9.387  1.00 45.62 ? 131 VAL A C   1 
ATOM   275  O O   . VAL A 1 38  ? -13.107 -5.273  -10.602 1.00 42.21 ? 131 VAL A O   1 
ATOM   276  C CB  . VAL A 1 38  ? -13.184 -2.704  -8.653  1.00 43.62 ? 131 VAL A CB  1 
ATOM   277  C CG1 . VAL A 1 38  ? -13.288 -2.212  -10.118 1.00 47.26 ? 131 VAL A CG1 1 
ATOM   278  C CG2 . VAL A 1 38  ? -14.539 -2.641  -7.970  1.00 46.10 ? 131 VAL A CG2 1 
ATOM   279  N N   . ASN A 1 39  ? -14.267 -5.925  -8.738  1.00 50.63 ? 132 ASN A N   1 
ATOM   280  C CA  . ASN A 1 39  ? -15.216 -6.861  -9.435  1.00 49.51 ? 132 ASN A CA  1 
ATOM   281  C C   . ASN A 1 39  ? -16.394 -6.054  -10.048 1.00 51.31 ? 132 ASN A C   1 
ATOM   282  O O   . ASN A 1 39  ? -16.705 -4.970  -9.559  1.00 50.35 ? 132 ASN A O   1 
ATOM   283  C CB  . ASN A 1 39  ? -15.795 -7.893  -8.468  1.00 48.54 ? 132 ASN A CB  1 
ATOM   284  C CG  . ASN A 1 39  ? -14.769 -8.875  -7.924  1.00 47.42 ? 132 ASN A CG  1 
ATOM   285  O OD1 . ASN A 1 39  ? -13.791 -9.205  -8.554  1.00 56.18 ? 132 ASN A OD1 1 
ATOM   286  N ND2 . ASN A 1 39  ? -15.045 -9.398  -6.767  1.00 42.61 ? 132 ASN A ND2 1 
ATOM   287  N N   . LYS A 1 40  ? -17.060 -6.568  -11.097 1.00 58.45 ? 133 LYS A N   1 
ATOM   288  C CA  . LYS A 1 40  ? -18.234 -5.851  -11.720 1.00 56.85 ? 133 LYS A CA  1 
ATOM   289  C C   . LYS A 1 40  ? -19.384 -5.592  -10.724 1.00 52.11 ? 133 LYS A C   1 
ATOM   290  O O   . LYS A 1 40  ? -19.802 -6.504  -10.007 1.00 57.02 ? 133 LYS A O   1 
ATOM   291  C CB  . LYS A 1 40  ? -18.773 -6.617  -12.936 1.00 62.53 ? 133 LYS A CB  1 
ATOM   292  N N   . GLU A 1 41  ? -19.866 -4.349  -10.668 1.00 55.02 ? 134 GLU A N   1 
ATOM   293  C CA  . GLU A 1 41  ? -20.895 -3.901  -9.702  1.00 63.24 ? 134 GLU A CA  1 
ATOM   294  C C   . GLU A 1 41  ? -20.470 -3.801  -8.189  1.00 64.87 ? 134 GLU A C   1 
ATOM   295  O O   . GLU A 1 41  ? -21.286 -3.375  -7.374  1.00 66.35 ? 134 GLU A O   1 
ATOM   296  C CB  . GLU A 1 41  ? -22.196 -4.726  -9.850  1.00 63.71 ? 134 GLU A CB  1 
ATOM   297  N N   . GLU A 1 42  ? -19.214 -4.135  -7.830  1.00 58.81 ? 135 GLU A N   1 
ATOM   298  C CA  . GLU A 1 42  ? -18.695 -4.013  -6.437  1.00 48.74 ? 135 GLU A CA  1 
ATOM   299  C C   . GLU A 1 42  ? -18.350 -2.549  -6.134  1.00 45.68 ? 135 GLU A C   1 
ATOM   300  O O   . GLU A 1 42  ? -17.808 -1.856  -6.972  1.00 45.36 ? 135 GLU A O   1 
ATOM   301  C CB  . GLU A 1 42  ? -17.472 -4.933  -6.243  1.00 49.05 ? 135 GLU A CB  1 
ATOM   302  C CG  . GLU A 1 42  ? -16.770 -4.911  -4.873  1.00 46.13 ? 135 GLU A CG  1 
ATOM   303  C CD  . GLU A 1 42  ? -15.534 -5.793  -4.821  1.00 41.80 ? 135 GLU A CD  1 
ATOM   304  O OE1 . GLU A 1 42  ? -14.717 -5.728  -5.767  1.00 39.97 ? 135 GLU A OE1 1 
ATOM   305  O OE2 . GLU A 1 42  ? -15.368 -6.563  -3.829  1.00 42.12 ? 135 GLU A OE2 1 
ATOM   306  N N   . ALA A 1 43  ? -18.720 -2.088  -4.940  1.00 43.37 ? 136 ALA A N   1 
ATOM   307  C CA  . ALA A 1 43  ? -18.465 -0.728  -4.477  1.00 44.14 ? 136 ALA A CA  1 
ATOM   308  C C   . ALA A 1 43  ? -16.980 -0.537  -3.995  1.00 42.91 ? 136 ALA A C   1 
ATOM   309  O O   . ALA A 1 43  ? -16.386 -1.456  -3.438  1.00 38.25 ? 136 ALA A O   1 
ATOM   310  C CB  . ALA A 1 43  ? -19.392 -0.411  -3.319  1.00 43.45 ? 136 ALA A CB  1 
ATOM   311  N N   . PRO A 1 44  ? -16.431 0.661   -4.180  1.00 42.77 ? 137 PRO A N   1 
ATOM   312  C CA  . PRO A 1 44  ? -14.983 0.861   -3.873  1.00 43.01 ? 137 PRO A CA  1 
ATOM   313  C C   . PRO A 1 44  ? -14.578 0.496   -2.442  1.00 39.72 ? 137 PRO A C   1 
ATOM   314  O O   . PRO A 1 44  ? -13.621 -0.240  -2.279  1.00 36.09 ? 137 PRO A O   1 
ATOM   315  C CB  . PRO A 1 44  ? -14.758 2.360   -4.174  1.00 43.93 ? 137 PRO A CB  1 
ATOM   316  C CG  . PRO A 1 44  ? -15.864 2.719   -5.185  1.00 42.62 ? 137 PRO A CG  1 
ATOM   317  C CD  . PRO A 1 44  ? -17.056 1.890   -4.730  1.00 39.75 ? 137 PRO A CD  1 
ATOM   318  N N   . HIS A 1 45  ? -15.326 0.932   -1.429  1.00 38.02 ? 138 HIS A N   1 
ATOM   319  C CA  . HIS A 1 45  ? -15.057 0.513   -0.035  1.00 42.21 ? 138 HIS A CA  1 
ATOM   320  C C   . HIS A 1 45  ? -15.135 -0.990  0.189   1.00 36.51 ? 138 HIS A C   1 
ATOM   321  O O   . HIS A 1 45  ? -14.381 -1.552  1.023   1.00 32.75 ? 138 HIS A O   1 
ATOM   322  C CB  . HIS A 1 45  ? -15.945 1.310   0.994   1.00 47.78 ? 138 HIS A CB  1 
ATOM   323  C CG  . HIS A 1 45  ? -17.401 0.924   1.022   1.00 60.43 ? 138 HIS A CG  1 
ATOM   324  N ND1 . HIS A 1 45  ? -18.358 1.536   0.228   1.00 59.85 ? 138 HIS A ND1 1 
ATOM   325  C CD2 . HIS A 1 45  ? -18.080 0.038   1.801   1.00 66.87 ? 138 HIS A CD2 1 
ATOM   326  C CE1 . HIS A 1 45  ? -19.551 1.021   0.494   1.00 60.29 ? 138 HIS A CE1 1 
ATOM   327  N NE2 . HIS A 1 45  ? -19.414 0.120   1.452   1.00 65.22 ? 138 HIS A NE2 1 
ATOM   328  N N   . ASP A 1 46  ? -16.014 -1.672  -0.550  1.00 34.96 ? 139 ASP A N   1 
ATOM   329  C CA  . ASP A 1 46  ? -16.125 -3.134  -0.406  1.00 36.76 ? 139 ASP A CA  1 
ATOM   330  C C   . ASP A 1 46  ? -14.942 -3.911  -1.079  1.00 35.14 ? 139 ASP A C   1 
ATOM   331  O O   . ASP A 1 46  ? -14.523 -4.942  -0.577  1.00 36.91 ? 139 ASP A O   1 
ATOM   332  C CB  . ASP A 1 46  ? -17.434 -3.638  -1.008  1.00 39.18 ? 139 ASP A CB  1 
ATOM   333  C CG  . ASP A 1 46  ? -18.669 -3.234  -0.196  1.00 42.52 ? 139 ASP A CG  1 
ATOM   334  O OD1 . ASP A 1 46  ? -18.596 -3.028  1.019   1.00 43.64 ? 139 ASP A OD1 1 
ATOM   335  O OD2 . ASP A 1 46  ? -19.742 -3.108  -0.807  1.00 44.17 ? 139 ASP A OD2 1 
ATOM   336  N N   . CYS A 1 47  ? -14.470 -3.433  -2.241  1.00 32.06 ? 140 CYS A N   1 
ATOM   337  C CA  . CYS A 1 47  ? -13.285 -3.997  -2.890  1.00 30.23 ? 140 CYS A CA  1 
ATOM   338  C C   . CYS A 1 47  ? -12.025 -3.831  -1.968  1.00 30.81 ? 140 CYS A C   1 
ATOM   339  O O   . CYS A 1 47  ? -11.301 -4.787  -1.730  1.00 27.51 ? 140 CYS A O   1 
ATOM   340  C CB  . CYS A 1 47  ? -13.052 -3.296  -4.225  1.00 31.17 ? 140 CYS A CB  1 
ATOM   341  S SG  . CYS A 1 47  ? -11.556 -3.821  -5.077  1.00 35.35 ? 140 CYS A SG  1 
ATOM   342  N N   . ALA A 1 48  ? -11.843 -2.639  -1.401  1.00 29.60 ? 141 ALA A N   1 
ATOM   343  C CA  . ALA A 1 48  ? -10.703 -2.393  -0.521  1.00 30.80 ? 141 ALA A CA  1 
ATOM   344  C C   . ALA A 1 48  ? -10.670 -3.385  0.682   1.00 27.78 ? 141 ALA A C   1 
ATOM   345  O O   . ALA A 1 48  ? -9.687  -4.073  0.918   1.00 27.05 ? 141 ALA A O   1 
ATOM   346  C CB  . ALA A 1 48  ? -10.752 -0.957  -0.030  1.00 29.51 ? 141 ALA A CB  1 
ATOM   347  N N   . ALA A 1 49  ? -11.752 -3.473  1.410   1.00 28.12 ? 142 ALA A N   1 
ATOM   348  C CA  . ALA A 1 49  ? -11.869 -4.498  2.521   1.00 28.78 ? 142 ALA A CA  1 
ATOM   349  C C   . ALA A 1 49  ? -11.636 -5.946  2.103   1.00 28.06 ? 142 ALA A C   1 
ATOM   350  O O   . ALA A 1 49  ? -10.895 -6.675  2.771   1.00 27.84 ? 142 ALA A O   1 
ATOM   351  C CB  . ALA A 1 49  ? -13.205 -4.373  3.210   1.00 29.12 ? 142 ALA A CB  1 
ATOM   352  N N   . ARG A 1 50  ? -12.186 -6.328  0.947   1.00 29.42 ? 143 ARG A N   1 
ATOM   353  C CA  . ARG A 1 50  ? -12.004 -7.660  0.426   1.00 31.81 ? 143 ARG A CA  1 
ATOM   354  C C   . ARG A 1 50  ? -10.548 -7.936  0.094   1.00 29.51 ? 143 ARG A C   1 
ATOM   355  O O   . ARG A 1 50  ? -9.979  -8.917  0.567   1.00 29.97 ? 143 ARG A O   1 
ATOM   356  C CB  . ARG A 1 50  ? -12.891 -7.883  -0.813  1.00 34.16 ? 143 ARG A CB  1 
ATOM   357  C CG  . ARG A 1 50  ? -12.693 -9.251  -1.481  1.00 34.90 ? 143 ARG A CG  1 
ATOM   358  C CD  . ARG A 1 50  ? -13.660 -9.516  -2.656  1.00 36.80 ? 143 ARG A CD  1 
ATOM   359  N NE  . ARG A 1 50  ? -13.531 -8.499  -3.736  1.00 38.26 ? 143 ARG A NE  1 
ATOM   360  C CZ  . ARG A 1 50  ? -12.531 -8.447  -4.624  1.00 38.30 ? 143 ARG A CZ  1 
ATOM   361  N NH1 . ARG A 1 50  ? -11.573 -9.346  -4.593  1.00 41.34 ? 143 ARG A NH1 1 
ATOM   362  N NH2 . ARG A 1 50  ? -12.471 -7.478  -5.547  1.00 38.96 ? 143 ARG A NH2 1 
ATOM   363  N N   . GLU A 1 51  ? -9.906  -7.044  -0.674  1.00 30.76 ? 144 GLU A N   1 
ATOM   364  C CA  . GLU A 1 51  ? -8.489  -7.297  -1.068  1.00 30.55 ? 144 GLU A CA  1 
ATOM   365  C C   . GLU A 1 51  ? -7.620  -7.311  0.151   1.00 27.94 ? 144 GLU A C   1 
ATOM   366  O O   . GLU A 1 51  ? -6.710  -8.138  0.276   1.00 28.19 ? 144 GLU A O   1 
ATOM   367  C CB  . GLU A 1 51  ? -8.016  -6.263  -2.051  1.00 36.01 ? 144 GLU A CB  1 
ATOM   368  C CG  . GLU A 1 51  ? -8.772  -6.361  -3.348  1.00 38.78 ? 144 GLU A CG  1 
ATOM   369  C CD  . GLU A 1 51  ? -8.335  -7.516  -4.222  1.00 41.94 ? 144 GLU A CD  1 
ATOM   370  O OE1 . GLU A 1 51  ? -7.387  -8.242  -3.860  1.00 45.11 ? 144 GLU A OE1 1 
ATOM   371  O OE2 . GLU A 1 51  ? -8.953  -7.698  -5.289  1.00 45.20 ? 144 GLU A OE2 1 
ATOM   372  N N   . VAL A 1 52  ? -7.887  -6.409  1.099   1.00 25.46 ? 145 VAL A N   1 
ATOM   373  C CA  . VAL A 1 52  ? -7.006  -6.321  2.266   1.00 25.30 ? 145 VAL A CA  1 
ATOM   374  C C   . VAL A 1 52  ? -7.200  -7.561  3.177   1.00 26.57 ? 145 VAL A C   1 
ATOM   375  O O   . VAL A 1 52  ? -6.200  -8.139  3.725   1.00 23.83 ? 145 VAL A O   1 
ATOM   376  C CB  . VAL A 1 52  ? -7.163  -4.957  2.960   1.00 25.52 ? 145 VAL A CB  1 
ATOM   377  C CG1 . VAL A 1 52  ? -6.379  -4.919  4.252   1.00 29.43 ? 145 VAL A CG1 1 
ATOM   378  C CG2 . VAL A 1 52  ? -6.704  -3.834  2.023   1.00 27.12 ? 145 VAL A CG2 1 
ATOM   379  N N   . PHE A 1 53  ? -8.454  -8.028  3.283   1.00 28.09 ? 146 PHE A N   1 
ATOM   380  C CA  . PHE A 1 53  ? -8.703  -9.271  4.048   1.00 29.04 ? 146 PHE A CA  1 
ATOM   381  C C   . PHE A 1 53  ? -8.021  -10.510 3.372   1.00 29.13 ? 146 PHE A C   1 
ATOM   382  O O   . PHE A 1 53  ? -7.375  -11.282 4.058   1.00 33.75 ? 146 PHE A O   1 
ATOM   383  C CB  . PHE A 1 53  ? -10.219 -9.498  4.334   1.00 30.56 ? 146 PHE A CB  1 
ATOM   384  C CG  . PHE A 1 53  ? -10.482 -10.666 5.253   1.00 34.42 ? 146 PHE A CG  1 
ATOM   385  C CD1 . PHE A 1 53  ? -10.260 -10.553 6.617   1.00 36.27 ? 146 PHE A CD1 1 
ATOM   386  C CD2 . PHE A 1 53  ? -10.846 -11.923 4.731   1.00 41.06 ? 146 PHE A CD2 1 
ATOM   387  C CE1 . PHE A 1 53  ? -10.431 -11.639 7.465   1.00 38.66 ? 146 PHE A CE1 1 
ATOM   388  C CE2 . PHE A 1 53  ? -11.019 -13.027 5.576   1.00 41.49 ? 146 PHE A CE2 1 
ATOM   389  C CZ  . PHE A 1 53  ? -10.816 -12.880 6.949   1.00 39.36 ? 146 PHE A CZ  1 
ATOM   390  N N   . GLU A 1 54  ? -8.121  -10.666 2.056   1.00 29.76 ? 147 GLU A N   1 
ATOM   391  C CA  . GLU A 1 54  ? -7.415  -11.767 1.319   1.00 34.05 ? 147 GLU A CA  1 
ATOM   392  C C   . GLU A 1 54  ? -5.916  -11.755 1.473   1.00 33.34 ? 147 GLU A C   1 
ATOM   393  O O   . GLU A 1 54  ? -5.277  -12.793 1.617   1.00 32.92 ? 147 GLU A O   1 
ATOM   394  C CB  . GLU A 1 54  ? -7.658  -11.701 -0.181  1.00 41.48 ? 147 GLU A CB  1 
ATOM   395  C CG  . GLU A 1 54  ? -9.094  -11.973 -0.642  1.00 49.24 ? 147 GLU A CG  1 
ATOM   396  C CD  . GLU A 1 54  ? -9.315  -11.675 -2.139  1.00 53.63 ? 147 GLU A CD  1 
ATOM   397  O OE1 . GLU A 1 54  ? -8.358  -11.272 -2.857  1.00 63.40 ? 147 GLU A OE1 1 
ATOM   398  O OE2 . GLU A 1 54  ? -10.466 -11.841 -2.612  1.00 58.25 ? 147 GLU A OE2 1 
ATOM   399  N N   . GLU A 1 55  ? -5.331  -10.574 1.389   1.00 30.81 ? 148 GLU A N   1 
ATOM   400  C CA  . GLU A 1 55  ? -3.866  -10.462 1.477   1.00 30.41 ? 148 GLU A CA  1 
ATOM   401  C C   . GLU A 1 55  ? -3.235  -10.387 2.872   1.00 30.00 ? 148 GLU A C   1 
ATOM   402  O O   . GLU A 1 55  ? -2.045  -10.595 2.968   1.00 34.02 ? 148 GLU A O   1 
ATOM   403  C CB  . GLU A 1 55  ? -3.403  -9.244  0.636   1.00 31.95 ? 148 GLU A CB  1 
ATOM   404  C CG  . GLU A 1 55  ? -3.883  -9.375  -0.803  1.00 31.63 ? 148 GLU A CG  1 
ATOM   405  C CD  . GLU A 1 55  ? -3.437  -8.239  -1.696  1.00 36.90 ? 148 GLU A CD  1 
ATOM   406  O OE1 . GLU A 1 55  ? -2.584  -7.434  -1.298  1.00 33.89 ? 148 GLU A OE1 1 
ATOM   407  O OE2 . GLU A 1 55  ? -3.968  -8.145  -2.809  1.00 38.91 ? 148 GLU A OE2 1 
ATOM   408  N N   . THR A 1 56  ? -3.980  -9.974  3.902   1.00 30.16 ? 149 THR A N   1 
ATOM   409  C CA  . THR A 1 56  ? -3.458  -9.776  5.277   1.00 30.41 ? 149 THR A CA  1 
ATOM   410  C C   . THR A 1 56  ? -4.232  -10.493 6.392   1.00 31.87 ? 149 THR A C   1 
ATOM   411  O O   . THR A 1 56  ? -3.726  -10.585 7.525   1.00 32.25 ? 149 THR A O   1 
ATOM   412  C CB  . THR A 1 56  ? -3.448  -8.295  5.710   1.00 30.96 ? 149 THR A CB  1 
ATOM   413  O OG1 . THR A 1 56  ? -4.791  -7.817  5.975   1.00 26.52 ? 149 THR A OG1 1 
ATOM   414  C CG2 . THR A 1 56  ? -2.827  -7.403  4.618   1.00 30.27 ? 149 THR A CG2 1 
ATOM   415  N N   . GLY A 1 57  ? -5.459  -10.932 6.102   1.00 31.55 ? 150 GLY A N   1 
ATOM   416  C CA  . GLY A 1 57  ? -6.316  -11.532 7.133   1.00 34.87 ? 150 GLY A CA  1 
ATOM   417  C C   . GLY A 1 57  ? -6.964  -10.538 8.113   1.00 36.46 ? 150 GLY A C   1 
ATOM   418  O O   . GLY A 1 57  ? -7.603  -10.939 9.080   1.00 35.73 ? 150 GLY A O   1 
ATOM   419  N N   . PHE A 1 58  ? -6.816  -9.245  7.892   1.00 35.70 ? 151 PHE A N   1 
ATOM   420  C CA  . PHE A 1 58  ? -7.284  -8.261  8.855   1.00 32.98 ? 151 PHE A CA  1 
ATOM   421  C C   . PHE A 1 58  ? -8.434  -7.567  8.215   1.00 31.51 ? 151 PHE A C   1 
ATOM   422  O O   . PHE A 1 58  ? -8.339  -7.179  7.038   1.00 30.88 ? 151 PHE A O   1 
ATOM   423  C CB  . PHE A 1 58  ? -6.157  -7.273  9.237   1.00 33.28 ? 151 PHE A CB  1 
ATOM   424  C CG  . PHE A 1 58  ? -6.598  -6.205  10.225  1.00 33.82 ? 151 PHE A CG  1 
ATOM   425  C CD1 . PHE A 1 58  ? -6.742  -6.506  11.592  1.00 35.13 ? 151 PHE A CD1 1 
ATOM   426  C CD2 . PHE A 1 58  ? -6.903  -4.913  9.794   1.00 35.50 ? 151 PHE A CD2 1 
ATOM   427  C CE1 . PHE A 1 58  ? -7.171  -5.553  12.510  1.00 33.88 ? 151 PHE A CE1 1 
ATOM   428  C CE2 . PHE A 1 58  ? -7.320  -3.946  10.717  1.00 36.74 ? 151 PHE A CE2 1 
ATOM   429  C CZ  . PHE A 1 58  ? -7.478  -4.286  12.079  1.00 33.68 ? 151 PHE A CZ  1 
ATOM   430  N N   . ASP A 1 59  ? -9.519  -7.343  8.978   1.00 32.34 ? 152 ASP A N   1 
ATOM   431  C CA  . ASP A 1 59  ? -10.750 -6.780  8.415   1.00 32.65 ? 152 ASP A CA  1 
ATOM   432  C C   . ASP A 1 59  ? -10.837 -5.287  8.692   1.00 32.75 ? 152 ASP A C   1 
ATOM   433  O O   . ASP A 1 59  ? -10.979 -4.877  9.855   1.00 31.05 ? 152 ASP A O   1 
ATOM   434  C CB  . ASP A 1 59  ? -11.984 -7.510  8.995   1.00 38.89 ? 152 ASP A CB  1 
ATOM   435  C CG  . ASP A 1 59  ? -13.330 -7.102  8.306   1.00 39.18 ? 152 ASP A CG  1 
ATOM   436  O OD1 . ASP A 1 59  ? -13.395 -6.226  7.418   1.00 37.99 ? 152 ASP A OD1 1 
ATOM   437  O OD2 . ASP A 1 59  ? -14.370 -7.685  8.677   1.00 43.66 ? 152 ASP A OD2 1 
ATOM   438  N N   . ILE A 1 60  ? -10.800 -4.473  7.629   1.00 32.19 ? 153 ILE A N   1 
ATOM   439  C CA  . ILE A 1 60  ? -10.802 -3.014  7.806   1.00 32.20 ? 153 ILE A CA  1 
ATOM   440  C C   . ILE A 1 60  ? -12.185 -2.346  7.737   1.00 33.15 ? 153 ILE A C   1 
ATOM   441  O O   . ILE A 1 60  ? -12.287 -1.137  7.870   1.00 29.72 ? 153 ILE A O   1 
ATOM   442  C CB  . ILE A 1 60  ? -9.864  -2.278  6.805   1.00 28.50 ? 153 ILE A CB  1 
ATOM   443  C CG1 . ILE A 1 60  ? -10.344 -2.376  5.369   1.00 29.21 ? 153 ILE A CG1 1 
ATOM   444  C CG2 . ILE A 1 60  ? -8.435  -2.742  6.930   1.00 29.23 ? 153 ILE A CG2 1 
ATOM   445  C CD1 . ILE A 1 60  ? -9.547  -1.491  4.425   1.00 27.09 ? 153 ILE A CD1 1 
ATOM   446  N N   . LYS A 1 61  ? -13.219 -3.112  7.434   1.00 33.66 ? 154 LYS A N   1 
ATOM   447  C CA  . LYS A 1 61  ? -14.538 -2.561  7.108   1.00 35.09 ? 154 LYS A CA  1 
ATOM   448  C C   . LYS A 1 61  ? -15.081 -1.523  8.132   1.00 33.88 ? 154 LYS A C   1 
ATOM   449  O O   . LYS A 1 61  ? -15.530 -0.391  7.754   1.00 30.26 ? 154 LYS A O   1 
ATOM   450  C CB  . LYS A 1 61  ? -15.513 -3.748  6.973   1.00 40.80 ? 154 LYS A CB  1 
ATOM   451  C CG  . LYS A 1 61  ? -16.994 -3.405  6.933   1.00 53.59 ? 154 LYS A CG  1 
ATOM   452  C CD  . LYS A 1 61  ? -17.901 -4.610  6.576   1.00 59.70 ? 154 LYS A CD  1 
ATOM   453  C CE  . LYS A 1 61  ? -17.643 -5.872  7.410   1.00 66.08 ? 154 LYS A CE  1 
ATOM   454  N NZ  . LYS A 1 61  ? -17.819 -5.685  8.877   1.00 72.97 ? 154 LYS A NZ  1 
ATOM   455  N N   . ASP A 1 62  ? -14.967 -1.880  9.412   1.00 29.49 ? 155 ASP A N   1 
ATOM   456  C CA  . ASP A 1 62  ? -15.385 -0.971  10.500  1.00 33.46 ? 155 ASP A CA  1 
ATOM   457  C C   . ASP A 1 62  ? -14.511 0.286   10.620  1.00 36.19 ? 155 ASP A C   1 
ATOM   458  O O   . ASP A 1 62  ? -14.953 1.209   11.272  1.00 34.81 ? 155 ASP A O   1 
ATOM   459  C CB  . ASP A 1 62  ? -15.375 -1.698  11.839  1.00 35.93 ? 155 ASP A CB  1 
ATOM   460  C CG  . ASP A 1 62  ? -16.471 -2.807  11.936  1.00 44.40 ? 155 ASP A CG  1 
ATOM   461  O OD1 . ASP A 1 62  ? -17.344 -2.956  11.047  1.00 44.52 ? 155 ASP A OD1 1 
ATOM   462  O OD2 . ASP A 1 62  ? -16.464 -3.529  12.938  1.00 45.04 ? 155 ASP A OD2 1 
ATOM   463  N N   . TYR A 1 63  ? -13.337 0.361   9.951   1.00 31.51 ? 156 TYR A N   1 
ATOM   464  C CA  . TYR A 1 63  ? -12.406 1.510   10.134  1.00 33.51 ? 156 TYR A CA  1 
ATOM   465  C C   . TYR A 1 63  ? -12.283 2.440   8.966   1.00 33.66 ? 156 TYR A C   1 
ATOM   466  O O   . TYR A 1 63  ? -11.750 3.566   9.100   1.00 34.36 ? 156 TYR A O   1 
ATOM   467  C CB  . TYR A 1 63  ? -11.050 1.026   10.516  1.00 34.42 ? 156 TYR A CB  1 
ATOM   468  C CG  . TYR A 1 63  ? -11.143 0.089   11.626  1.00 32.98 ? 156 TYR A CG  1 
ATOM   469  C CD1 . TYR A 1 63  ? -11.745 0.474   12.817  1.00 42.71 ? 156 TYR A CD1 1 
ATOM   470  C CD2 . TYR A 1 63  ? -10.733 -1.184  11.492  1.00 35.43 ? 156 TYR A CD2 1 
ATOM   471  C CE1 . TYR A 1 63  ? -11.880 -0.419  13.882  1.00 41.79 ? 156 TYR A CE1 1 
ATOM   472  C CE2 . TYR A 1 63  ? -10.851 -2.106  12.526  1.00 34.21 ? 156 TYR A CE2 1 
ATOM   473  C CZ  . TYR A 1 63  ? -11.410 -1.705  13.723  1.00 40.85 ? 156 TYR A CZ  1 
ATOM   474  O OH  . TYR A 1 63  ? -11.544 -2.606  14.727  1.00 53.53 ? 156 TYR A OH  1 
ATOM   475  N N   . ILE A 1 64  ? -12.773 2.016   7.815   1.00 31.81 ? 157 ILE A N   1 
ATOM   476  C CA  . ILE A 1 64  ? -12.684 2.879   6.625   1.00 31.27 ? 157 ILE A CA  1 
ATOM   477  C C   . ILE A 1 64  ? -13.387 4.167   6.870   1.00 34.00 ? 157 ILE A C   1 
ATOM   478  O O   . ILE A 1 64  ? -14.492 4.158   7.403   1.00 35.66 ? 157 ILE A O   1 
ATOM   479  C CB  . ILE A 1 64  ? -13.285 2.206   5.379   1.00 34.84 ? 157 ILE A CB  1 
ATOM   480  C CG1 . ILE A 1 64  ? -12.309 1.152   4.851   1.00 38.18 ? 157 ILE A CG1 1 
ATOM   481  C CG2 . ILE A 1 64  ? -13.610 3.216   4.249   1.00 33.37 ? 157 ILE A CG2 1 
ATOM   482  C CD1 . ILE A 1 64  ? -12.961 0.154   3.877   1.00 43.39 ? 157 ILE A CD1 1 
ATOM   483  N N   A CYS A 1 65  ? -12.747 5.272   6.489   0.25 31.92 ? 158 CYS A N   1 
ATOM   484  N N   B CYS A 1 65  ? -12.756 5.279   6.488   0.25 34.32 ? 158 CYS A N   1 
ATOM   485  C CA  A CYS A 1 65  ? -13.376 6.575   6.444   0.25 32.41 ? 158 CYS A CA  1 
ATOM   486  C CA  B CYS A 1 65  ? -13.386 6.591   6.486   0.25 36.40 ? 158 CYS A CA  1 
ATOM   487  C C   A CYS A 1 65  ? -13.442 6.989   4.991   0.25 35.28 ? 158 CYS A C   1 
ATOM   488  C C   B CYS A 1 65  ? -13.441 7.058   5.032   0.25 37.67 ? 158 CYS A C   1 
ATOM   489  O O   A CYS A 1 65  ? -12.410 7.115   4.340   0.25 35.66 ? 158 CYS A O   1 
ATOM   490  O O   B CYS A 1 65  ? -12.400 7.295   4.425   0.25 38.27 ? 158 CYS A O   1 
ATOM   491  C CB  A CYS A 1 65  ? -12.561 7.586   7.217   0.25 31.33 ? 158 CYS A CB  1 
ATOM   492  C CB  B CYS A 1 65  ? -12.594 7.565   7.355   0.25 37.78 ? 158 CYS A CB  1 
ATOM   493  S SG  A CYS A 1 65  ? -12.475 7.228   8.969   0.25 30.04 ? 158 CYS A SG  1 
ATOM   494  S SG  B CYS A 1 65  ? -13.168 9.287   7.316   0.25 43.72 ? 158 CYS A SG  1 
ATOM   495  N N   . LYS A 1 66  ? -14.654 7.202   4.490   1.00 37.43 ? 159 LYS A N   1 
ATOM   496  C CA  . LYS A 1 66  ? -14.893 7.400   3.034   1.00 41.25 ? 159 LYS A CA  1 
ATOM   497  C C   . LYS A 1 66  ? -14.169 8.510   2.343   1.00 38.82 ? 159 LYS A C   1 
ATOM   498  O O   . LYS A 1 66  ? -13.935 8.416   1.142   1.00 41.96 ? 159 LYS A O   1 
ATOM   499  C CB  . LYS A 1 66  ? -16.383 7.627   2.752   1.00 46.61 ? 159 LYS A CB  1 
ATOM   500  C CG  . LYS A 1 66  ? -16.921 8.963   3.292   1.00 46.02 ? 159 LYS A CG  1 
ATOM   501  N N   . ASP A 1 67  ? -13.820 9.542   3.103   1.00 40.43 ? 160 ASP A N   1 
ATOM   502  C CA  . ASP A 1 67  ? -13.037 10.664  2.614   1.00 45.67 ? 160 ASP A CA  1 
ATOM   503  C C   . ASP A 1 67  ? -11.540 10.626  2.838   1.00 42.92 ? 160 ASP A C   1 
ATOM   504  O O   . ASP A 1 67  ? -10.862 11.504  2.340   1.00 45.70 ? 160 ASP A O   1 
ATOM   505  C CB  . ASP A 1 67  ? -13.601 11.932  3.235   1.00 55.65 ? 160 ASP A CB  1 
ATOM   506  C CG  . ASP A 1 67  ? -14.961 12.262  2.651   1.00 66.78 ? 160 ASP A CG  1 
ATOM   507  O OD1 . ASP A 1 67  ? -14.985 12.641  1.454   1.00 69.38 ? 160 ASP A OD1 1 
ATOM   508  O OD2 . ASP A 1 67  ? -15.986 12.062  3.349   1.00 72.12 ? 160 ASP A OD2 1 
ATOM   509  N N   . ASP A 1 68  ? -11.018 9.617   3.527   1.00 34.82 ? 161 ASP A N   1 
ATOM   510  C CA  . ASP A 1 68  ? -9.570  9.548   3.837   1.00 33.36 ? 161 ASP A CA  1 
ATOM   511  C C   . ASP A 1 68  ? -8.887  8.490   2.965   1.00 28.02 ? 161 ASP A C   1 
ATOM   512  O O   . ASP A 1 68  ? -8.899  7.306   3.292   1.00 24.11 ? 161 ASP A O   1 
ATOM   513  C CB  . ASP A 1 68  ? -9.331  9.215   5.307   1.00 31.23 ? 161 ASP A CB  1 
ATOM   514  C CG  . ASP A 1 68  ? -9.928  10.232  6.258   1.00 34.10 ? 161 ASP A CG  1 
ATOM   515  O OD1 . ASP A 1 68  ? -10.161 11.333  5.819   1.00 32.07 ? 161 ASP A OD1 1 
ATOM   516  O OD2 . ASP A 1 68  ? -10.105 9.943   7.474   1.00 37.91 ? 161 ASP A OD2 1 
ATOM   517  N N   . TYR A 1 69  ? -8.311  8.932   1.867   1.00 28.31 ? 162 TYR A N   1 
ATOM   518  C CA  . TYR A 1 69  ? -7.624  8.058   0.936   1.00 31.41 ? 162 TYR A CA  1 
ATOM   519  C C   . TYR A 1 69  ? -6.629  8.863   0.129   1.00 35.71 ? 162 TYR A C   1 
ATOM   520  O O   . TYR A 1 69  ? -6.714  10.103  0.096   1.00 35.00 ? 162 TYR A O   1 
ATOM   521  C CB  . TYR A 1 69  ? -8.632  7.346   -0.010  1.00 33.17 ? 162 TYR A CB  1 
ATOM   522  C CG  . TYR A 1 69  ? -9.466  8.283   -0.877  1.00 41.97 ? 162 TYR A CG  1 
ATOM   523  C CD1 . TYR A 1 69  ? -8.932  8.878   -2.042  1.00 42.94 ? 162 TYR A CD1 1 
ATOM   524  C CD2 . TYR A 1 69  ? -10.803 8.569   -0.530  1.00 41.80 ? 162 TYR A CD2 1 
ATOM   525  C CE1 . TYR A 1 69  ? -9.704  9.748   -2.819  1.00 44.34 ? 162 TYR A CE1 1 
ATOM   526  C CE2 . TYR A 1 69  ? -11.576 9.421   -1.291  1.00 45.41 ? 162 TYR A CE2 1 
ATOM   527  C CZ  . TYR A 1 69  ? -11.029 10.011  -2.421  1.00 50.74 ? 162 TYR A CZ  1 
ATOM   528  O OH  . TYR A 1 69  ? -11.819 10.849  -3.150  1.00 57.53 ? 162 TYR A OH  1 
ATOM   529  N N   . ILE A 1 70  ? -5.725  8.144   -0.547  1.00 35.40 ? 163 ILE A N   1 
ATOM   530  C CA  . ILE A 1 70  ? -4.838  8.685   -1.560  1.00 36.08 ? 163 ILE A CA  1 
ATOM   531  C C   . ILE A 1 70  ? -5.077  7.933   -2.858  1.00 32.74 ? 163 ILE A C   1 
ATOM   532  O O   . ILE A 1 70  ? -5.124  6.701   -2.875  1.00 31.28 ? 163 ILE A O   1 
ATOM   533  C CB  . ILE A 1 70  ? -3.362  8.590   -1.088  1.00 39.56 ? 163 ILE A CB  1 
ATOM   534  C CG1 . ILE A 1 70  ? -3.116  9.663   -0.036  1.00 43.36 ? 163 ILE A CG1 1 
ATOM   535  C CG2 . ILE A 1 70  ? -2.376  8.876   -2.209  1.00 39.47 ? 163 ILE A CG2 1 
ATOM   536  C CD1 . ILE A 1 70  ? -1.931  9.373   0.869   1.00 45.68 ? 163 ILE A CD1 1 
ATOM   537  N N   . GLU A 1 71  ? -5.238  8.697   -3.932  1.00 31.10 ? 164 GLU A N   1 
ATOM   538  C CA  . GLU A 1 71  ? -5.579  8.168   -5.258  1.00 36.30 ? 164 GLU A CA  1 
ATOM   539  C C   . GLU A 1 71  ? -4.582  8.681   -6.309  1.00 34.93 ? 164 GLU A C   1 
ATOM   540  O O   . GLU A 1 71  ? -4.318  9.852   -6.360  1.00 35.36 ? 164 GLU A O   1 
ATOM   541  C CB  . GLU A 1 71  ? -6.948  8.643   -5.623  1.00 39.65 ? 164 GLU A CB  1 
ATOM   542  C CG  . GLU A 1 71  ? -7.498  8.164   -6.958  1.00 48.25 ? 164 GLU A CG  1 
ATOM   543  C CD  . GLU A 1 71  ? -8.968  8.544   -7.095  1.00 51.24 ? 164 GLU A CD  1 
ATOM   544  O OE1 . GLU A 1 71  ? -9.254  9.745   -7.256  1.00 54.94 ? 164 GLU A OE1 1 
ATOM   545  O OE2 . GLU A 1 71  ? -9.830  7.659   -6.984  1.00 49.52 ? 164 GLU A OE2 1 
ATOM   546  N N   . LEU A 1 72  ? -4.006  7.785   -7.094  1.00 34.80 ? 165 LEU A N   1 
ATOM   547  C CA  . LEU A 1 72  ? -3.081  8.141   -8.153  1.00 36.29 ? 165 LEU A CA  1 
ATOM   548  C C   . LEU A 1 72  ? -3.494  7.445   -9.459  1.00 38.73 ? 165 LEU A C   1 
ATOM   549  O O   . LEU A 1 72  ? -4.026  6.333   -9.444  1.00 34.72 ? 165 LEU A O   1 
ATOM   550  C CB  . LEU A 1 72  ? -1.679  7.631   -7.833  1.00 37.34 ? 165 LEU A CB  1 
ATOM   551  C CG  . LEU A 1 72  ? -1.057  8.130   -6.533  1.00 42.67 ? 165 LEU A CG  1 
ATOM   552  C CD1 . LEU A 1 72  ? 0.306   7.479   -6.404  1.00 42.66 ? 165 LEU A CD1 1 
ATOM   553  C CD2 . LEU A 1 72  ? -0.963  9.664   -6.498  1.00 43.81 ? 165 LEU A CD2 1 
ATOM   554  N N   . ARG A 1 73  ? -3.159  8.072   -10.587 1.00 37.92 ? 166 ARG A N   1 
ATOM   555  C CA  . ARG A 1 73  ? -3.328  7.431   -11.859 1.00 42.94 ? 166 ARG A CA  1 
ATOM   556  C C   . ARG A 1 73  ? -1.976  7.143   -12.434 1.00 40.92 ? 166 ARG A C   1 
ATOM   557  O O   . ARG A 1 73  ? -1.146  8.040   -12.617 1.00 46.47 ? 166 ARG A O   1 
ATOM   558  C CB  . ARG A 1 73  ? -4.156  8.287   -12.817 1.00 50.51 ? 166 ARG A CB  1 
ATOM   559  C CG  . ARG A 1 73  ? -4.719  7.481   -13.973 1.00 53.98 ? 166 ARG A CG  1 
ATOM   560  C CD  . ARG A 1 73  ? -5.367  8.419   -14.979 1.00 65.62 ? 166 ARG A CD  1 
ATOM   561  N NE  . ARG A 1 73  ? -4.384  9.343   -15.579 1.00 63.29 ? 166 ARG A NE  1 
ATOM   562  C CZ  . ARG A 1 73  ? -4.599  10.636  -15.838 1.00 70.31 ? 166 ARG A CZ  1 
ATOM   563  N NH1 . ARG A 1 73  ? -5.770  11.238  -15.576 1.00 70.44 ? 166 ARG A NH1 1 
ATOM   564  N NH2 . ARG A 1 73  ? -3.626  11.355  -16.387 1.00 73.66 ? 166 ARG A NH2 1 
ATOM   565  N N   . ILE A 1 74  ? -1.775  5.875   -12.734 1.00 37.41 ? 167 ILE A N   1 
ATOM   566  C CA  . ILE A 1 74  ? -0.529  5.366   -13.187 1.00 40.82 ? 167 ILE A CA  1 
ATOM   567  C C   . ILE A 1 74  ? -0.809  4.633   -14.487 1.00 41.76 ? 167 ILE A C   1 
ATOM   568  O O   . ILE A 1 74  ? -1.534  3.603   -14.520 1.00 36.28 ? 167 ILE A O   1 
ATOM   569  C CB  . ILE A 1 74  ? 0.030   4.405   -12.141 1.00 46.72 ? 167 ILE A CB  1 
ATOM   570  C CG1 . ILE A 1 74  ? 0.445   5.194   -10.881 1.00 51.30 ? 167 ILE A CG1 1 
ATOM   571  C CG2 . ILE A 1 74  ? 1.209   3.637   -12.737 1.00 50.64 ? 167 ILE A CG2 1 
ATOM   572  C CD1 . ILE A 1 74  ? 1.004   4.325   -9.763  1.00 53.59 ? 167 ILE A CD1 1 
ATOM   573  N N   . ASN A 1 75  ? -0.267  5.182   -15.565 1.00 41.42 ? 168 ASN A N   1 
ATOM   574  C CA  . ASN A 1 75  ? -0.569  4.691   -16.927 1.00 45.29 ? 168 ASN A CA  1 
ATOM   575  C C   . ASN A 1 75  ? -2.035  4.457   -17.212 1.00 40.53 ? 168 ASN A C   1 
ATOM   576  O O   . ASN A 1 75  ? -2.429  3.404   -17.664 1.00 47.85 ? 168 ASN A O   1 
ATOM   577  C CB  . ASN A 1 75  ? 0.253   3.439   -17.186 1.00 47.31 ? 168 ASN A CB  1 
ATOM   578  C CG  . ASN A 1 75  ? 1.741   3.716   -17.015 1.00 49.48 ? 168 ASN A CG  1 
ATOM   579  O OD1 . ASN A 1 75  ? 2.223   4.782   -17.409 1.00 44.43 ? 168 ASN A OD1 1 
ATOM   580  N ND2 . ASN A 1 75  ? 2.464   2.781   -16.428 1.00 47.00 ? 168 ASN A ND2 1 
ATOM   581  N N   . ASP A 1 76  ? -2.826  5.470   -16.948 1.00 44.78 ? 169 ASP A N   1 
ATOM   582  C CA  . ASP A 1 76  ? -4.283  5.432   -17.156 1.00 60.76 ? 169 ASP A CA  1 
ATOM   583  C C   . ASP A 1 76  ? -5.030  4.324   -16.360 1.00 60.01 ? 169 ASP A C   1 
ATOM   584  O O   . ASP A 1 76  ? -6.154  3.968   -16.697 1.00 63.78 ? 169 ASP A O   1 
ATOM   585  C CB  . ASP A 1 76  ? -4.654  5.438   -18.666 1.00 64.91 ? 169 ASP A CB  1 
ATOM   586  C CG  . ASP A 1 76  ? -4.521  6.839   -19.289 1.00 76.59 ? 169 ASP A CG  1 
ATOM   587  O OD1 . ASP A 1 76  ? -3.384  7.236   -19.617 1.00 73.24 ? 169 ASP A OD1 1 
ATOM   588  O OD2 . ASP A 1 76  ? -5.538  7.556   -19.437 1.00 85.54 ? 169 ASP A OD2 1 
ATOM   589  N N   . GLN A 1 77  ? -4.417  3.809   -15.299 1.00 58.71 ? 170 GLN A N   1 
ATOM   590  C CA  . GLN A 1 77  ? -5.140  3.025   -14.303 1.00 57.93 ? 170 GLN A CA  1 
ATOM   591  C C   . GLN A 1 77  ? -5.181  3.772   -12.954 1.00 53.74 ? 170 GLN A C   1 
ATOM   592  O O   . GLN A 1 77  ? -4.175  4.280   -12.430 1.00 43.63 ? 170 GLN A O   1 
ATOM   593  C CB  . GLN A 1 77  ? -4.544  1.655   -14.143 1.00 64.88 ? 170 GLN A CB  1 
ATOM   594  C CG  . GLN A 1 77  ? -5.273  0.857   -13.075 1.00 81.80 ? 170 GLN A CG  1 
ATOM   595  C CD  . GLN A 1 77  ? -5.310  -0.632  -13.309 1.00 89.11 ? 170 GLN A CD  1 
ATOM   596  O OE1 . GLN A 1 77  ? -5.169  -1.118  -14.434 1.00 97.41 ? 170 GLN A OE1 1 
ATOM   597  N NE2 . GLN A 1 77  ? -5.559  -1.367  -12.239 1.00 93.33 ? 170 GLN A NE2 1 
ATOM   598  N N   . LEU A 1 78  ? -6.378  3.839   -12.415 1.00 43.11 ? 171 LEU A N   1 
ATOM   599  C CA  . LEU A 1 78  ? -6.629  4.512   -11.190 1.00 45.77 ? 171 LEU A CA  1 
ATOM   600  C C   . LEU A 1 78  ? -6.357  3.516   -10.030 1.00 40.50 ? 171 LEU A C   1 
ATOM   601  O O   . LEU A 1 78  ? -6.805  2.376   -10.111 1.00 36.19 ? 171 LEU A O   1 
ATOM   602  C CB  . LEU A 1 78  ? -8.082  4.935   -11.199 1.00 52.91 ? 171 LEU A CB  1 
ATOM   603  C CG  . LEU A 1 78  ? -8.523  5.969   -10.196 1.00 61.92 ? 171 LEU A CG  1 
ATOM   604  C CD1 . LEU A 1 78  ? -8.582  7.335   -10.895 1.00 70.50 ? 171 LEU A CD1 1 
ATOM   605  C CD2 . LEU A 1 78  ? -9.861  5.549   -9.547  1.00 66.68 ? 171 LEU A CD2 1 
ATOM   606  N N   . ALA A 1 79  ? -5.618  3.978   -9.000  1.00 33.66 ? 172 ALA A N   1 
ATOM   607  C CA  . ALA A 1 79  ? -5.383  3.237   -7.740  1.00 34.88 ? 172 ALA A CA  1 
ATOM   608  C C   . ALA A 1 79  ? -5.701  4.131   -6.536  1.00 36.03 ? 172 ALA A C   1 
ATOM   609  O O   . ALA A 1 79  ? -5.088  5.218   -6.338  1.00 32.99 ? 172 ALA A O   1 
ATOM   610  C CB  . ALA A 1 79  ? -3.949  2.672   -7.661  1.00 33.85 ? 172 ALA A CB  1 
ATOM   611  N N   . ARG A 1 80  ? -6.669  3.659   -5.734  1.00 32.38 ? 173 ARG A N   1 
ATOM   612  C CA  . ARG A 1 80  ? -7.089  4.310   -4.514  1.00 31.84 ? 173 ARG A CA  1 
ATOM   613  C C   . ARG A 1 80  ? -6.853  3.479   -3.236  1.00 29.93 ? 173 ARG A C   1 
ATOM   614  O O   . ARG A 1 80  ? -7.378  2.364   -3.108  1.00 30.03 ? 173 ARG A O   1 
ATOM   615  C CB  . ARG A 1 80  ? -8.564  4.662   -4.586  1.00 33.04 ? 173 ARG A CB  1 
ATOM   616  C CG  . ARG A 1 80  ? -9.050  5.326   -3.289  1.00 35.33 ? 173 ARG A CG  1 
ATOM   617  C CD  . ARG A 1 80  ? -10.556 5.499   -3.275  1.00 38.01 ? 173 ARG A CD  1 
ATOM   618  N NE  . ARG A 1 80  ? -10.990 6.394   -4.339  1.00 40.41 ? 173 ARG A NE  1 
ATOM   619  C CZ  . ARG A 1 80  ? -12.279 6.665   -4.612  1.00 50.36 ? 173 ARG A CZ  1 
ATOM   620  N NH1 . ARG A 1 80  ? -13.287 6.098   -3.906  1.00 43.66 ? 173 ARG A NH1 1 
ATOM   621  N NH2 . ARG A 1 80  ? -12.564 7.504   -5.597  1.00 46.07 ? 173 ARG A NH2 1 
ATOM   622  N N   . LEU A 1 81  ? -6.132  4.062   -2.276  1.00 26.14 ? 174 LEU A N   1 
ATOM   623  C CA  . LEU A 1 81  ? -5.838  3.394   -0.989  1.00 25.20 ? 174 LEU A CA  1 
ATOM   624  C C   . LEU A 1 81  ? -6.415  4.233   0.121   1.00 25.06 ? 174 LEU A C   1 
ATOM   625  O O   . LEU A 1 81  ? -5.952  5.363   0.330   1.00 21.14 ? 174 LEU A O   1 
ATOM   626  C CB  . LEU A 1 81  ? -4.339  3.271   -0.747  1.00 25.04 ? 174 LEU A CB  1 
ATOM   627  C CG  . LEU A 1 81  ? -3.566  2.549   -1.889  1.00 27.32 ? 174 LEU A CG  1 
ATOM   628  C CD1 . LEU A 1 81  ? -2.051  2.710   -1.679  1.00 24.60 ? 174 LEU A CD1 1 
ATOM   629  C CD2 . LEU A 1 81  ? -3.918  1.075   -2.108  1.00 27.12 ? 174 LEU A CD2 1 
ATOM   630  N N   . TYR A 1 82  ? -7.324  3.627   0.883   1.00 23.75 ? 175 TYR A N   1 
ATOM   631  C CA  . TYR A 1 82  ? -7.932  4.174   2.058   1.00 23.68 ? 175 TYR A CA  1 
ATOM   632  C C   . TYR A 1 82  ? -6.934  4.227   3.212   1.00 28.50 ? 175 TYR A C   1 
ATOM   633  O O   . TYR A 1 82  ? -6.142  3.288   3.413   1.00 27.34 ? 175 TYR A O   1 
ATOM   634  C CB  . TYR A 1 82  ? -9.154  3.307   2.429   1.00 28.35 ? 175 TYR A CB  1 
ATOM   635  C CG  . TYR A 1 82  ? -10.278 3.573   1.470   1.00 27.04 ? 175 TYR A CG  1 
ATOM   636  C CD1 . TYR A 1 82  ? -11.095 4.701   1.616   1.00 28.36 ? 175 TYR A CD1 1 
ATOM   637  C CD2 . TYR A 1 82  ? -10.447 2.813   0.384   1.00 29.84 ? 175 TYR A CD2 1 
ATOM   638  C CE1 . TYR A 1 82  ? -12.087 4.993   0.685   1.00 30.57 ? 175 TYR A CE1 1 
ATOM   639  C CE2 . TYR A 1 82  ? -11.423 3.107   -0.560  1.00 32.38 ? 175 TYR A CE2 1 
ATOM   640  C CZ  . TYR A 1 82  ? -12.250 4.177   -0.386  1.00 29.24 ? 175 TYR A CZ  1 
ATOM   641  O OH  . TYR A 1 82  ? -13.161 4.427   -1.367  1.00 35.29 ? 175 TYR A OH  1 
ATOM   642  N N   . ILE A 1 83  ? -6.920  5.338   3.953   1.00 25.74 ? 176 ILE A N   1 
ATOM   643  C CA  . ILE A 1 83  ? -5.987  5.504   5.055   1.00 23.92 ? 176 ILE A CA  1 
ATOM   644  C C   . ILE A 1 83  ? -6.586  5.035   6.353   1.00 24.76 ? 176 ILE A C   1 
ATOM   645  O O   . ILE A 1 83  ? -7.624  5.546   6.760   1.00 26.83 ? 176 ILE A O   1 
ATOM   646  C CB  . ILE A 1 83  ? -5.459  6.931   5.049   1.00 27.34 ? 176 ILE A CB  1 
ATOM   647  C CG1 . ILE A 1 83  ? -4.733  7.111   3.713   1.00 29.70 ? 176 ILE A CG1 1 
ATOM   648  C CG2 . ILE A 1 83  ? -4.437  7.155   6.156   1.00 25.76 ? 176 ILE A CG2 1 
ATOM   649  C CD1 . ILE A 1 83  ? -4.417  8.521   3.392   1.00 36.84 ? 176 ILE A CD1 1 
ATOM   650  N N   . ILE A 1 84  ? -5.919  4.061   7.001   1.00 25.18 ? 177 ILE A N   1 
ATOM   651  C CA  . ILE A 1 84  ? -6.402  3.362   8.241   1.00 24.34 ? 177 ILE A CA  1 
ATOM   652  C C   . ILE A 1 84  ? -5.375  3.458   9.413   1.00 23.07 ? 177 ILE A C   1 
ATOM   653  O O   . ILE A 1 84  ? -4.520  2.609   9.532   1.00 22.80 ? 177 ILE A O   1 
ATOM   654  C CB  . ILE A 1 84  ? -6.669  1.892   7.947   1.00 24.60 ? 177 ILE A CB  1 
ATOM   655  C CG1 . ILE A 1 84  ? -7.453  1.695   6.622   1.00 27.11 ? 177 ILE A CG1 1 
ATOM   656  C CG2 . ILE A 1 84  ? -7.339  1.220   9.125   1.00 27.20 ? 177 ILE A CG2 1 
ATOM   657  C CD1 . ILE A 1 84  ? -8.887  2.139   6.580   1.00 29.46 ? 177 ILE A CD1 1 
ATOM   658  N N   . PRO A 1 85  ? -5.374  4.553   10.191  1.00 22.81 ? 178 PRO A N   1 
ATOM   659  C CA  . PRO A 1 85  ? -4.391  4.719   11.282  1.00 26.15 ? 178 PRO A CA  1 
ATOM   660  C C   . PRO A 1 85  ? -4.748  3.955   12.563  1.00 27.88 ? 178 PRO A C   1 
ATOM   661  O O   . PRO A 1 85  ? -5.867  3.417   12.700  1.00 26.76 ? 178 PRO A O   1 
ATOM   662  C CB  . PRO A 1 85  ? -4.343  6.213   11.555  1.00 25.52 ? 178 PRO A CB  1 
ATOM   663  C CG  . PRO A 1 85  ? -5.339  6.844   10.654  1.00 25.09 ? 178 PRO A CG  1 
ATOM   664  C CD  . PRO A 1 85  ? -6.100  5.806   9.878   1.00 24.81 ? 178 PRO A CD  1 
ATOM   665  N N   . GLY A 1 86  ? -3.752  3.811   13.422  1.00 24.77 ? 179 GLY A N   1 
ATOM   666  C CA  . GLY A 1 86  ? -3.934  3.250   14.763  1.00 25.49 ? 179 GLY A CA  1 
ATOM   667  C C   . GLY A 1 86  ? -4.168  1.771   14.904  1.00 28.98 ? 179 GLY A C   1 
ATOM   668  O O   . GLY A 1 86  ? -4.833  1.339   15.827  1.00 34.10 ? 179 GLY A O   1 
ATOM   669  N N   . ILE A 1 87  ? -3.610  0.973   14.012  1.00 30.08 ? 180 ILE A N   1 
ATOM   670  C CA  . ILE A 1 87  ? -3.645  -0.469  14.124  1.00 30.15 ? 180 ILE A CA  1 
ATOM   671  C C   . ILE A 1 87  ? -2.387  -0.939  14.869  1.00 32.91 ? 180 ILE A C   1 
ATOM   672  O O   . ILE A 1 87  ? -1.312  -0.653  14.420  1.00 33.48 ? 180 ILE A O   1 
ATOM   673  C CB  . ILE A 1 87  ? -3.751  -1.151  12.751  1.00 29.91 ? 180 ILE A CB  1 
ATOM   674  C CG1 . ILE A 1 87  ? -4.921  -0.578  11.947  1.00 27.52 ? 180 ILE A CG1 1 
ATOM   675  C CG2 . ILE A 1 87  ? -3.902  -2.633  12.941  1.00 33.33 ? 180 ILE A CG2 1 
ATOM   676  C CD1 . ILE A 1 87  ? -6.221  -0.420  12.750  1.00 29.17 ? 180 ILE A CD1 1 
ATOM   677  N N   . PRO A 1 88  ? -2.544  -1.641  16.017  1.00 35.61 ? 181 PRO A N   1 
ATOM   678  C CA  . PRO A 1 88  ? -1.412  -2.034  16.857  1.00 35.64 ? 181 PRO A CA  1 
ATOM   679  C C   . PRO A 1 88  ? -0.435  -2.933  16.119  1.00 36.03 ? 181 PRO A C   1 
ATOM   680  O O   . PRO A 1 88  ? -0.879  -3.834  15.324  1.00 28.20 ? 181 PRO A O   1 
ATOM   681  C CB  . PRO A 1 88  ? -2.083  -2.809  18.026  1.00 39.33 ? 181 PRO A CB  1 
ATOM   682  C CG  . PRO A 1 88  ? -3.460  -2.284  18.110  1.00 40.85 ? 181 PRO A CG  1 
ATOM   683  C CD  . PRO A 1 88  ? -3.843  -1.932  16.678  1.00 39.13 ? 181 PRO A CD  1 
ATOM   684  N N   . LYS A 1 89  ? 0.861   -2.718  16.392  1.00 34.12 ? 182 LYS A N   1 
ATOM   685  C CA  . LYS A 1 89  ? 1.924   -3.519  15.794  1.00 43.06 ? 182 LYS A CA  1 
ATOM   686  C C   . LYS A 1 89  ? 1.960   -4.940  16.234  1.00 40.53 ? 182 LYS A C   1 
ATOM   687  O O   . LYS A 1 89  ? 2.646   -5.707  15.601  1.00 45.49 ? 182 LYS A O   1 
ATOM   688  C CB  . LYS A 1 89  ? 3.351   -2.955  16.002  1.00 49.67 ? 182 LYS A CB  1 
ATOM   689  C CG  . LYS A 1 89  ? 3.709   -1.840  15.055  1.00 54.46 ? 182 LYS A CG  1 
ATOM   690  C CD  . LYS A 1 89  ? 5.200   -1.536  15.028  1.00 61.20 ? 182 LYS A CD  1 
ATOM   691  C CE  . LYS A 1 89  ? 5.680   -0.914  16.319  1.00 58.53 ? 182 LYS A CE  1 
ATOM   692  N NZ  . LYS A 1 89  ? 4.964   0.360   16.645  1.00 64.77 ? 182 LYS A NZ  1 
ATOM   693  N N   . ASP A 1 90  ? 1.282   -5.313  17.304  1.00 41.18 ? 183 ASP A N   1 
ATOM   694  C CA  . ASP A 1 90  ? 1.231   -6.728  17.686  1.00 44.40 ? 183 ASP A CA  1 
ATOM   695  C C   . ASP A 1 90  ? -0.013  -7.468  17.108  1.00 44.64 ? 183 ASP A C   1 
ATOM   696  O O   . ASP A 1 90  ? -0.318  -8.582  17.508  1.00 48.25 ? 183 ASP A O   1 
ATOM   697  C CB  . ASP A 1 90  ? 1.297   -6.831  19.205  1.00 45.40 ? 183 ASP A CB  1 
ATOM   698  C CG  . ASP A 1 90  ? 0.023   -6.349  19.883  1.00 53.00 ? 183 ASP A CG  1 
ATOM   699  O OD1 . ASP A 1 90  ? -0.861  -5.765  19.211  1.00 61.74 ? 183 ASP A OD1 1 
ATOM   700  O OD2 . ASP A 1 90  ? -0.099  -6.540  21.100  1.00 59.06 ? 183 ASP A OD2 1 
ATOM   701  N N   . THR A 1 91  ? -0.741  -6.848  16.191  1.00 41.33 ? 184 THR A N   1 
ATOM   702  C CA  . THR A 1 91  ? -1.803  -7.561  15.414  1.00 39.70 ? 184 THR A CA  1 
ATOM   703  C C   . THR A 1 91  ? -1.263  -8.736  14.585  1.00 45.31 ? 184 THR A C   1 
ATOM   704  O O   . THR A 1 91  ? -0.313  -8.572  13.815  1.00 42.88 ? 184 THR A O   1 
ATOM   705  C CB  . THR A 1 91  ? -2.455  -6.615  14.409  1.00 34.72 ? 184 THR A CB  1 
ATOM   706  O OG1 . THR A 1 91  ? -2.917  -5.432  15.083  1.00 34.36 ? 184 THR A OG1 1 
ATOM   707  C CG2 . THR A 1 91  ? -3.588  -7.247  13.661  1.00 33.38 ? 184 THR A CG2 1 
ATOM   708  N N   . LYS A 1 92  ? -1.871  -9.915  14.727  1.00 47.34 ? 185 LYS A N   1 
ATOM   709  C CA  . LYS A 1 92  ? -1.489  -11.087 13.931  1.00 48.44 ? 185 LYS A CA  1 
ATOM   710  C C   . LYS A 1 92  ? -2.133  -10.980 12.553  1.00 44.23 ? 185 LYS A C   1 
ATOM   711  O O   . LYS A 1 92  ? -3.349  -10.906 12.449  1.00 49.48 ? 185 LYS A O   1 
ATOM   712  C CB  . LYS A 1 92  ? -1.926  -12.398 14.631  1.00 53.68 ? 185 LYS A CB  1 
ATOM   713  C CG  . LYS A 1 92  ? -1.353  -12.605 16.052  1.00 56.31 ? 185 LYS A CG  1 
ATOM   714  C CD  . LYS A 1 92  ? 0.151   -12.306 16.176  1.00 59.01 ? 185 LYS A CD  1 
ATOM   715  N N   . PHE A 1 93  ? -1.309  -10.923 11.509  1.00 38.95 ? 186 PHE A N   1 
ATOM   716  C CA  . PHE A 1 93  ? -1.736  -10.834 10.114  1.00 38.73 ? 186 PHE A CA  1 
ATOM   717  C C   . PHE A 1 93  ? -1.414  -12.169 9.483   1.00 44.11 ? 186 PHE A C   1 
ATOM   718  O O   . PHE A 1 93  ? -0.320  -12.626 9.673   1.00 47.95 ? 186 PHE A O   1 
ATOM   719  C CB  . PHE A 1 93  ? -0.938  -9.753  9.384   1.00 34.81 ? 186 PHE A CB  1 
ATOM   720  C CG  . PHE A 1 93  ? -1.195  -8.363  9.895   1.00 34.21 ? 186 PHE A CG  1 
ATOM   721  C CD1 . PHE A 1 93  ? -2.383  -7.722  9.578   1.00 34.51 ? 186 PHE A CD1 1 
ATOM   722  C CD2 . PHE A 1 93  ? -0.271  -7.725  10.694  1.00 31.45 ? 186 PHE A CD2 1 
ATOM   723  C CE1 . PHE A 1 93  ? -2.659  -6.465  10.053  1.00 35.12 ? 186 PHE A CE1 1 
ATOM   724  C CE2 . PHE A 1 93  ? -0.513  -6.465  11.179  1.00 33.62 ? 186 PHE A CE2 1 
ATOM   725  C CZ  . PHE A 1 93  ? -1.698  -5.817  10.860  1.00 35.64 ? 186 PHE A CZ  1 
ATOM   726  N N   . ASN A 1 94  ? -2.335  -12.768 8.726   1.00 48.07 ? 187 ASN A N   1 
ATOM   727  C CA  . ASN A 1 94  ? -2.130  -14.062 8.067   1.00 51.32 ? 187 ASN A CA  1 
ATOM   728  C C   . ASN A 1 94  ? -2.903  -14.116 6.777   1.00 44.64 ? 187 ASN A C   1 
ATOM   729  O O   . ASN A 1 94  ? -4.109  -14.158 6.814   1.00 44.57 ? 187 ASN A O   1 
ATOM   730  C CB  . ASN A 1 94  ? -2.679  -15.177 8.955   1.00 58.36 ? 187 ASN A CB  1 
ATOM   731  C CG  . ASN A 1 94  ? -1.872  -15.346 10.219  1.00 71.14 ? 187 ASN A CG  1 
ATOM   732  O OD1 . ASN A 1 94  ? -2.359  -15.090 11.328  1.00 76.85 ? 187 ASN A OD1 1 
ATOM   733  N ND2 . ASN A 1 94  ? -0.611  -15.751 10.060  1.00 71.57 ? 187 ASN A ND2 1 
ATOM   734  N N   . PRO A 1 95  ? -2.236  -14.157 5.624   1.00 45.59 ? 188 PRO A N   1 
ATOM   735  C CA  . PRO A 1 95  ? -3.027  -14.104 4.388   1.00 43.03 ? 188 PRO A CA  1 
ATOM   736  C C   . PRO A 1 95  ? -3.898  -15.320 4.179   1.00 49.86 ? 188 PRO A C   1 
ATOM   737  O O   . PRO A 1 95  ? -3.689  -16.376 4.815   1.00 51.81 ? 188 PRO A O   1 
ATOM   738  C CB  . PRO A 1 95  ? -1.976  -14.022 3.301   1.00 45.67 ? 188 PRO A CB  1 
ATOM   739  C CG  . PRO A 1 95  ? -0.777  -14.626 3.896   1.00 50.05 ? 188 PRO A CG  1 
ATOM   740  C CD  . PRO A 1 95  ? -0.803  -14.294 5.354   1.00 50.42 ? 188 PRO A CD  1 
ATOM   741  N N   . LYS A 1 96  ? -4.895  -15.184 3.310   0.50 50.34 ? 189 LYS A N   1 
ATOM   742  C CA  . LYS A 1 96  ? -5.696  -16.323 2.857   0.50 52.14 ? 189 LYS A CA  1 
ATOM   743  C C   . LYS A 1 96  ? -4.782  -17.129 1.954   0.50 53.63 ? 189 LYS A C   1 
ATOM   744  O O   . LYS A 1 96  ? -4.379  -18.256 2.230   0.50 55.71 ? 189 LYS A O   1 
ATOM   745  C CB  . LYS A 1 96  ? -6.885  -15.830 2.043   0.50 52.43 ? 189 LYS A CB  1 
ATOM   746  N N   A THR A 1 97  ? -4.264  -16.315 1.054   0.25 53.80 ? 190 THR A N   1 
ATOM   747  N N   B THR A 1 97  ? -4.689  -16.876 0.621   0.25 59.47 ? 190 THR A N   1 
ATOM   748  C CA  A THR A 1 97  ? -3.726  -16.687 -0.221  0.25 50.76 ? 190 THR A CA  1 
ATOM   749  C CA  B THR A 1 97  ? -3.840  -17.763 -0.211  0.25 58.77 ? 190 THR A CA  1 
ATOM   750  C C   A THR A 1 97  ? -2.191  -16.777 -0.182  0.25 52.55 ? 190 THR A C   1 
ATOM   751  C C   B THR A 1 97  ? -2.413  -17.257 -0.349  0.25 60.75 ? 190 THR A C   1 
ATOM   752  O O   A THR A 1 97  ? -1.519  -15.872 -0.711  0.25 45.14 ? 190 THR A O   1 
ATOM   753  O O   B THR A 1 97  ? -2.075  -16.321 -1.096  0.25 61.04 ? 190 THR A O   1 
ATOM   754  C CB  A THR A 1 97  ? -4.166  -15.607 -1.263  0.25 47.60 ? 190 THR A CB  1 
ATOM   755  C CB  B THR A 1 97  ? -4.373  -18.123 -1.613  0.25 55.25 ? 190 THR A CB  1 
ATOM   756  O OG1 A THR A 1 97  ? -3.777  -14.292 -0.825  0.25 39.79 ? 190 THR A OG1 1 
ATOM   757  O OG1 B THR A 1 97  ? -4.105  -19.506 -1.862  0.25 52.65 ? 190 THR A OG1 1 
ATOM   758  C CG2 A THR A 1 97  ? -5.691  -15.610 -1.454  0.25 46.97 ? 190 THR A CG2 1 
ATOM   759  C CG2 B THR A 1 97  ? -3.657  -17.353 -2.652  0.25 52.33 ? 190 THR A CG2 1 
ATOM   760  N N   . ARG A 1 98  ? -1.618  -17.839 0.413   0.50 53.53 ? 191 ARG A N   1 
ATOM   761  C CA  . ARG A 1 98  ? -0.153  -17.878 0.459   0.50 55.19 ? 191 ARG A CA  1 
ATOM   762  C C   . ARG A 1 98  ? 0.470   -18.327 -0.863  0.50 51.84 ? 191 ARG A C   1 
ATOM   763  O O   . ARG A 1 98  ? 1.691   -18.266 -1.046  0.50 46.52 ? 191 ARG A O   1 
ATOM   764  C CB  . ARG A 1 98  ? 0.378   -18.663 1.659   0.50 56.69 ? 191 ARG A CB  1 
ATOM   765  C CG  . ARG A 1 98  ? 0.482   -17.775 2.893   0.50 59.28 ? 191 ARG A CG  1 
ATOM   766  C CD  . ARG A 1 98  ? 1.711   -18.059 3.743   0.50 61.94 ? 191 ARG A CD  1 
ATOM   767  N NE  . ARG A 1 98  ? 2.947   -17.482 3.199   0.50 61.35 ? 191 ARG A NE  1 
ATOM   768  C CZ  . ARG A 1 98  ? 4.163   -17.881 3.566   0.50 63.30 ? 191 ARG A CZ  1 
ATOM   769  N NH1 . ARG A 1 98  ? 4.293   -18.855 4.457   0.50 65.29 ? 191 ARG A NH1 1 
ATOM   770  N NH2 . ARG A 1 98  ? 5.249   -17.333 3.042   0.50 62.75 ? 191 ARG A NH2 1 
ATOM   771  N N   . ARG A 1 99  ? -0.379  -18.720 -1.799  0.50 47.05 ? 192 ARG A N   1 
ATOM   772  C CA  . ARG A 1 99  ? 0.071   -18.917 -3.163  0.50 45.25 ? 192 ARG A CA  1 
ATOM   773  C C   . ARG A 1 99  ? 0.313   -17.577 -3.878  0.50 42.19 ? 192 ARG A C   1 
ATOM   774  O O   . ARG A 1 99  ? 0.943   -17.559 -4.936  0.50 37.52 ? 192 ARG A O   1 
ATOM   775  C CB  . ARG A 1 99  ? -0.914  -19.805 -3.940  0.50 49.40 ? 192 ARG A CB  1 
ATOM   776  C CG  . ARG A 1 99  ? -0.532  -21.288 -3.935  0.50 52.80 ? 192 ARG A CG  1 
ATOM   777  C CD  . ARG A 1 99  ? -1.522  -22.180 -3.190  0.50 55.54 ? 192 ARG A CD  1 
ATOM   778  N NE  . ARG A 1 99  ? -2.571  -22.715 -4.062  0.50 55.40 ? 192 ARG A NE  1 
ATOM   779  C CZ  . ARG A 1 99  ? -3.727  -23.209 -3.625  0.50 57.66 ? 192 ARG A CZ  1 
ATOM   780  N NH1 . ARG A 1 99  ? -3.997  -23.234 -2.323  0.50 58.66 ? 192 ARG A NH1 1 
ATOM   781  N NH2 . ARG A 1 99  ? -4.620  -23.671 -4.493  0.50 57.61 ? 192 ARG A NH2 1 
ATOM   782  N N   . GLU A 1 100 ? -0.181  -16.468 -3.303  1.00 40.19 ? 193 GLU A N   1 
ATOM   783  C CA  . GLU A 1 100 ? 0.052   -15.096 -3.822  1.00 39.09 ? 193 GLU A CA  1 
ATOM   784  C C   . GLU A 1 100 ? 0.944   -14.186 -2.987  1.00 32.82 ? 193 GLU A C   1 
ATOM   785  O O   . GLU A 1 100 ? 1.559   -13.289 -3.572  1.00 33.13 ? 193 GLU A O   1 
ATOM   786  C CB  . GLU A 1 100 ? -1.293  -14.422 -4.045  1.00 50.78 ? 193 GLU A CB  1 
ATOM   787  C CG  . GLU A 1 100 ? -2.191  -15.315 -4.897  1.00 60.07 ? 193 GLU A CG  1 
ATOM   788  C CD  . GLU A 1 100 ? -3.559  -14.730 -5.190  1.00 67.16 ? 193 GLU A CD  1 
ATOM   789  O OE1 . GLU A 1 100 ? -3.611  -13.811 -6.046  1.00 64.07 ? 193 GLU A OE1 1 
ATOM   790  O OE2 . GLU A 1 100 ? -4.563  -15.225 -4.597  1.00 69.02 ? 193 GLU A OE2 1 
ATOM   791  N N   . ILE A 1 101 ? 1.027   -14.407 -1.665  1.00 28.14 ? 194 ILE A N   1 
ATOM   792  C CA  . ILE A 1 101 ? 1.732   -13.517 -0.704  1.00 28.72 ? 194 ILE A CA  1 
ATOM   793  C C   . ILE A 1 101 ? 2.830   -14.267 0.083   1.00 29.22 ? 194 ILE A C   1 
ATOM   794  O O   . ILE A 1 101 ? 2.549   -15.258 0.811   1.00 26.99 ? 194 ILE A O   1 
ATOM   795  C CB  . ILE A 1 101 ? 0.764   -12.842 0.336   1.00 30.17 ? 194 ILE A CB  1 
ATOM   796  C CG1 . ILE A 1 101 ? -0.338  -12.008 -0.358  1.00 31.09 ? 194 ILE A CG1 1 
ATOM   797  C CG2 . ILE A 1 101 ? 1.527   -11.937 1.339   1.00 27.37 ? 194 ILE A CG2 1 
ATOM   798  C CD1 . ILE A 1 101 ? 0.142   -10.870 -1.258  1.00 30.15 ? 194 ILE A CD1 1 
ATOM   799  N N   . ARG A 1 102 ? 4.061   -13.785 -0.075  1.00 26.85 ? 195 ARG A N   1 
ATOM   800  C CA  . ARG A 1 102 ? 5.242   -14.381 0.512   1.00 29.47 ? 195 ARG A CA  1 
ATOM   801  C C   . ARG A 1 102 ? 5.404   -13.942 1.971   1.00 30.23 ? 195 ARG A C   1 
ATOM   802  O O   . ARG A 1 102 ? 5.800   -14.738 2.799   1.00 29.13 ? 195 ARG A O   1 
ATOM   803  C CB  . ARG A 1 102 ? 6.535   -14.039 -0.283  1.00 28.97 ? 195 ARG A CB  1 
ATOM   804  C CG  . ARG A 1 102 ? 7.726   -14.954 0.126   1.00 28.77 ? 195 ARG A CG  1 
ATOM   805  C CD  . ARG A 1 102 ? 9.063   -14.346 -0.241  1.00 27.92 ? 195 ARG A CD  1 
ATOM   806  N NE  . ARG A 1 102 ? 9.243   -14.427 -1.678  1.00 28.00 ? 195 ARG A NE  1 
ATOM   807  C CZ  . ARG A 1 102 ? 9.661   -15.531 -2.289  1.00 30.18 ? 195 ARG A CZ  1 
ATOM   808  N NH1 . ARG A 1 102 ? 9.922   -16.634 -1.581  1.00 30.19 ? 195 ARG A NH1 1 
ATOM   809  N NH2 . ARG A 1 102 ? 9.805   -15.560 -3.598  1.00 32.60 ? 195 ARG A NH2 1 
ATOM   810  N N   . ASN A 1 103 ? 5.125   -12.671 2.262   1.00 29.31 ? 196 ASN A N   1 
ATOM   811  C CA  . ASN A 1 103 ? 5.449   -12.107 3.550   1.00 29.61 ? 196 ASN A CA  1 
ATOM   812  C C   . ASN A 1 103 ? 4.643   -10.810 3.746   1.00 29.22 ? 196 ASN A C   1 
ATOM   813  O O   . ASN A 1 103 ? 4.078   -10.280 2.783   1.00 23.23 ? 196 ASN A O   1 
ATOM   814  C CB  . ASN A 1 103 ? 6.959   -11.860 3.670   1.00 30.64 ? 196 ASN A CB  1 
ATOM   815  C CG  . ASN A 1 103 ? 7.451   -12.023 5.099   1.00 37.11 ? 196 ASN A CG  1 
ATOM   816  O OD1 . ASN A 1 103 ? 6.651   -12.169 6.027   1.00 38.64 ? 196 ASN A OD1 1 
ATOM   817  N ND2 . ASN A 1 103 ? 8.748   -11.915 5.301   1.00 38.80 ? 196 ASN A ND2 1 
ATOM   818  N N   . ILE A 1 104 ? 4.553   -10.398 5.007   1.00 26.60 ? 197 ILE A N   1 
ATOM   819  C CA  . ILE A 1 104 ? 3.793   -9.241  5.502   1.00 29.11 ? 197 ILE A CA  1 
ATOM   820  C C   . ILE A 1 104 ? 4.646   -8.575  6.582   1.00 29.11 ? 197 ILE A C   1 
ATOM   821  O O   . ILE A 1 104 ? 4.940   -9.206  7.588   1.00 25.96 ? 197 ILE A O   1 
ATOM   822  C CB  . ILE A 1 104 ? 2.459   -9.646  6.170   1.00 28.05 ? 197 ILE A CB  1 
ATOM   823  C CG1 . ILE A 1 104 ? 1.558   -10.407 5.180   1.00 31.08 ? 197 ILE A CG1 1 
ATOM   824  C CG2 . ILE A 1 104 ? 1.675   -8.417  6.618   1.00 30.13 ? 197 ILE A CG2 1 
ATOM   825  C CD1 . ILE A 1 104 ? 0.236   -10.882 5.728   1.00 35.23 ? 197 ILE A CD1 1 
ATOM   826  N N   . GLU A 1 105 ? 4.991   -7.300  6.421   1.00 29.22 ? 198 GLU A N   1 
ATOM   827  C CA  . GLU A 1 105 ? 5.823   -6.615  7.440   1.00 29.45 ? 198 GLU A CA  1 
ATOM   828  C C   . GLU A 1 105 ? 5.530   -5.154  7.608   1.00 25.14 ? 198 GLU A C   1 
ATOM   829  O O   . GLU A 1 105 ? 5.114   -4.508  6.657   1.00 24.78 ? 198 GLU A O   1 
ATOM   830  C CB  . GLU A 1 105 ? 7.286   -6.679  7.086   1.00 33.80 ? 198 GLU A CB  1 
ATOM   831  C CG  . GLU A 1 105 ? 8.005   -7.958  7.375   1.00 43.94 ? 198 GLU A CG  1 
ATOM   832  C CD  . GLU A 1 105 ? 9.411   -7.952  6.795   1.00 51.23 ? 198 GLU A CD  1 
ATOM   833  O OE1 . GLU A 1 105 ? 10.069  -6.863  6.811   1.00 51.97 ? 198 GLU A OE1 1 
ATOM   834  O OE2 . GLU A 1 105 ? 9.854   -9.035  6.353   1.00 65.02 ? 198 GLU A OE2 1 
ATOM   835  N N   . TRP A 1 106 ? 5.914   -4.650  8.784   1.00 24.14 ? 199 TRP A N   1 
ATOM   836  C CA  . TRP A 1 106 ? 5.903   -3.226  9.111   1.00 29.35 ? 199 TRP A CA  1 
ATOM   837  C C   . TRP A 1 106 ? 7.234   -2.590  8.662   1.00 29.89 ? 199 TRP A C   1 
ATOM   838  O O   . TRP A 1 106 ? 8.297   -3.179  8.890   1.00 30.05 ? 199 TRP A O   1 
ATOM   839  C CB  . TRP A 1 106 ? 5.731   -2.967  10.632  1.00 30.36 ? 199 TRP A CB  1 
ATOM   840  C CG  . TRP A 1 106 ? 4.391   -3.322  11.218  1.00 30.83 ? 199 TRP A CG  1 
ATOM   841  C CD1 . TRP A 1 106 ? 4.092   -4.443  11.986  1.00 31.61 ? 199 TRP A CD1 1 
ATOM   842  C CD2 . TRP A 1 106 ? 3.163   -2.555  11.142  1.00 30.83 ? 199 TRP A CD2 1 
ATOM   843  N NE1 . TRP A 1 106 ? 2.762   -4.423  12.347  1.00 34.10 ? 199 TRP A NE1 1 
ATOM   844  C CE2 . TRP A 1 106 ? 2.170   -3.284  11.861  1.00 32.32 ? 199 TRP A CE2 1 
ATOM   845  C CE3 . TRP A 1 106 ? 2.802   -1.352  10.517  1.00 27.87 ? 199 TRP A CE3 1 
ATOM   846  C CZ2 . TRP A 1 106 ? 0.844   -2.834  11.983  1.00 35.54 ? 199 TRP A CZ2 1 
ATOM   847  C CZ3 . TRP A 1 106 ? 1.517   -0.892  10.648  1.00 30.28 ? 199 TRP A CZ3 1 
ATOM   848  C CH2 . TRP A 1 106 ? 0.529   -1.631  11.382  1.00 33.54 ? 199 TRP A CH2 1 
ATOM   849  N N   . PHE A 1 107 ? 7.142   -1.402  8.060   1.00 28.26 ? 200 PHE A N   1 
ATOM   850  C CA  . PHE A 1 107 ? 8.271   -0.610  7.610   1.00 25.17 ? 200 PHE A CA  1 
ATOM   851  C C   . PHE A 1 107 ? 8.161   0.789   8.132   1.00 28.00 ? 200 PHE A C   1 
ATOM   852  O O   . PHE A 1 107 ? 7.055   1.377   8.096   1.00 29.17 ? 200 PHE A O   1 
ATOM   853  C CB  . PHE A 1 107 ? 8.335   -0.572  6.044   1.00 27.11 ? 200 PHE A CB  1 
ATOM   854  C CG  . PHE A 1 107 ? 8.778   -1.923  5.409   1.00 24.93 ? 200 PHE A CG  1 
ATOM   855  C CD1 . PHE A 1 107 ? 7.819   -2.924  5.073   1.00 24.36 ? 200 PHE A CD1 1 
ATOM   856  C CD2 . PHE A 1 107 ? 10.125  -2.231  5.284   1.00 24.01 ? 200 PHE A CD2 1 
ATOM   857  C CE1 . PHE A 1 107 ? 8.253   -4.169  4.569   1.00 24.42 ? 200 PHE A CE1 1 
ATOM   858  C CE2 . PHE A 1 107 ? 10.567  -3.464  4.807   1.00 23.93 ? 200 PHE A CE2 1 
ATOM   859  C CZ  . PHE A 1 107 ? 9.605   -4.424  4.416   1.00 24.49 ? 200 PHE A CZ  1 
ATOM   860  N N   . SER A 1 108 ? 9.321   1.370   8.550   1.00 25.05 ? 201 SER A N   1 
ATOM   861  C CA  . SER A 1 108 ? 9.403   2.772   8.900   1.00 24.39 ? 201 SER A CA  1 
ATOM   862  C C   . SER A 1 108 ? 9.166   3.673   7.707   1.00 25.85 ? 201 SER A C   1 
ATOM   863  O O   . SER A 1 108 ? 9.893   3.598   6.701   1.00 23.94 ? 201 SER A O   1 
ATOM   864  C CB  . SER A 1 108 ? 10.779  3.125   9.578   1.00 27.49 ? 201 SER A CB  1 
ATOM   865  O OG  . SER A 1 108 ? 10.894  4.508   9.771   1.00 31.24 ? 201 SER A OG  1 
ATOM   866  N N   . ILE A 1 109 ? 8.209   4.608   7.860   1.00 23.95 ? 202 ILE A N   1 
ATOM   867  C CA  . ILE A 1 109 ? 7.892   5.565   6.838   1.00 26.87 ? 202 ILE A CA  1 
ATOM   868  C C   . ILE A 1 109 ? 9.102   6.496   6.499   1.00 31.65 ? 202 ILE A C   1 
ATOM   869  O O   . ILE A 1 109 ? 9.343   6.830   5.326   1.00 28.41 ? 202 ILE A O   1 
ATOM   870  C CB  . ILE A 1 109 ? 6.678   6.428   7.234   1.00 29.23 ? 202 ILE A CB  1 
ATOM   871  C CG1 . ILE A 1 109 ? 5.397   5.589   7.278   1.00 33.35 ? 202 ILE A CG1 1 
ATOM   872  C CG2 . ILE A 1 109 ? 6.469   7.528   6.201   1.00 36.08 ? 202 ILE A CG2 1 
ATOM   873  C CD1 . ILE A 1 109 ? 4.169   6.355   7.768   1.00 33.74 ? 202 ILE A CD1 1 
ATOM   874  N N   . GLU A 1 110 ? 9.872   6.912   7.512   1.00 30.92 ? 203 GLU A N   1 
ATOM   875  C CA  . GLU A 1 110 ? 10.941  7.872   7.224   1.00 33.97 ? 203 GLU A CA  1 
ATOM   876  C C   . GLU A 1 110 ? 12.111  7.207   6.481   1.00 33.54 ? 203 GLU A C   1 
ATOM   877  O O   . GLU A 1 110 ? 12.814  7.851   5.712   1.00 35.28 ? 203 GLU A O   1 
ATOM   878  C CB  . GLU A 1 110 ? 11.322  8.679   8.487   1.00 37.89 ? 203 GLU A CB  1 
ATOM   879  C CG  . GLU A 1 110 ? 11.945  7.886   9.606   1.00 45.35 ? 203 GLU A CG  1 
ATOM   880  C CD  . GLU A 1 110 ? 12.542  8.786   10.723  1.00 51.39 ? 203 GLU A CD  1 
ATOM   881  O OE1 . GLU A 1 110 ? 12.032  9.895   10.996  1.00 46.79 ? 203 GLU A OE1 1 
ATOM   882  O OE2 . GLU A 1 110 ? 13.538  8.365   11.339  1.00 62.08 ? 203 GLU A OE2 1 
ATOM   883  N N   . LYS A 1 111 ? 12.233  5.883   6.623   1.00 31.15 ? 204 LYS A N   1 
ATOM   884  C CA  . LYS A 1 111 ? 13.272  5.102   5.946   1.00 31.48 ? 204 LYS A CA  1 
ATOM   885  C C   . LYS A 1 111 ? 12.911  4.621   4.550   1.00 31.95 ? 204 LYS A C   1 
ATOM   886  O O   . LYS A 1 111 ? 13.809  4.218   3.847   1.00 29.79 ? 204 LYS A O   1 
ATOM   887  C CB  . LYS A 1 111 ? 13.617  3.862   6.774   1.00 34.12 ? 204 LYS A CB  1 
ATOM   888  C CG  . LYS A 1 111 ? 14.233  4.253   8.096   1.00 40.83 ? 204 LYS A CG  1 
ATOM   889  C CD  . LYS A 1 111 ? 14.861  3.055   8.772   1.00 48.21 ? 204 LYS A CD  1 
ATOM   890  C CE  . LYS A 1 111 ? 15.484  3.522   10.060  1.00 58.97 ? 204 LYS A CE  1 
ATOM   891  N NZ  . LYS A 1 111 ? 15.789  2.318   10.850  1.00 72.54 ? 204 LYS A NZ  1 
ATOM   892  N N   . LEU A 1 112 ? 11.633  4.662   4.151   1.00 28.78 ? 205 LEU A N   1 
ATOM   893  C CA  . LEU A 1 112 ? 11.229  4.236   2.802   1.00 29.78 ? 205 LEU A CA  1 
ATOM   894  C C   . LEU A 1 112 ? 11.622  5.303   1.782   1.00 32.28 ? 205 LEU A C   1 
ATOM   895  O O   . LEU A 1 112 ? 11.630  6.480   2.071   1.00 34.13 ? 205 LEU A O   1 
ATOM   896  C CB  . LEU A 1 112 ? 9.710   3.979   2.714   1.00 26.55 ? 205 LEU A CB  1 
ATOM   897  C CG  . LEU A 1 112 ? 9.265   2.726   3.474   1.00 25.58 ? 205 LEU A CG  1 
ATOM   898  C CD1 . LEU A 1 112 ? 7.771   2.708   3.657   1.00 26.53 ? 205 LEU A CD1 1 
ATOM   899  C CD2 . LEU A 1 112 ? 9.708   1.495   2.689   1.00 26.12 ? 205 LEU A CD2 1 
ATOM   900  N N   . PRO A 1 113 ? 11.961  4.876   0.576   1.00 36.78 ? 206 PRO A N   1 
ATOM   901  C CA  . PRO A 1 113 ? 12.301  5.820   -0.486  1.00 36.23 ? 206 PRO A CA  1 
ATOM   902  C C   . PRO A 1 113 ? 11.030  6.422   -1.062  1.00 35.77 ? 206 PRO A C   1 
ATOM   903  O O   . PRO A 1 113 ? 9.978   5.748   -1.098  1.00 33.28 ? 206 PRO A O   1 
ATOM   904  C CB  . PRO A 1 113 ? 13.010  4.931   -1.530  1.00 33.47 ? 206 PRO A CB  1 
ATOM   905  C CG  . PRO A 1 113 ? 12.364  3.589   -1.316  1.00 39.58 ? 206 PRO A CG  1 
ATOM   906  C CD  . PRO A 1 113 ? 12.109  3.465   0.154   1.00 36.52 ? 206 PRO A CD  1 
ATOM   907  N N   . CYS A 1 114 ? 11.102  7.672   -1.479  1.00 32.40 ? 207 CYS A N   1 
ATOM   908  C CA  . CYS A 1 114 ? 10.022  8.257   -2.218  1.00 39.02 ? 207 CYS A CA  1 
ATOM   909  C C   . CYS A 1 114 ? 10.369  8.452   -3.725  1.00 41.15 ? 207 CYS A C   1 
ATOM   910  O O   . CYS A 1 114 ? 9.585   9.037   -4.459  1.00 39.05 ? 207 CYS A O   1 
ATOM   911  C CB  . CYS A 1 114 ? 9.570   9.535   -1.560  1.00 41.74 ? 207 CYS A CB  1 
ATOM   912  S SG  . CYS A 1 114 ? 10.757  10.832  -1.804  1.00 52.11 ? 207 CYS A SG  1 
ATOM   913  N N   . HIS A 1 115 ? 11.510  7.911   -4.174  1.00 37.73 ? 208 HIS A N   1 
ATOM   914  C CA  . HIS A 1 115 ? 11.850  7.862   -5.613  1.00 41.10 ? 208 HIS A CA  1 
ATOM   915  C C   . HIS A 1 115 ? 12.922  6.786   -5.721  1.00 42.17 ? 208 HIS A C   1 
ATOM   916  O O   . HIS A 1 115 ? 13.521  6.412   -4.693  1.00 38.58 ? 208 HIS A O   1 
ATOM   917  C CB  . HIS A 1 115 ? 12.401  9.238   -6.078  1.00 40.69 ? 208 HIS A CB  1 
ATOM   918  C CG  . HIS A 1 115 ? 13.668  9.646   -5.367  1.00 44.53 ? 208 HIS A CG  1 
ATOM   919  N ND1 . HIS A 1 115 ? 14.903  9.122   -5.685  1.00 50.10 ? 208 HIS A ND1 1 
ATOM   920  C CD2 . HIS A 1 115 ? 13.875  10.460  -4.303  1.00 46.83 ? 208 HIS A CD2 1 
ATOM   921  C CE1 . HIS A 1 115 ? 15.826  9.629   -4.880  1.00 45.70 ? 208 HIS A CE1 1 
ATOM   922  N NE2 . HIS A 1 115 ? 15.229  10.445  -4.033  1.00 46.03 ? 208 HIS A NE2 1 
ATOM   923  N N   . ARG A 1 116 ? 13.164  6.257   -6.921  0.42 42.46 ? 209 ARG A N   1 
ATOM   924  C CA  . ARG A 1 116 ? 14.329  5.378   -7.131  0.42 42.73 ? 209 ARG A CA  1 
ATOM   925  C C   . ARG A 1 116 ? 15.554  6.217   -7.476  0.42 43.93 ? 209 ARG A C   1 
ATOM   926  O O   . ARG A 1 116 ? 15.441  7.404   -7.753  0.42 42.60 ? 209 ARG A O   1 
ATOM   927  C CB  . ARG A 1 116 ? 14.047  4.342   -8.205  0.42 42.63 ? 209 ARG A CB  1 
ATOM   928  C CG  . ARG A 1 116 ? 13.031  3.309   -7.741  0.42 42.53 ? 209 ARG A CG  1 
ATOM   929  C CD  . ARG A 1 116 ? 12.071  2.918   -8.838  0.42 43.26 ? 209 ARG A CD  1 
ATOM   930  N NE  . ARG A 1 116 ? 12.629  1.874   -9.682  0.42 43.78 ? 209 ARG A NE  1 
ATOM   931  C CZ  . ARG A 1 116 ? 12.452  1.756   -10.998 0.42 44.96 ? 209 ARG A CZ  1 
ATOM   932  N NH1 . ARG A 1 116 ? 11.735  2.641   -11.699 0.42 45.70 ? 209 ARG A NH1 1 
ATOM   933  N NH2 . ARG A 1 116 ? 13.022  0.737   -11.632 0.42 44.04 ? 209 ARG A NH2 1 
ATOM   934  N N   . ASN A 1 117 ? 16.728  5.601   -7.403  1.00 47.05 ? 210 ASN A N   1 
ATOM   935  C CA  . ASN A 1 117 ? 17.975  6.254   -7.733  1.00 49.56 ? 210 ASN A CA  1 
ATOM   936  C C   . ASN A 1 117 ? 18.255  6.117   -9.207  1.00 48.52 ? 210 ASN A C   1 
ATOM   937  O O   . ASN A 1 117 ? 17.919  5.084   -9.839  1.00 43.85 ? 210 ASN A O   1 
ATOM   938  C CB  . ASN A 1 117 ? 19.102  5.644   -6.899  1.00 53.34 ? 210 ASN A CB  1 
ATOM   939  C CG  . ASN A 1 117 ? 18.887  5.877   -5.432  1.00 55.66 ? 210 ASN A CG  1 
ATOM   940  O OD1 . ASN A 1 117 ? 18.235  6.875   -5.032  1.00 51.21 ? 210 ASN A OD1 1 
ATOM   941  N ND2 . ASN A 1 117 ? 19.392  4.968   -4.619  1.00 52.95 ? 210 ASN A ND2 1 
ATOM   942  N N   . ASP A 1 118 ? 18.910  7.157   -9.734  1.00 51.73 ? 211 ASP A N   1 
ATOM   943  C CA  . ASP A 1 118 ? 19.416  7.144   -11.098 1.00 55.38 ? 211 ASP A CA  1 
ATOM   944  C C   . ASP A 1 118 ? 20.701  6.291   -11.154 1.00 56.84 ? 211 ASP A C   1 
ATOM   945  O O   . ASP A 1 118 ? 21.042  5.599   -10.162 1.00 50.73 ? 211 ASP A O   1 
ATOM   946  C CB  . ASP A 1 118 ? 19.520  8.582   -11.699 1.00 53.55 ? 211 ASP A CB  1 
ATOM   947  C CG  . ASP A 1 118 ? 20.597  9.446   -11.078 1.00 54.03 ? 211 ASP A CG  1 
ATOM   948  O OD1 . ASP A 1 118 ? 21.542  8.955   -10.432 1.00 50.21 ? 211 ASP A OD1 1 
ATOM   949  O OD2 . ASP A 1 118 ? 20.496  10.670  -11.285 1.00 67.94 ? 211 ASP A OD2 1 
ATOM   950  N N   . MET A 1 119 ? 21.344  6.283   -12.332 1.00 58.61 ? 212 MET A N   1 
ATOM   951  C CA  . MET A 1 119 ? 22.625  5.586   -12.578 1.00 56.63 ? 212 MET A CA  1 
ATOM   952  C C   . MET A 1 119 ? 23.628  6.518   -13.275 1.00 58.56 ? 212 MET A C   1 
ATOM   953  O O   . MET A 1 119 ? 24.459  6.083   -14.075 1.00 65.28 ? 212 MET A O   1 
ATOM   954  C CB  . MET A 1 119 ? 22.333  4.342   -13.402 1.00 52.09 ? 212 MET A CB  1 
ATOM   955  C CG  . MET A 1 119 ? 21.514  3.362   -12.582 1.00 51.47 ? 212 MET A CG  1 
ATOM   956  S SD  . MET A 1 119 ? 21.060  1.905   -13.463 1.00 54.70 ? 212 MET A SD  1 
ATOM   957  C CE  . MET A 1 119 ? 20.110  2.629   -14.791 1.00 65.60 ? 212 MET A CE  1 
ATOM   958  N N   . THR A 1 120 ? 23.537  7.805   -12.941 1.00 61.99 ? 213 THR A N   1 
ATOM   959  C CA  . THR A 1 120 ? 24.433  8.856   -13.418 1.00 65.13 ? 213 THR A CA  1 
ATOM   960  C C   . THR A 1 120 ? 25.861  8.740   -12.825 1.00 74.40 ? 213 THR A C   1 
ATOM   961  O O   . THR A 1 120 ? 26.757  9.412   -13.321 1.00 76.27 ? 213 THR A O   1 
ATOM   962  C CB  . THR A 1 120 ? 23.850  10.269  -13.122 1.00 68.31 ? 213 THR A CB  1 
ATOM   963  O OG1 . THR A 1 120 ? 23.654  10.435  -11.714 1.00 75.94 ? 213 THR A OG1 1 
ATOM   964  C CG2 . THR A 1 120 ? 22.483  10.496  -13.807 1.00 69.97 ? 213 THR A CG2 1 
ATOM   965  N N   . PRO A 1 121 ? 26.075  7.926   -11.745 1.00 83.09 ? 214 PRO A N   1 
ATOM   966  C CA  . PRO A 1 121 ? 27.452  7.437   -11.540 1.00 79.55 ? 214 PRO A CA  1 
ATOM   967  C C   . PRO A 1 121 ? 28.051  6.697   -12.767 1.00 78.74 ? 214 PRO A C   1 
ATOM   968  O O   . PRO A 1 121 ? 29.220  6.895   -13.097 1.00 76.67 ? 214 PRO A O   1 
ATOM   969  C CB  . PRO A 1 121 ? 27.310  6.476   -10.337 1.00 78.32 ? 214 PRO A CB  1 
ATOM   970  C CG  . PRO A 1 121 ? 25.831  6.334   -10.090 1.00 85.79 ? 214 PRO A CG  1 
ATOM   971  C CD  . PRO A 1 121 ? 25.276  7.658   -10.529 1.00 82.79 ? 214 PRO A CD  1 
ATOM   972  N N   . LYS A 1 122 ? 27.258  5.863   -13.435 1.00 70.38 ? 215 LYS A N   1 
ATOM   973  C CA  . LYS A 1 122 ? 27.733  5.091   -14.579 1.00 60.73 ? 215 LYS A CA  1 
ATOM   974  C C   . LYS A 1 122 ? 27.468  5.738   -15.977 1.00 59.43 ? 215 LYS A C   1 
ATOM   975  O O   . LYS A 1 122 ? 27.602  5.043   -16.984 1.00 65.57 ? 215 LYS A O   1 
ATOM   976  C CB  . LYS A 1 122 ? 27.121  3.687   -14.509 1.00 58.41 ? 215 LYS A CB  1 
ATOM   977  C CG  . LYS A 1 122 ? 27.873  2.628   -15.307 1.00 60.19 ? 215 LYS A CG  1 
ATOM   978  N N   . SER A 1 123 ? 27.116  7.033   -16.072 1.00 50.51 ? 216 SER A N   1 
ATOM   979  C CA  . SER A 1 123 ? 26.770  7.653   -17.384 1.00 48.77 ? 216 SER A CA  1 
ATOM   980  C C   . SER A 1 123 ? 25.757  6.800   -18.219 1.00 45.17 ? 216 SER A C   1 
ATOM   981  O O   . SER A 1 123 ? 25.834  6.717   -19.441 1.00 44.38 ? 216 SER A O   1 
ATOM   982  C CB  . SER A 1 123 ? 28.061  7.929   -18.177 1.00 49.42 ? 216 SER A CB  1 
ATOM   983  O OG  . SER A 1 123 ? 28.620  9.177   -17.825 1.00 55.30 ? 216 SER A OG  1 
ATOM   984  N N   . LYS A 1 124 ? 24.825  6.160   -17.500 1.00 38.57 ? 217 LYS A N   1 
ATOM   985  C CA  . LYS A 1 124 ? 23.786  5.309   -18.020 1.00 35.52 ? 217 LYS A CA  1 
ATOM   986  C C   . LYS A 1 124 ? 22.373  5.937   -17.673 1.00 37.21 ? 217 LYS A C   1 
ATOM   987  O O   . LYS A 1 124 ? 22.156  6.476   -16.532 1.00 34.65 ? 217 LYS A O   1 
ATOM   988  C CB  . LYS A 1 124 ? 23.941  3.956   -17.360 1.00 41.09 ? 217 LYS A CB  1 
ATOM   989  C CG  . LYS A 1 124 ? 23.153  2.812   -17.973 1.00 46.01 ? 217 LYS A CG  1 
ATOM   990  C CD  . LYS A 1 124 ? 23.668  1.473   -17.427 1.00 49.70 ? 217 LYS A CD  1 
ATOM   991  N N   . LEU A 1 125 ? 21.465  5.876   -18.655 1.00 31.77 ? 218 LEU A N   1 
ATOM   992  C CA  . LEU A 1 125 ? 20.055  6.255   -18.508 1.00 35.14 ? 218 LEU A CA  1 
ATOM   993  C C   . LEU A 1 125 ? 19.184  5.227   -17.733 1.00 34.40 ? 218 LEU A C   1 
ATOM   994  O O   . LEU A 1 125 ? 19.372  4.025   -17.841 1.00 33.59 ? 218 LEU A O   1 
ATOM   995  C CB  . LEU A 1 125 ? 19.403  6.436   -19.897 1.00 34.78 ? 218 LEU A CB  1 
ATOM   996  C CG  . LEU A 1 125 ? 20.012  7.519   -20.839 1.00 35.91 ? 218 LEU A CG  1 
ATOM   997  C CD1 . LEU A 1 125 ? 19.027  7.951   -21.883 1.00 39.38 ? 218 LEU A CD1 1 
ATOM   998  C CD2 . LEU A 1 125 ? 20.550  8.761   -20.128 1.00 37.13 ? 218 LEU A CD2 1 
ATOM   999  N N   . GLY A 1 126 ? 18.178  5.745   -17.047 1.00 32.57 ? 219 GLY A N   1 
ATOM   1000 C CA  . GLY A 1 126 ? 17.154  4.919   -16.368 1.00 34.91 ? 219 GLY A CA  1 
ATOM   1001 C C   . GLY A 1 126 ? 17.322  4.936   -14.852 1.00 32.36 ? 219 GLY A C   1 
ATOM   1002 O O   . GLY A 1 126 ? 17.981  5.803   -14.262 1.00 30.74 ? 219 GLY A O   1 
ATOM   1003 N N   . LEU A 1 127 ? 16.734  3.944   -14.233 1.00 35.67 ? 220 LEU A N   1 
ATOM   1004 C CA  . LEU A 1 127 ? 16.689  3.859   -12.776 1.00 37.02 ? 220 LEU A CA  1 
ATOM   1005 C C   . LEU A 1 127 ? 17.164  2.488   -12.323 1.00 33.12 ? 220 LEU A C   1 
ATOM   1006 O O   . LEU A 1 127 ? 16.885  1.523   -12.981 1.00 32.56 ? 220 LEU A O   1 
ATOM   1007 C CB  . LEU A 1 127 ? 15.237  4.097   -12.294 1.00 40.65 ? 220 LEU A CB  1 
ATOM   1008 C CG  . LEU A 1 127 ? 14.696  5.532   -12.496 1.00 41.94 ? 220 LEU A CG  1 
ATOM   1009 C CD1 . LEU A 1 127 ? 13.189  5.539   -12.280 1.00 43.75 ? 220 LEU A CD1 1 
ATOM   1010 C CD2 . LEU A 1 127 ? 15.433  6.522   -11.581 1.00 41.68 ? 220 LEU A CD2 1 
ATOM   1011 N N   . ALA A 1 128 ? 17.816  2.434   -11.167 1.00 31.50 ? 221 ALA A N   1 
ATOM   1012 C CA  . ALA A 1 128 ? 18.259  1.200   -10.577 1.00 35.80 ? 221 ALA A CA  1 
ATOM   1013 C C   . ALA A 1 128 ? 17.022  0.466   -10.023 1.00 32.55 ? 221 ALA A C   1 
ATOM   1014 O O   . ALA A 1 128 ? 16.077  1.095   -9.579  1.00 32.82 ? 221 ALA A O   1 
ATOM   1015 C CB  . ALA A 1 128 ? 19.242  1.514   -9.463  1.00 37.16 ? 221 ALA A CB  1 
ATOM   1016 N N   . PRO A 1 129 ? 17.030  -0.860  -10.036 1.00 39.55 ? 222 PRO A N   1 
ATOM   1017 C CA  . PRO A 1 129 ? 15.950  -1.601  -9.355  1.00 37.69 ? 222 PRO A CA  1 
ATOM   1018 C C   . PRO A 1 129 ? 15.843  -1.288  -7.866  1.00 34.77 ? 222 PRO A C   1 
ATOM   1019 O O   . PRO A 1 129 ? 16.827  -0.835  -7.247  1.00 33.47 ? 222 PRO A O   1 
ATOM   1020 C CB  . PRO A 1 129 ? 16.293  -3.071  -9.611  1.00 40.81 ? 222 PRO A CB  1 
ATOM   1021 C CG  . PRO A 1 129 ? 17.720  -3.102  -10.023 1.00 45.73 ? 222 PRO A CG  1 
ATOM   1022 C CD  . PRO A 1 129 ? 18.011  -1.769  -10.675 1.00 43.34 ? 222 PRO A CD  1 
ATOM   1023 N N   . ASN A 1 130 ? 14.611  -1.414  -7.350  1.00 32.95 ? 223 ASN A N   1 
ATOM   1024 C CA  . ASN A 1 130 ? 14.288  -1.158  -5.954  1.00 31.65 ? 223 ASN A CA  1 
ATOM   1025 C C   . ASN A 1 130 ? 13.159  -2.036  -5.551  1.00 28.77 ? 223 ASN A C   1 
ATOM   1026 O O   . ASN A 1 130 ? 12.146  -2.012  -6.219  1.00 27.87 ? 223 ASN A O   1 
ATOM   1027 C CB  . ASN A 1 130 ? 13.868  0.280   -5.797  1.00 36.35 ? 223 ASN A CB  1 
ATOM   1028 C CG  . ASN A 1 130 ? 13.878  0.755   -4.342  1.00 37.77 ? 223 ASN A CG  1 
ATOM   1029 O OD1 . ASN A 1 130 ? 13.027  0.387   -3.522  1.00 33.41 ? 223 ASN A OD1 1 
ATOM   1030 N ND2 . ASN A 1 130 ? 14.828  1.619   -4.033  1.00 35.02 ? 223 ASN A ND2 1 
ATOM   1031 N N   . LYS A 1 131 ? 13.292  -2.727  -4.412  1.00 27.21 ? 224 LYS A N   1 
ATOM   1032 C CA  . LYS A 1 131 ? 12.248  -3.680  -3.971  1.00 28.22 ? 224 LYS A CA  1 
ATOM   1033 C C   . LYS A 1 131 ? 10.962  -3.002  -3.504  1.00 27.32 ? 224 LYS A C   1 
ATOM   1034 O O   . LYS A 1 131 ? 9.968   -3.675  -3.296  1.00 25.83 ? 224 LYS A O   1 
ATOM   1035 C CB  . LYS A 1 131 ? 12.748  -4.643  -2.881  1.00 29.63 ? 224 LYS A CB  1 
ATOM   1036 C CG  . LYS A 1 131 ? 13.260  -3.951  -1.610  1.00 29.71 ? 224 LYS A CG  1 
ATOM   1037 C CD  . LYS A 1 131 ? 13.663  -4.998  -0.639  1.00 33.80 ? 224 LYS A CD  1 
ATOM   1038 C CE  . LYS A 1 131 ? 14.070  -4.452  0.703   1.00 34.99 ? 224 LYS A CE  1 
ATOM   1039 N NZ  . LYS A 1 131 ? 14.377  -5.593  1.656   1.00 40.07 ? 224 LYS A NZ  1 
ATOM   1040 N N   . PHE A 1 132 ? 10.978  -1.678  -3.338  1.00 24.97 ? 225 PHE A N   1 
ATOM   1041 C CA  . PHE A 1 132 ? 9.756   -0.926  -2.953  1.00 27.41 ? 225 PHE A CA  1 
ATOM   1042 C C   . PHE A 1 132 ? 9.038   -0.210  -4.128  1.00 27.86 ? 225 PHE A C   1 
ATOM   1043 O O   . PHE A 1 132 ? 8.197   0.619   -3.894  1.00 25.79 ? 225 PHE A O   1 
ATOM   1044 C CB  . PHE A 1 132 ? 10.138  0.078   -1.884  1.00 25.11 ? 225 PHE A CB  1 
ATOM   1045 C CG  . PHE A 1 132 ? 10.693  -0.545  -0.631  1.00 24.56 ? 225 PHE A CG  1 
ATOM   1046 C CD1 . PHE A 1 132 ? 9.885   -1.320  0.203   1.00 24.39 ? 225 PHE A CD1 1 
ATOM   1047 C CD2 . PHE A 1 132 ? 12.032  -0.387  -0.291  1.00 28.83 ? 225 PHE A CD2 1 
ATOM   1048 C CE1 . PHE A 1 132 ? 10.370  -1.890  1.346   1.00 23.05 ? 225 PHE A CE1 1 
ATOM   1049 C CE2 . PHE A 1 132 ? 12.540  -0.945  0.876   1.00 27.58 ? 225 PHE A CE2 1 
ATOM   1050 C CZ  . PHE A 1 132 ? 11.704  -1.702  1.689   1.00 27.03 ? 225 PHE A CZ  1 
ATOM   1051 N N   . PHE A 1 133 ? 9.344   -0.606  -5.367  0.42 29.03 ? 226 PHE A N   1 
ATOM   1052 C CA  . PHE A 1 133 ? 8.753   -0.023  -6.591  0.42 30.77 ? 226 PHE A CA  1 
ATOM   1053 C C   . PHE A 1 133 ? 7.245   0.250   -6.524  0.42 29.53 ? 226 PHE A C   1 
ATOM   1054 O O   . PHE A 1 133 ? 6.824   1.363   -6.818  0.42 28.21 ? 226 PHE A O   1 
ATOM   1055 C CB  . PHE A 1 133 ? 9.081   -0.929  -7.796  0.42 31.86 ? 226 PHE A CB  1 
ATOM   1056 C CG  . PHE A 1 133 ? 8.446   -0.503  -9.103  0.42 32.42 ? 226 PHE A CG  1 
ATOM   1057 C CD1 . PHE A 1 133 ? 8.977   0.550   -9.849  0.42 35.23 ? 226 PHE A CD1 1 
ATOM   1058 C CD2 . PHE A 1 133 ? 7.353   -1.190  -9.617  0.42 33.35 ? 226 PHE A CD2 1 
ATOM   1059 C CE1 . PHE A 1 133 ? 8.405   0.929   -11.066 0.42 34.35 ? 226 PHE A CE1 1 
ATOM   1060 C CE2 . PHE A 1 133 ? 6.777   -0.820  -10.828 0.42 35.27 ? 226 PHE A CE2 1 
ATOM   1061 C CZ  . PHE A 1 133 ? 7.303   0.242   -11.556 0.42 33.71 ? 226 PHE A CZ  1 
ATOM   1062 N N   . MET A 1 134 ? 6.448   -0.749  -6.140  0.42 29.89 ? 227 MET A N   1 
ATOM   1063 C CA  . MET A 1 134 ? 4.984   -0.594  -6.100  0.42 30.49 ? 227 MET A CA  1 
ATOM   1064 C C   . MET A 1 134 ? 4.524   0.434   -5.058  0.42 29.30 ? 227 MET A C   1 
ATOM   1065 O O   . MET A 1 134 ? 3.526   1.119   -5.272  0.42 29.86 ? 227 MET A O   1 
ATOM   1066 C CB  . MET A 1 134 ? 4.262   -1.935  -5.843  0.42 33.09 ? 227 MET A CB  1 
ATOM   1067 C CG  . MET A 1 134 ? 4.160   -2.892  -7.033  0.42 35.05 ? 227 MET A CG  1 
ATOM   1068 S SD  . MET A 1 134 ? 3.573   -2.227  -8.618  0.42 36.82 ? 227 MET A SD  1 
ATOM   1069 C CE  . MET A 1 134 ? 1.995   -1.481  -8.192  0.42 34.80 ? 227 MET A CE  1 
ATOM   1070 N N   . ALA A 1 135 ? 5.240   0.536   -3.937  1.00 28.28 ? 228 ALA A N   1 
ATOM   1071 C CA  . ALA A 1 135 ? 4.931   1.539   -2.907  1.00 25.27 ? 228 ALA A CA  1 
ATOM   1072 C C   . ALA A 1 135 ? 5.354   2.954   -3.174  1.00 26.29 ? 228 ALA A C   1 
ATOM   1073 O O   . ALA A 1 135 ? 4.678   3.900   -2.732  1.00 23.62 ? 228 ALA A O   1 
ATOM   1074 C CB  . ALA A 1 135 ? 5.541   1.120   -1.570  1.00 24.03 ? 228 ALA A CB  1 
ATOM   1075 N N   . ILE A 1 136 ? 6.515   3.119   -3.820  1.00 25.27 ? 229 ILE A N   1 
ATOM   1076 C CA  . ILE A 1 136 ? 7.145   4.442   -4.032  1.00 24.20 ? 229 ILE A CA  1 
ATOM   1077 C C   . ILE A 1 136 ? 6.225   5.585   -4.365  1.00 25.31 ? 229 ILE A C   1 
ATOM   1078 O O   . ILE A 1 136 ? 6.299   6.617   -3.673  1.00 23.66 ? 229 ILE A O   1 
ATOM   1079 C CB  . ILE A 1 136 ? 8.347   4.305   -4.972  1.00 27.25 ? 229 ILE A CB  1 
ATOM   1080 C CG1 . ILE A 1 136 ? 9.496   3.753   -4.109  1.00 28.62 ? 229 ILE A CG1 1 
ATOM   1081 C CG2 . ILE A 1 136 ? 8.772   5.604   -5.655  1.00 29.54 ? 229 ILE A CG2 1 
ATOM   1082 C CD1 . ILE A 1 136 ? 10.661  3.156   -4.879  1.00 29.10 ? 229 ILE A CD1 1 
ATOM   1083 N N   . PRO A 1 137 ? 5.337   5.435   -5.377  1.00 27.76 ? 230 PRO A N   1 
ATOM   1084 C CA  . PRO A 1 137 ? 4.516   6.595   -5.777  1.00 26.76 ? 230 PRO A CA  1 
ATOM   1085 C C   . PRO A 1 137 ? 3.584   7.156   -4.730  1.00 27.36 ? 230 PRO A C   1 
ATOM   1086 O O   . PRO A 1 137 ? 3.165   8.307   -4.865  1.00 29.90 ? 230 PRO A O   1 
ATOM   1087 C CB  . PRO A 1 137 ? 3.689   6.072   -6.980  1.00 30.48 ? 230 PRO A CB  1 
ATOM   1088 C CG  . PRO A 1 137 ? 4.343   4.814   -7.424  1.00 30.16 ? 230 PRO A CG  1 
ATOM   1089 C CD  . PRO A 1 137 ? 5.094   4.255   -6.246  1.00 30.68 ? 230 PRO A CD  1 
ATOM   1090 N N   . PHE A 1 138 ? 3.241   6.367   -3.699  1.00 24.67 ? 231 PHE A N   1 
ATOM   1091 C CA  . PHE A 1 138 ? 2.359   6.829   -2.632  1.00 24.93 ? 231 PHE A CA  1 
ATOM   1092 C C   . PHE A 1 138 ? 3.088   7.463   -1.435  1.00 24.71 ? 231 PHE A C   1 
ATOM   1093 O O   . PHE A 1 138 ? 2.439   8.053   -0.601  1.00 24.20 ? 231 PHE A O   1 
ATOM   1094 C CB  . PHE A 1 138 ? 1.469   5.690   -2.080  1.00 24.38 ? 231 PHE A CB  1 
ATOM   1095 C CG  . PHE A 1 138 ? 0.597   5.027   -3.111  1.00 26.00 ? 231 PHE A CG  1 
ATOM   1096 C CD1 . PHE A 1 138 ? -0.720  5.457   -3.312  1.00 28.09 ? 231 PHE A CD1 1 
ATOM   1097 C CD2 . PHE A 1 138 ? 1.090   4.007   -3.923  1.00 25.68 ? 231 PHE A CD2 1 
ATOM   1098 C CE1 . PHE A 1 138 ? -1.530  4.865   -4.256  1.00 25.71 ? 231 PHE A CE1 1 
ATOM   1099 C CE2 . PHE A 1 138 ? 0.261   3.411   -4.873  1.00 28.25 ? 231 PHE A CE2 1 
ATOM   1100 C CZ  . PHE A 1 138 ? -1.048  3.844   -5.019  1.00 27.82 ? 231 PHE A CZ  1 
ATOM   1101 N N   . ILE A 1 139 ? 4.405   7.370   -1.353  1.00 25.29 ? 232 ILE A N   1 
ATOM   1102 C CA  . ILE A 1 139 ? 5.142   7.764   -0.109  1.00 26.91 ? 232 ILE A CA  1 
ATOM   1103 C C   . ILE A 1 139 ? 5.126   9.297   0.151   1.00 29.85 ? 232 ILE A C   1 
ATOM   1104 O O   . ILE A 1 139 ? 4.753   9.759   1.216   1.00 27.90 ? 232 ILE A O   1 
ATOM   1105 C CB  . ILE A 1 139 ? 6.566   7.218   -0.108  1.00 28.14 ? 232 ILE A CB  1 
ATOM   1106 C CG1 . ILE A 1 139 ? 6.575   5.686   -0.184  1.00 29.13 ? 232 ILE A CG1 1 
ATOM   1107 C CG2 . ILE A 1 139 ? 7.327   7.656   1.148   1.00 34.54 ? 232 ILE A CG2 1 
ATOM   1108 C CD1 . ILE A 1 139 ? 5.835   4.979   0.956   1.00 28.90 ? 232 ILE A CD1 1 
ATOM   1109 N N   . ARG A 1 140 ? 5.470   10.098  -0.841  1.00 33.65 ? 233 ARG A N   1 
ATOM   1110 C CA  . ARG A 1 140 ? 5.385   11.557  -0.707  1.00 32.66 ? 233 ARG A CA  1 
ATOM   1111 C C   . ARG A 1 140 ? 3.948   12.072  -0.479  1.00 29.47 ? 233 ARG A C   1 
ATOM   1112 O O   . ARG A 1 140 ? 3.714   12.878  0.438   1.00 30.07 ? 233 ARG A O   1 
ATOM   1113 C CB  . ARG A 1 140 ? 6.079   12.216  -1.909  1.00 38.88 ? 233 ARG A CB  1 
ATOM   1114 C CG  . ARG A 1 140 ? 6.038   13.724  -1.978  1.00 45.42 ? 233 ARG A CG  1 
ATOM   1115 C CD  . ARG A 1 140 ? 6.522   14.311  -0.682  1.00 58.99 ? 233 ARG A CD  1 
ATOM   1116 N NE  . ARG A 1 140 ? 7.803   13.730  -0.236  1.00 72.16 ? 233 ARG A NE  1 
ATOM   1117 C CZ  . ARG A 1 140 ? 8.328   13.895  0.984   1.00 78.33 ? 233 ARG A CZ  1 
ATOM   1118 N NH1 . ARG A 1 140 ? 7.705   14.627  1.925   1.00 83.64 ? 233 ARG A NH1 1 
ATOM   1119 N NH2 . ARG A 1 140 ? 9.500   13.341  1.263   1.00 78.62 ? 233 ARG A NH2 1 
ATOM   1120 N N   . PRO A 1 141 ? 2.970   11.612  -1.278  1.00 27.19 ? 234 PRO A N   1 
ATOM   1121 C CA  . PRO A 1 141 ? 1.626   12.036  -0.931  1.00 27.15 ? 234 PRO A CA  1 
ATOM   1122 C C   . PRO A 1 141 ? 1.157   11.583  0.465   1.00 26.52 ? 234 PRO A C   1 
ATOM   1123 O O   . PRO A 1 141 ? 0.406   12.311  1.134   1.00 27.47 ? 234 PRO A O   1 
ATOM   1124 C CB  . PRO A 1 141 ? 0.736   11.447  -2.043  1.00 27.08 ? 234 PRO A CB  1 
ATOM   1125 C CG  . PRO A 1 141 ? 1.629   11.053  -3.114  1.00 27.77 ? 234 PRO A CG  1 
ATOM   1126 C CD  . PRO A 1 141 ? 3.038   10.983  -2.604  1.00 27.53 ? 234 PRO A CD  1 
ATOM   1127 N N   . LEU A 1 142 ? 1.575   10.428  0.935   1.00 26.64 ? 235 LEU A N   1 
ATOM   1128 C CA  . LEU A 1 142 ? 1.203   10.020  2.337   1.00 27.35 ? 235 LEU A CA  1 
ATOM   1129 C C   . LEU A 1 142 ? 1.834   10.916  3.424   1.00 26.54 ? 235 LEU A C   1 
ATOM   1130 O O   . LEU A 1 142 ? 1.166   11.358  4.371   1.00 26.36 ? 235 LEU A O   1 
ATOM   1131 C CB  . LEU A 1 142 ? 1.582   8.558   2.597   1.00 27.03 ? 235 LEU A CB  1 
ATOM   1132 C CG  . LEU A 1 142 ? 1.427   8.078   4.054   1.00 28.09 ? 235 LEU A CG  1 
ATOM   1133 C CD1 . LEU A 1 142 ? -0.061  8.075   4.416   1.00 24.92 ? 235 LEU A CD1 1 
ATOM   1134 C CD2 . LEU A 1 142 ? 2.083   6.695   4.177   1.00 26.59 ? 235 LEU A CD2 1 
ATOM   1135 N N   . ARG A 1 143 ? 3.114   11.178  3.290   1.00 29.13 ? 236 ARG A N   1 
ATOM   1136 C CA  . ARG A 1 143 ? 3.804   12.136  4.191   1.00 31.88 ? 236 ARG A CA  1 
ATOM   1137 C C   . ARG A 1 143 ? 3.112   13.509  4.221   1.00 34.48 ? 236 ARG A C   1 
ATOM   1138 O O   . ARG A 1 143 ? 2.896   14.049  5.303   1.00 31.07 ? 236 ARG A O   1 
ATOM   1139 C CB  . ARG A 1 143 ? 5.264   12.290  3.821   1.00 30.56 ? 236 ARG A CB  1 
ATOM   1140 C CG  . ARG A 1 143 ? 6.110   11.030  4.079   1.00 33.00 ? 236 ARG A CG  1 
ATOM   1141 C CD  . ARG A 1 143 ? 7.534   11.214  3.566   1.00 37.54 ? 236 ARG A CD  1 
ATOM   1142 N NE  . ARG A 1 143 ? 8.390   10.035  3.784   1.00 40.77 ? 236 ARG A NE  1 
ATOM   1143 C CZ  . ARG A 1 143 ? 9.509   9.716   3.109   1.00 43.55 ? 236 ARG A CZ  1 
ATOM   1144 N NH1 . ARG A 1 143 ? 9.956   10.476  2.102   1.00 44.92 ? 236 ARG A NH1 1 
ATOM   1145 N NH2 . ARG A 1 143 ? 10.157  8.580   3.399   1.00 39.49 ? 236 ARG A NH2 1 
ATOM   1146 N N   . ASP A 1 144 ? 2.696   14.019  3.055   1.00 36.69 ? 237 ASP A N   1 
ATOM   1147 C CA  . ASP A 1 144 ? 2.020   15.332  2.963   1.00 39.17 ? 237 ASP A CA  1 
ATOM   1148 C C   . ASP A 1 144 ? 0.611   15.323  3.540   1.00 39.21 ? 237 ASP A C   1 
ATOM   1149 O O   . ASP A 1 144 ? 0.211   16.269  4.190   1.00 43.09 ? 237 ASP A O   1 
ATOM   1150 C CB  . ASP A 1 144 ? 1.955   15.849  1.507   1.00 40.53 ? 237 ASP A CB  1 
ATOM   1151 C CG  . ASP A 1 144 ? 3.343   16.246  0.946   1.00 45.05 ? 237 ASP A CG  1 
ATOM   1152 O OD1 . ASP A 1 144 ? 4.342   16.327  1.720   1.00 46.18 ? 237 ASP A OD1 1 
ATOM   1153 O OD2 . ASP A 1 144 ? 3.444   16.405  -0.295  1.00 49.14 ? 237 ASP A OD2 1 
ATOM   1154 N N   . TRP A 1 145 ? -0.152  14.274  3.254   1.00 34.58 ? 238 TRP A N   1 
ATOM   1155 C CA  . TRP A 1 145 ? -1.433  14.052  3.901   1.00 33.59 ? 238 TRP A CA  1 
ATOM   1156 C C   . TRP A 1 145 ? -1.299  13.863  5.451   1.00 33.05 ? 238 TRP A C   1 
ATOM   1157 O O   . TRP A 1 145 ? -2.088  14.450  6.201   1.00 34.16 ? 238 TRP A O   1 
ATOM   1158 C CB  . TRP A 1 145 ? -2.122  12.840  3.235   1.00 36.17 ? 238 TRP A CB  1 
ATOM   1159 C CG  . TRP A 1 145 ? -3.585  12.555  3.594   1.00 33.52 ? 238 TRP A CG  1 
ATOM   1160 C CD1 . TRP A 1 145 ? -4.683  12.731  2.772   1.00 35.82 ? 238 TRP A CD1 1 
ATOM   1161 C CD2 . TRP A 1 145 ? -4.083  11.952  4.810   1.00 33.27 ? 238 TRP A CD2 1 
ATOM   1162 N NE1 . TRP A 1 145 ? -5.829  12.291  3.411   1.00 40.54 ? 238 TRP A NE1 1 
ATOM   1163 C CE2 . TRP A 1 145 ? -5.487  11.810  4.660   1.00 36.64 ? 238 TRP A CE2 1 
ATOM   1164 C CE3 . TRP A 1 145 ? -3.479  11.497  5.989   1.00 31.53 ? 238 TRP A CE3 1 
ATOM   1165 C CZ2 . TRP A 1 145 ? -6.289  11.283  5.667   1.00 34.22 ? 238 TRP A CZ2 1 
ATOM   1166 C CZ3 . TRP A 1 145 ? -4.274  10.912  6.983   1.00 33.02 ? 238 TRP A CZ3 1 
ATOM   1167 C CH2 . TRP A 1 145 ? -5.662  10.850  6.832   1.00 36.36 ? 238 TRP A CH2 1 
ATOM   1168 N N   . LEU A 1 146 ? -0.321  13.105  5.962   1.00 30.03 ? 239 LEU A N   1 
ATOM   1169 C CA  . LEU A 1 146 ? -0.169  13.031  7.477   1.00 32.41 ? 239 LEU A CA  1 
ATOM   1170 C C   . LEU A 1 146 ? 0.172   14.397  8.114   1.00 37.95 ? 239 LEU A C   1 
ATOM   1171 O O   . LEU A 1 146 ? -0.318  14.714  9.204   1.00 35.56 ? 239 LEU A O   1 
ATOM   1172 C CB  . LEU A 1 146 ? 0.882   12.022  7.919   1.00 28.86 ? 239 LEU A CB  1 
ATOM   1173 C CG  . LEU A 1 146 ? 0.616   10.558  7.564   1.00 28.79 ? 239 LEU A CG  1 
ATOM   1174 C CD1 . LEU A 1 146 ? 1.841   9.662   7.817   1.00 27.42 ? 239 LEU A CD1 1 
ATOM   1175 C CD2 . LEU A 1 146 ? -0.619  10.116  8.365   1.00 30.20 ? 239 LEU A CD2 1 
ATOM   1176 N N   . SER A 1 147 ? 1.004   15.181  7.427   1.00 39.80 ? 240 SER A N   1 
ATOM   1177 C CA  . SER A 1 147 ? 1.336   16.557  7.839   1.00 45.09 ? 240 SER A CA  1 
ATOM   1178 C C   . SER A 1 147 ? 0.108   17.419  7.953   1.00 47.32 ? 240 SER A C   1 
ATOM   1179 O O   . SER A 1 147 ? -0.098  18.045  8.957   1.00 44.82 ? 240 SER A O   1 
ATOM   1180 C CB  . SER A 1 147 ? 2.254   17.240  6.824   1.00 48.35 ? 240 SER A CB  1 
ATOM   1181 O OG  . SER A 1 147 ? 3.569   16.781  7.004   1.00 61.49 ? 240 SER A OG  1 
ATOM   1182 N N   . ARG A 1 148 ? -0.703  17.470  6.904   1.00 46.89 ? 241 ARG A N   1 
ATOM   1183 C CA  . ARG A 1 148 ? -1.932  18.214  6.980   1.00 49.67 ? 241 ARG A CA  1 
ATOM   1184 C C   . ARG A 1 148 ? -2.966  17.744  8.067   1.00 56.82 ? 241 ARG A C   1 
ATOM   1185 O O   . ARG A 1 148 ? -3.479  18.587  8.824   1.00 65.78 ? 241 ARG A O   1 
ATOM   1186 C CB  . ARG A 1 148 ? -2.563  18.374  5.580   1.00 47.88 ? 241 ARG A CB  1 
ATOM   1187 C CG  . ARG A 1 148 ? -1.652  19.099  4.591   1.00 48.32 ? 241 ARG A CG  1 
ATOM   1188 N N   . ARG A 1 149 ? -3.246  16.442  8.134   0.50 56.07 ? 242 ARG A N   1 
ATOM   1189 C CA  . ARG A 1 149 ? -4.259  15.903  9.057   0.50 56.16 ? 242 ARG A CA  1 
ATOM   1190 C C   . ARG A 1 149 ? -3.839  15.828  10.531  0.50 58.23 ? 242 ARG A C   1 
ATOM   1191 O O   . ARG A 1 149 ? -4.705  15.881  11.405  0.50 63.39 ? 242 ARG A O   1 
ATOM   1192 C CB  . ARG A 1 149 ? -4.696  14.514  8.603   0.50 57.21 ? 242 ARG A CB  1 
ATOM   1193 C CG  . ARG A 1 149 ? -5.257  13.638  9.719   0.50 57.70 ? 242 ARG A CG  1 
ATOM   1194 C CD  . ARG A 1 149 ? -6.705  13.969  10.043  0.50 57.99 ? 242 ARG A CD  1 
ATOM   1195 N NE  . ARG A 1 149 ? -7.495  14.187  8.835   0.50 57.93 ? 242 ARG A NE  1 
ATOM   1196 C CZ  . ARG A 1 149 ? -8.387  13.332  8.361   0.50 57.56 ? 242 ARG A CZ  1 
ATOM   1197 N NH1 . ARG A 1 149 ? -9.051  13.621  7.250   0.50 60.51 ? 242 ARG A NH1 1 
ATOM   1198 N NH2 . ARG A 1 149 ? -8.616  12.191  8.992   0.50 57.32 ? 242 ARG A NH2 1 
ATOM   1199 N N   . PHE A 1 150 ? -2.539  15.698  10.810  1.00 57.01 ? 243 PHE A N   1 
ATOM   1200 C CA  . PHE A 1 150 ? -2.029  15.557  12.201  1.00 51.86 ? 243 PHE A CA  1 
ATOM   1201 C C   . PHE A 1 150 ? -0.917  16.503  12.659  1.00 65.90 ? 243 PHE A C   1 
ATOM   1202 O O   . PHE A 1 150 ? -0.666  16.599  13.870  1.00 68.93 ? 243 PHE A O   1 
ATOM   1203 C CB  . PHE A 1 150 ? -1.448  14.156  12.417  1.00 51.47 ? 243 PHE A CB  1 
ATOM   1204 C CG  . PHE A 1 150 ? -2.424  13.027  12.241  1.00 55.81 ? 243 PHE A CG  1 
ATOM   1205 C CD1 . PHE A 1 150 ? -3.300  12.675  13.266  1.00 59.49 ? 243 PHE A CD1 1 
ATOM   1206 C CD2 . PHE A 1 150 ? -2.423  12.251  11.095  1.00 51.73 ? 243 PHE A CD2 1 
ATOM   1207 C CE1 . PHE A 1 150 ? -4.184  11.610  13.132  1.00 56.95 ? 243 PHE A CE1 1 
ATOM   1208 C CE2 . PHE A 1 150 ? -3.310  11.178  10.957  1.00 53.00 ? 243 PHE A CE2 1 
ATOM   1209 C CZ  . PHE A 1 150 ? -4.195  10.862  11.967  1.00 57.56 ? 243 PHE A CZ  1 
ATOM   1210 N N   . GLY A 1 151 ? -0.178  17.119  11.737  1.00 72.51 ? 244 GLY A N   1 
ATOM   1211 C CA  . GLY A 1 151 ? 0.889   18.064  12.095  1.00 70.26 ? 244 GLY A CA  1 
ATOM   1212 C C   . GLY A 1 151 ? 2.039   17.441  12.861  1.00 73.04 ? 244 GLY A C   1 
ATOM   1213 O O   . GLY A 1 151 ? 2.916   18.154  13.356  1.00 83.31 ? 244 GLY A O   1 
HETATM 1214 C C1  . EDO B 2 .   ? -14.217 -8.552  3.813   1.00 64.36 ? 301 EDO A C1  1 
HETATM 1215 O O1  . EDO B 2 .   ? -14.048 -9.849  4.388   1.00 66.97 ? 301 EDO A O1  1 
HETATM 1216 C C2  . EDO B 2 .   ? -14.460 -7.576  4.964   1.00 63.77 ? 301 EDO A C2  1 
HETATM 1217 O O2  . EDO B 2 .   ? -15.600 -6.728  4.716   1.00 68.06 ? 301 EDO A O2  1 
HETATM 1218 C C1  . EDO C 2 .   ? 14.757  -5.707  -6.499  1.00 55.33 ? 302 EDO A C1  1 
HETATM 1219 O O1  . EDO C 2 .   ? 14.001  -4.929  -7.444  1.00 64.61 ? 302 EDO A O1  1 
HETATM 1220 C C2  . EDO C 2 .   ? 16.233  -5.315  -6.428  1.00 58.08 ? 302 EDO A C2  1 
HETATM 1221 O O2  . EDO C 2 .   ? 16.430  -4.290  -5.436  1.00 64.34 ? 302 EDO A O2  1 
HETATM 1222 S S   . DMS D 3 .   ? 8.959   -1.590  12.715  1.00 66.98 ? 303 DMS A S   1 
HETATM 1223 O O   . DMS D 3 .   ? 9.205   -1.263  11.299  1.00 66.78 ? 303 DMS A O   1 
HETATM 1224 C C1  . DMS D 3 .   ? 9.613   -3.134  13.084  1.00 59.08 ? 303 DMS A C1  1 
HETATM 1225 C C2  . DMS D 3 .   ? 9.873   -0.492  13.647  1.00 69.86 ? 303 DMS A C2  1 
HETATM 1226 C C   . ACT E 4 .   ? 12.050  -13.610 -7.299  1.00 60.71 ? 304 ACT A C   1 
HETATM 1227 O O   . ACT E 4 .   ? 11.833  -13.311 -6.117  1.00 68.88 ? 304 ACT A O   1 
HETATM 1228 O OXT . ACT E 4 .   ? 11.124  -13.576 -8.133  1.00 53.20 ? 304 ACT A OXT 1 
HETATM 1229 C CH3 . ACT E 4 .   ? 13.443  -14.054 -7.686  1.00 64.11 ? 304 ACT A CH3 1 
HETATM 1230 C C1  . PEG F 5 .   ? 2.256   -6.352  -4.124  1.00 64.94 ? 305 PEG A C1  1 
HETATM 1231 O O1  . PEG F 5 .   ? 3.264   -6.656  -3.154  1.00 63.36 ? 305 PEG A O1  1 
HETATM 1232 C C2  . PEG F 5 .   ? 1.181   -7.433  -4.163  1.00 63.25 ? 305 PEG A C2  1 
HETATM 1233 O O2  . PEG F 5 .   ? 0.093   -6.713  -4.731  1.00 77.62 ? 305 PEG A O2  1 
HETATM 1234 C C3  . PEG F 5 .   ? -1.206  -7.266  -4.600  1.00 78.98 ? 305 PEG A C3  1 
HETATM 1235 C C4  . PEG F 5 .   ? -1.998  -6.862  -5.845  1.00 84.72 ? 305 PEG A C4  1 
HETATM 1236 O O4  . PEG F 5 .   ? -3.157  -7.709  -6.056  1.00 78.09 ? 305 PEG A O4  1 
HETATM 1237 C C01 . JG4 G 6 .   ? 3.552   1.455   -11.862 0.42 36.27 ? 306 JG4 A C01 1 
HETATM 1238 C C02 . JG4 G 6 .   ? 4.632   2.394   -11.765 0.42 35.88 ? 306 JG4 A C02 1 
HETATM 1239 C C03 . JG4 G 6 .   ? 5.104   2.527   -10.501 0.42 35.27 ? 306 JG4 A C03 1 
HETATM 1240 S S04 . JG4 G 6 .   ? 4.231   1.529   -9.417  0.42 38.09 ? 306 JG4 A S04 1 
HETATM 1241 C C05 . JG4 G 6 .   ? 3.233   0.923   -10.663 0.42 36.95 ? 306 JG4 A C05 1 
HETATM 1242 C C06 . JG4 G 6 .   ? 6.155   3.423   -10.087 0.42 33.55 ? 306 JG4 A C06 1 
HETATM 1243 N N07 . JG4 G 6 .   ? 6.859   3.298   -8.923  0.42 32.54 ? 306 JG4 A N07 1 
HETATM 1244 C C08 . JG4 G 6 .   ? 7.840   4.284   -8.957  0.42 32.27 ? 306 JG4 A C08 1 
HETATM 1245 C C09 . JG4 G 6 .   ? 7.746   5.014   -10.121 0.42 31.69 ? 306 JG4 A C09 1 
HETATM 1246 N N10 . JG4 G 6 .   ? 6.693   4.455   -10.832 0.42 31.88 ? 306 JG4 A N10 1 
HETATM 1247 O O   . HOH H 7 .   ? 3.684   -18.058 0.390   1.00 48.27 ? 401 HOH A O   1 
HETATM 1248 O O   . HOH H 7 .   ? -17.713 2.893   -1.444  1.00 48.47 ? 402 HOH A O   1 
HETATM 1249 O O   . HOH H 7 .   ? 5.461   16.438  3.844   1.00 63.44 ? 403 HOH A O   1 
HETATM 1250 O O   . HOH H 7 .   ? -6.007  -10.661 -3.042  1.00 39.95 ? 404 HOH A O   1 
HETATM 1251 O O   . HOH H 7 .   ? 10.044  -11.935 3.139   1.00 53.52 ? 405 HOH A O   1 
HETATM 1252 O O   . HOH H 7 .   ? 1.806   -7.191  13.629  1.00 52.57 ? 406 HOH A O   1 
HETATM 1253 O O   . HOH H 7 .   ? -20.175 -3.972  -3.159  1.00 43.11 ? 407 HOH A O   1 
HETATM 1254 O O   . HOH H 7 .   ? -15.121 6.715   -0.333  1.00 49.16 ? 408 HOH A O   1 
HETATM 1255 O O   . HOH H 7 .   ? -16.926 -9.121  -5.067  1.00 55.38 ? 409 HOH A O   1 
HETATM 1256 O O   . HOH H 7 .   ? -19.064 -2.053  9.381   1.00 51.91 ? 410 HOH A O   1 
HETATM 1257 O O   . HOH H 7 .   ? 3.433   10.046  -6.753  1.00 32.93 ? 411 HOH A O   1 
HETATM 1258 O O   . HOH H 7 .   ? -14.618 1.512   -9.424  1.00 44.60 ? 412 HOH A O   1 
HETATM 1259 O O   . HOH H 7 .   ? 8.844   -12.565 -3.796  1.00 26.02 ? 413 HOH A O   1 
HETATM 1260 O O   . HOH H 7 .   ? 9.231   -14.906 -6.944  1.00 37.14 ? 414 HOH A O   1 
HETATM 1261 O O   . HOH H 7 .   ? -17.144 -7.303  -2.064  1.00 59.97 ? 415 HOH A O   1 
HETATM 1262 O O   . HOH H 7 .   ? 4.213   5.500   -18.949 1.00 45.56 ? 416 HOH A O   1 
HETATM 1263 O O   . HOH H 7 .   ? 4.918   9.768   10.454  1.00 47.04 ? 417 HOH A O   1 
HETATM 1264 O O   . HOH H 7 .   ? 6.405   9.274   -3.609  1.00 26.86 ? 418 HOH A O   1 
HETATM 1265 O O   . HOH H 7 .   ? 10.437  -4.515  8.039   1.00 47.70 ? 419 HOH A O   1 
HETATM 1266 O O   . HOH H 7 .   ? 2.676   14.938  -2.381  1.00 56.46 ? 420 HOH A O   1 
HETATM 1267 O O   . HOH H 7 .   ? 27.114  7.095   -21.747 1.00 30.98 ? 421 HOH A O   1 
HETATM 1268 O O   . HOH H 7 .   ? 4.338   10.199  14.636  1.00 50.35 ? 422 HOH A O   1 
HETATM 1269 O O   . HOH H 7 .   ? -10.018 -5.826  5.163   1.00 34.71 ? 423 HOH A O   1 
HETATM 1270 O O   . HOH H 7 .   ? 20.135  7.378   -14.667 1.00 38.54 ? 424 HOH A O   1 
HETATM 1271 O O   . HOH H 7 .   ? -1.230  14.038  -0.201  1.00 38.10 ? 425 HOH A O   1 
HETATM 1272 O O   . HOH H 7 .   ? -13.788 -4.114  10.455  1.00 41.38 ? 426 HOH A O   1 
HETATM 1273 O O   . HOH H 7 .   ? -10.804 -6.113  12.287  1.00 40.30 ? 427 HOH A O   1 
HETATM 1274 O O   . HOH H 7 .   ? -2.034  8.249   -16.458 1.00 42.84 ? 428 HOH A O   1 
HETATM 1275 O O   . HOH H 7 .   ? -9.556  5.145   9.536   1.00 23.52 ? 429 HOH A O   1 
HETATM 1276 O O   . HOH H 7 .   ? 0.815   -2.989  -4.314  1.00 33.70 ? 430 HOH A O   1 
HETATM 1277 O O   . HOH H 7 .   ? 7.628   -3.266  -5.174  1.00 26.43 ? 431 HOH A O   1 
HETATM 1278 O O   . HOH H 7 .   ? 10.661  7.316   17.776  1.00 45.29 ? 432 HOH A O   1 
HETATM 1279 O O   . HOH H 7 .   ? -1.231  -1.100  4.319   1.00 21.55 ? 433 HOH A O   1 
HETATM 1280 O O   . HOH H 7 .   ? -15.712 -1.945  3.426   1.00 48.16 ? 434 HOH A O   1 
HETATM 1281 O O   . HOH H 7 .   ? 19.494  -1.559  -6.954  1.00 54.91 ? 435 HOH A O   1 
HETATM 1282 O O   . HOH H 7 .   ? -2.452  -9.525  19.033  1.00 66.78 ? 436 HOH A O   1 
HETATM 1283 O O   . HOH H 7 .   ? 16.123  5.846   -3.531  1.00 51.13 ? 437 HOH A O   1 
HETATM 1284 O O   . HOH H 7 .   ? -5.741  12.444  -1.071  1.00 50.36 ? 438 HOH A O   1 
HETATM 1285 O O   . HOH H 7 .   ? -8.372  12.458  1.477   1.00 47.54 ? 439 HOH A O   1 
HETATM 1286 O O   . HOH H 7 .   ? 16.575  4.015   4.343   1.00 54.20 ? 440 HOH A O   1 
HETATM 1287 O O   . HOH H 7 .   ? -10.030 5.420   5.289   1.00 24.56 ? 441 HOH A O   1 
HETATM 1288 O O   . HOH H 7 .   ? 8.832   6.813   10.251  1.00 32.03 ? 442 HOH A O   1 
HETATM 1289 O O   . HOH H 7 .   ? -16.220 2.225   8.589   1.00 57.18 ? 443 HOH A O   1 
HETATM 1290 O O   . HOH H 7 .   ? -9.670  -8.431  11.590  1.00 37.07 ? 444 HOH A O   1 
HETATM 1291 O O   . HOH H 7 .   ? -16.328 -9.297  -11.400 1.00 56.93 ? 445 HOH A O   1 
HETATM 1292 O O   . HOH H 7 .   ? -15.771 -6.608  1.371   1.00 40.43 ? 446 HOH A O   1 
HETATM 1293 O O   . HOH H 7 .   ? -3.061  11.704  -4.576  1.00 62.86 ? 447 HOH A O   1 
HETATM 1294 O O   . HOH H 7 .   ? 16.080  -2.670  -3.090  1.00 41.12 ? 448 HOH A O   1 
HETATM 1295 O O   . HOH H 7 .   ? -8.944  2.677   -13.722 1.00 52.01 ? 449 HOH A O   1 
HETATM 1296 O O   . HOH H 7 .   ? 12.292  -9.328  4.839   1.00 49.12 ? 450 HOH A O   1 
HETATM 1297 O O   . HOH H 7 .   ? -8.500  7.676   8.499   1.00 38.47 ? 451 HOH A O   1 
HETATM 1298 O O   . HOH H 7 .   ? 11.837  -0.048  8.427   1.00 26.50 ? 452 HOH A O   1 
HETATM 1299 O O   . HOH H 7 .   ? 12.798  -8.011  1.339   1.00 33.45 ? 453 HOH A O   1 
HETATM 1300 O O   . HOH H 7 .   ? -16.890 7.040   6.405   1.00 41.69 ? 454 HOH A O   1 
HETATM 1301 O O   . HOH H 7 .   ? 8.615   8.679   -7.224  1.00 65.08 ? 455 HOH A O   1 
HETATM 1302 O O   . HOH H 7 .   ? -18.763 -4.988  14.090  1.00 57.28 ? 456 HOH A O   1 
HETATM 1303 O O   . HOH H 7 .   ? 14.779  2.480   -15.900 1.00 47.12 ? 457 HOH A O   1 
HETATM 1304 O O   . HOH H 7 .   ? 11.735  -8.386  -2.702  1.00 55.99 ? 458 HOH A O   1 
HETATM 1305 O O   . HOH H 7 .   ? 8.303   4.376   19.025  1.00 54.25 ? 459 HOH A O   1 
HETATM 1306 O O   . HOH H 7 .   ? -5.725  11.590  -3.509  1.00 45.06 ? 460 HOH A O   1 
HETATM 1307 O O   . HOH H 7 .   ? 1.402   -0.480  -3.718  1.00 30.39 ? 461 HOH A O   1 
HETATM 1308 O O   . HOH H 7 .   ? 6.960   -6.509  10.882  1.00 34.59 ? 462 HOH A O   1 
HETATM 1309 O O   . HOH H 7 .   ? -16.812 -0.540  5.016   1.00 52.99 ? 463 HOH A O   1 
HETATM 1310 O O   . HOH H 7 .   ? -17.095 -4.211  3.372   1.00 55.69 ? 464 HOH A O   1 
HETATM 1311 O O   . HOH H 7 .   ? -4.254  -10.136 16.591  1.00 53.46 ? 465 HOH A O   1 
HETATM 1312 O O   . HOH H 7 .   ? 19.832  8.874   -7.394  1.00 66.86 ? 466 HOH A O   1 
HETATM 1313 O O   . HOH H 7 .   ? -1.852  10.864  -10.428 1.00 40.19 ? 467 HOH A O   1 
HETATM 1314 O O   . HOH H 7 .   ? -6.074  -7.924  -8.633  1.00 47.84 ? 468 HOH A O   1 
HETATM 1315 O O   . HOH H 7 .   ? -3.783  -12.166 -3.260  1.00 50.64 ? 469 HOH A O   1 
HETATM 1316 O O   . HOH H 7 .   ? 17.990  11.965  -3.030  1.00 62.60 ? 470 HOH A O   1 
HETATM 1317 O O   . HOH H 7 .   ? 15.466  1.599   -0.566  1.00 39.50 ? 471 HOH A O   1 
HETATM 1318 O O   . HOH H 7 .   ? 11.848  -2.074  -9.830  0.42 30.10 ? 472 HOH A O   1 
HETATM 1319 O O   . HOH H 7 .   ? -9.694  12.859  -0.798  1.00 67.93 ? 473 HOH A O   1 
HETATM 1320 O O   . HOH H 7 .   ? 0.181   15.483  -2.318  1.00 55.70 ? 474 HOH A O   1 
HETATM 1321 O O   . HOH H 7 .   ? -7.454  -9.632  12.859  1.00 55.79 ? 475 HOH A O   1 
HETATM 1322 O O   . HOH H 7 .   ? 13.771  0.049   4.499   1.00 45.34 ? 476 HOH A O   1 
HETATM 1323 O O   . HOH H 7 .   ? -11.735 -10.578 11.157  1.00 49.52 ? 477 HOH A O   1 
HETATM 1324 O O   . HOH H 7 .   ? -2.992  13.080  -1.718  1.00 50.05 ? 478 HOH A O   1 
# 
